data_8QK0
# 
_entry.id   8QK0 
# 
_audit_conform.dict_name       mmcif_pdbx.dic 
_audit_conform.dict_version    5.398 
_audit_conform.dict_location   http://mmcif.pdb.org/dictionaries/ascii/mmcif_pdbx.dic 
# 
loop_
_database_2.database_id 
_database_2.database_code 
_database_2.pdbx_database_accession 
_database_2.pdbx_DOI 
PDB   8QK0         pdb_00008qk0 10.2210/pdb8qk0/pdb 
WWPDB D_1292133378 ?            ?                   
# 
_pdbx_audit_revision_history.ordinal             1 
_pdbx_audit_revision_history.data_content_type   'Structure model' 
_pdbx_audit_revision_history.major_revision      1 
_pdbx_audit_revision_history.minor_revision      0 
_pdbx_audit_revision_history.revision_date       2024-11-06 
# 
_pdbx_audit_revision_details.ordinal             1 
_pdbx_audit_revision_details.revision_ordinal    1 
_pdbx_audit_revision_details.data_content_type   'Structure model' 
_pdbx_audit_revision_details.provider            repository 
_pdbx_audit_revision_details.type                'Initial release' 
_pdbx_audit_revision_details.description         ? 
_pdbx_audit_revision_details.details             ? 
# 
_pdbx_database_status.status_code                     REL 
_pdbx_database_status.status_code_sf                  REL 
_pdbx_database_status.status_code_mr                  ? 
_pdbx_database_status.entry_id                        8QK0 
_pdbx_database_status.recvd_initial_deposition_date   2023-09-14 
_pdbx_database_status.SG_entry                        N 
_pdbx_database_status.deposit_site                    PDBE 
_pdbx_database_status.process_site                    PDBE 
_pdbx_database_status.status_code_cs                  ? 
_pdbx_database_status.status_code_nmr_data            ? 
_pdbx_database_status.methods_development_category    ? 
_pdbx_database_status.pdb_format_compatible           Y 
# 
loop_
_pdbx_database_related.db_name 
_pdbx_database_related.details 
_pdbx_database_related.db_id 
_pdbx_database_related.content_type 
PDB '8QJG contains a different domain from the same proteinn' 8QJG unspecified 
PDB '8QJ6 contains a different domain from the same protein'  8QJ6 unspecified 
# 
_pdbx_contact_author.id                 3 
_pdbx_contact_author.email              Tom.Clarke@uea.ac.uk 
_pdbx_contact_author.name_first         Thomas 
_pdbx_contact_author.name_last          Clarke 
_pdbx_contact_author.name_mi            A. 
_pdbx_contact_author.role               'principal investigator/group leader' 
_pdbx_contact_author.identifier_ORCID   0000-0002-6234-1914 
# 
loop_
_audit_author.name 
_audit_author.pdbx_ordinal 
_audit_author.identifier_ORCID 
'Nash, B.W.'    1 0009-0002-6771-3921 
'Edwards, M.J.' 2 0000-0002-0243-3788 
'Clarke, T.A.'  3 0000-0002-6234-1914 
# 
_citation.abstract                  ? 
_citation.abstract_id_CAS           ? 
_citation.book_id_ISBN              ? 
_citation.book_publisher            ? 
_citation.book_publisher_city       ? 
_citation.book_title                ? 
_citation.coordinate_linkage        ? 
_citation.country                   US 
_citation.database_id_Medline       ? 
_citation.details                   ? 
_citation.id                        primary 
_citation.journal_abbrev            'Protein Sci.' 
_citation.journal_id_ASTM           PRCIEI 
_citation.journal_id_CSD            0795 
_citation.journal_id_ISSN           1469-896X 
_citation.journal_full              ? 
_citation.journal_issue             ? 
_citation.journal_volume            33 
_citation.language                  ? 
_citation.page_first                e5200 
_citation.page_last                 e5200 
_citation.title                     
'Tethered heme domains in a triheme cytochrome allow for increased electron transport distances.' 
_citation.year                      2024 
_citation.database_id_CSD           ? 
_citation.pdbx_database_id_DOI      10.1002/pro.5200 
_citation.pdbx_database_id_PubMed   39470321 
_citation.pdbx_database_id_patent   ? 
_citation.unpublished_flag          ? 
# 
loop_
_citation_author.citation_id 
_citation_author.name 
_citation_author.ordinal 
_citation_author.identifier_ORCID 
primary 'Nash, B.W.'         1  ?                   
primary 'Fernandes, T.M.'    2  ?                   
primary 'Burton, J.A.J.'     3  ?                   
primary 'Morgado, L.'        4  ?                   
primary 'van Wonderen, J.H.' 5  ?                   
primary 'Svistunenko, D.A.'  6  ?                   
primary 'Edwards, M.J.'      7  ?                   
primary 'Salgueiro, C.A.'    8  ?                   
primary 'Butt, J.N.'         9  ?                   
primary 'Clarke, T.A.'       10 0000-0002-6234-1914 
# 
loop_
_entity.id 
_entity.type 
_entity.src_method 
_entity.pdbx_description 
_entity.formula_weight 
_entity.pdbx_number_of_molecules 
_entity.pdbx_ec 
_entity.pdbx_mutation 
_entity.pdbx_fragment 
_entity.details 
1 polymer     man 'Lipoprotein cytochrome c' 10666.068 2   ? ? ? ? 
2 non-polymer syn 'HEME C'                   618.503   2   ? ? ? ? 
3 non-polymer syn 'SODIUM ION'               22.990    4   ? ? ? ? 
4 non-polymer syn GLYCEROL                   92.094    1   ? ? ? ? 
5 water       nat water                      18.015    179 ? ? ? ? 
# 
_entity_poly.entity_id                      1 
_entity_poly.type                           'polypeptide(L)' 
_entity_poly.nstd_linkage                   no 
_entity_poly.nstd_monomer                   no 
_entity_poly.pdbx_seq_one_letter_code       
;MKFKLNLITLALLANTGLAVAADGVDPGKTVYDSRCASCHRLGTYDASGSAPNLSRAGTKIDGKFTAGVSGHKGITLTAA
DLANLKTFVNANGSGWSHPQFEK
;
_entity_poly.pdbx_seq_one_letter_code_can   
;MKFKLNLITLALLANTGLAVAADGVDPGKTVYDSRCASCHRLGTYDASGSAPNLSRAGTKIDGKFTAGVSGHKGITLTAA
DLANLKTFVNANGSGWSHPQFEK
;
_entity_poly.pdbx_strand_id                 A,C 
_entity_poly.pdbx_target_identifier         ? 
# 
loop_
_pdbx_entity_nonpoly.entity_id 
_pdbx_entity_nonpoly.name 
_pdbx_entity_nonpoly.comp_id 
2 'HEME C'     HEC 
3 'SODIUM ION' NA  
4 GLYCEROL     GOL 
5 water        HOH 
# 
loop_
_entity_poly_seq.entity_id 
_entity_poly_seq.num 
_entity_poly_seq.mon_id 
_entity_poly_seq.hetero 
1 1   MET n 
1 2   LYS n 
1 3   PHE n 
1 4   LYS n 
1 5   LEU n 
1 6   ASN n 
1 7   LEU n 
1 8   ILE n 
1 9   THR n 
1 10  LEU n 
1 11  ALA n 
1 12  LEU n 
1 13  LEU n 
1 14  ALA n 
1 15  ASN n 
1 16  THR n 
1 17  GLY n 
1 18  LEU n 
1 19  ALA n 
1 20  VAL n 
1 21  ALA n 
1 22  ALA n 
1 23  ASP n 
1 24  GLY n 
1 25  VAL n 
1 26  ASP n 
1 27  PRO n 
1 28  GLY n 
1 29  LYS n 
1 30  THR n 
1 31  VAL n 
1 32  TYR n 
1 33  ASP n 
1 34  SER n 
1 35  ARG n 
1 36  CYS n 
1 37  ALA n 
1 38  SER n 
1 39  CYS n 
1 40  HIS n 
1 41  ARG n 
1 42  LEU n 
1 43  GLY n 
1 44  THR n 
1 45  TYR n 
1 46  ASP n 
1 47  ALA n 
1 48  SER n 
1 49  GLY n 
1 50  SER n 
1 51  ALA n 
1 52  PRO n 
1 53  ASN n 
1 54  LEU n 
1 55  SER n 
1 56  ARG n 
1 57  ALA n 
1 58  GLY n 
1 59  THR n 
1 60  LYS n 
1 61  ILE n 
1 62  ASP n 
1 63  GLY n 
1 64  LYS n 
1 65  PHE n 
1 66  THR n 
1 67  ALA n 
1 68  GLY n 
1 69  VAL n 
1 70  SER n 
1 71  GLY n 
1 72  HIS n 
1 73  LYS n 
1 74  GLY n 
1 75  ILE n 
1 76  THR n 
1 77  LEU n 
1 78  THR n 
1 79  ALA n 
1 80  ALA n 
1 81  ASP n 
1 82  LEU n 
1 83  ALA n 
1 84  ASN n 
1 85  LEU n 
1 86  LYS n 
1 87  THR n 
1 88  PHE n 
1 89  VAL n 
1 90  ASN n 
1 91  ALA n 
1 92  ASN n 
1 93  GLY n 
1 94  SER n 
1 95  GLY n 
1 96  TRP n 
1 97  SER n 
1 98  HIS n 
1 99  PRO n 
1 100 GLN n 
1 101 PHE n 
1 102 GLU n 
1 103 LYS n 
# 
_entity_src_gen.entity_id                          1 
_entity_src_gen.pdbx_src_id                        1 
_entity_src_gen.pdbx_alt_source_flag               sample 
_entity_src_gen.pdbx_seq_type                      'Biological sequence' 
_entity_src_gen.pdbx_beg_seq_num                   1 
_entity_src_gen.pdbx_end_seq_num                   103 
_entity_src_gen.gene_src_common_name               ? 
_entity_src_gen.gene_src_genus                     ? 
_entity_src_gen.pdbx_gene_src_gene                 pgcA 
_entity_src_gen.gene_src_species                   ? 
_entity_src_gen.gene_src_strain                    PCA 
_entity_src_gen.gene_src_tissue                    ? 
_entity_src_gen.gene_src_tissue_fraction           ? 
_entity_src_gen.gene_src_details                   ? 
_entity_src_gen.pdbx_gene_src_fragment             ? 
_entity_src_gen.pdbx_gene_src_scientific_name      'Geobacter sulfurreducens PCA' 
_entity_src_gen.pdbx_gene_src_ncbi_taxonomy_id     243231 
_entity_src_gen.pdbx_gene_src_variant              ? 
_entity_src_gen.pdbx_gene_src_cell_line            ? 
_entity_src_gen.pdbx_gene_src_atcc                 51573 
_entity_src_gen.pdbx_gene_src_organ                ? 
_entity_src_gen.pdbx_gene_src_organelle            ? 
_entity_src_gen.pdbx_gene_src_cell                 ? 
_entity_src_gen.pdbx_gene_src_cellular_location    ? 
_entity_src_gen.host_org_common_name               ? 
_entity_src_gen.pdbx_host_org_scientific_name      'Shewanella oneidensis MR-1' 
_entity_src_gen.pdbx_host_org_ncbi_taxonomy_id     211586 
_entity_src_gen.host_org_genus                     ? 
_entity_src_gen.pdbx_host_org_gene                 ? 
_entity_src_gen.pdbx_host_org_organ                ? 
_entity_src_gen.host_org_species                   ? 
_entity_src_gen.pdbx_host_org_tissue               ? 
_entity_src_gen.pdbx_host_org_tissue_fraction      ? 
_entity_src_gen.pdbx_host_org_strain               LS527 
_entity_src_gen.pdbx_host_org_variant              ? 
_entity_src_gen.pdbx_host_org_cell_line            ? 
_entity_src_gen.pdbx_host_org_atcc                 700550 
_entity_src_gen.pdbx_host_org_culture_collection   ? 
_entity_src_gen.pdbx_host_org_cell                 ? 
_entity_src_gen.pdbx_host_org_organelle            ? 
_entity_src_gen.pdbx_host_org_cellular_location    ? 
_entity_src_gen.pdbx_host_org_vector_type          ? 
_entity_src_gen.pdbx_host_org_vector               ? 
_entity_src_gen.host_org_details                   ? 
_entity_src_gen.expression_system_id               ? 
_entity_src_gen.plasmid_name                       ? 
_entity_src_gen.plasmid_details                    ? 
_entity_src_gen.pdbx_description                   ? 
# 
loop_
_chem_comp.id 
_chem_comp.type 
_chem_comp.mon_nstd_flag 
_chem_comp.name 
_chem_comp.pdbx_synonyms 
_chem_comp.formula 
_chem_comp.formula_weight 
ALA 'L-peptide linking' y ALANINE         ?                               'C3 H7 N O2'       89.093  
ARG 'L-peptide linking' y ARGININE        ?                               'C6 H15 N4 O2 1'   175.209 
ASN 'L-peptide linking' y ASPARAGINE      ?                               'C4 H8 N2 O3'      132.118 
ASP 'L-peptide linking' y 'ASPARTIC ACID' ?                               'C4 H7 N O4'       133.103 
CYS 'L-peptide linking' y CYSTEINE        ?                               'C3 H7 N O2 S'     121.158 
GLN 'L-peptide linking' y GLUTAMINE       ?                               'C5 H10 N2 O3'     146.144 
GLU 'L-peptide linking' y 'GLUTAMIC ACID' ?                               'C5 H9 N O4'       147.129 
GLY 'peptide linking'   y GLYCINE         ?                               'C2 H5 N O2'       75.067  
GOL non-polymer         . GLYCEROL        'GLYCERIN; PROPANE-1,2,3-TRIOL' 'C3 H8 O3'         92.094  
HEC non-polymer         . 'HEME C'        ?                               'C34 H34 Fe N4 O4' 618.503 
HIS 'L-peptide linking' y HISTIDINE       ?                               'C6 H10 N3 O2 1'   156.162 
HOH non-polymer         . WATER           ?                               'H2 O'             18.015  
ILE 'L-peptide linking' y ISOLEUCINE      ?                               'C6 H13 N O2'      131.173 
LEU 'L-peptide linking' y LEUCINE         ?                               'C6 H13 N O2'      131.173 
LYS 'L-peptide linking' y LYSINE          ?                               'C6 H15 N2 O2 1'   147.195 
MET 'L-peptide linking' y METHIONINE      ?                               'C5 H11 N O2 S'    149.211 
NA  non-polymer         . 'SODIUM ION'    ?                               'Na 1'             22.990  
PHE 'L-peptide linking' y PHENYLALANINE   ?                               'C9 H11 N O2'      165.189 
PRO 'L-peptide linking' y PROLINE         ?                               'C5 H9 N O2'       115.130 
SER 'L-peptide linking' y SERINE          ?                               'C3 H7 N O3'       105.093 
THR 'L-peptide linking' y THREONINE       ?                               'C4 H9 N O3'       119.119 
TRP 'L-peptide linking' y TRYPTOPHAN      ?                               'C11 H12 N2 O2'    204.225 
TYR 'L-peptide linking' y TYROSINE        ?                               'C9 H11 N O3'      181.189 
VAL 'L-peptide linking' y VALINE          ?                               'C5 H11 N O2'      117.146 
# 
loop_
_pdbx_poly_seq_scheme.asym_id 
_pdbx_poly_seq_scheme.entity_id 
_pdbx_poly_seq_scheme.seq_id 
_pdbx_poly_seq_scheme.mon_id 
_pdbx_poly_seq_scheme.ndb_seq_num 
_pdbx_poly_seq_scheme.pdb_seq_num 
_pdbx_poly_seq_scheme.auth_seq_num 
_pdbx_poly_seq_scheme.pdb_mon_id 
_pdbx_poly_seq_scheme.auth_mon_id 
_pdbx_poly_seq_scheme.pdb_strand_id 
_pdbx_poly_seq_scheme.pdb_ins_code 
_pdbx_poly_seq_scheme.hetero 
A 1 1   MET 1   -20 ?  ?   ?   A . n 
A 1 2   LYS 2   -19 ?  ?   ?   A . n 
A 1 3   PHE 3   -18 ?  ?   ?   A . n 
A 1 4   LYS 4   -17 ?  ?   ?   A . n 
A 1 5   LEU 5   -16 ?  ?   ?   A . n 
A 1 6   ASN 6   -15 ?  ?   ?   A . n 
A 1 7   LEU 7   -14 ?  ?   ?   A . n 
A 1 8   ILE 8   -13 ?  ?   ?   A . n 
A 1 9   THR 9   -12 ?  ?   ?   A . n 
A 1 10  LEU 10  -11 ?  ?   ?   A . n 
A 1 11  ALA 11  -10 ?  ?   ?   A . n 
A 1 12  LEU 12  -9  ?  ?   ?   A . n 
A 1 13  LEU 13  -8  ?  ?   ?   A . n 
A 1 14  ALA 14  -7  ?  ?   ?   A . n 
A 1 15  ASN 15  -6  ?  ?   ?   A . n 
A 1 16  THR 16  -5  ?  ?   ?   A . n 
A 1 17  GLY 17  -4  ?  ?   ?   A . n 
A 1 18  LEU 18  -3  ?  ?   ?   A . n 
A 1 19  ALA 19  -2  ?  ?   ?   A . n 
A 1 20  VAL 20  -1  ?  ?   ?   A . n 
A 1 21  ALA 21  0   ?  ?   ?   A . n 
A 1 22  ALA 22  1   ?  ?   ?   A . n 
A 1 23  ASP 23  2   ?  ?   ?   A . n 
A 1 24  GLY 24  3   3  GLY GLY A . n 
A 1 25  VAL 25  4   4  VAL VAL A . n 
A 1 26  ASP 26  5   5  ASP ASP A . n 
A 1 27  PRO 27  6   6  PRO PRO A . n 
A 1 28  GLY 28  7   7  GLY GLY A . n 
A 1 29  LYS 29  8   8  LYS LYS A . n 
A 1 30  THR 30  9   9  THR THR A . n 
A 1 31  VAL 31  10  10 VAL VAL A . n 
A 1 32  TYR 32  11  11 TYR TYR A . n 
A 1 33  ASP 33  12  12 ASP ASP A . n 
A 1 34  SER 34  13  13 SER SER A . n 
A 1 35  ARG 35  14  14 ARG ARG A . n 
A 1 36  CYS 36  15  15 CYS CYS A . n 
A 1 37  ALA 37  16  16 ALA ALA A . n 
A 1 38  SER 38  17  17 SER SER A . n 
A 1 39  CYS 39  18  18 CYS CYS A . n 
A 1 40  HIS 40  19  19 HIS HIS A . n 
A 1 41  ARG 41  20  20 ARG ARG A . n 
A 1 42  LEU 42  21  21 LEU LEU A . n 
A 1 43  GLY 43  22  22 GLY GLY A . n 
A 1 44  THR 44  23  23 THR THR A . n 
A 1 45  TYR 45  24  24 TYR TYR A . n 
A 1 46  ASP 46  25  25 ASP ASP A . n 
A 1 47  ALA 47  26  26 ALA ALA A . n 
A 1 48  SER 48  27  27 SER SER A . n 
A 1 49  GLY 49  28  28 GLY GLY A . n 
A 1 50  SER 50  29  29 SER SER A . n 
A 1 51  ALA 51  30  30 ALA ALA A . n 
A 1 52  PRO 52  31  31 PRO PRO A . n 
A 1 53  ASN 53  32  32 ASN ASN A . n 
A 1 54  LEU 54  33  33 LEU LEU A . n 
A 1 55  SER 55  34  34 SER SER A . n 
A 1 56  ARG 56  35  35 ARG ARG A . n 
A 1 57  ALA 57  36  36 ALA ALA A . n 
A 1 58  GLY 58  37  37 GLY GLY A . n 
A 1 59  THR 59  38  38 THR THR A . n 
A 1 60  LYS 60  39  39 LYS LYS A . n 
A 1 61  ILE 61  40  40 ILE ILE A . n 
A 1 62  ASP 62  41  41 ASP ASP A . n 
A 1 63  GLY 63  42  42 GLY GLY A . n 
A 1 64  LYS 64  43  43 LYS LYS A . n 
A 1 65  PHE 65  44  44 PHE PHE A . n 
A 1 66  THR 66  45  45 THR THR A . n 
A 1 67  ALA 67  46  46 ALA ALA A . n 
A 1 68  GLY 68  47  47 GLY GLY A . n 
A 1 69  VAL 69  48  48 VAL VAL A . n 
A 1 70  SER 70  49  49 SER SER A . n 
A 1 71  GLY 71  50  50 GLY GLY A . n 
A 1 72  HIS 72  51  51 HIS HIS A . n 
A 1 73  LYS 73  52  52 LYS LYS A . n 
A 1 74  GLY 74  53  53 GLY GLY A . n 
A 1 75  ILE 75  54  54 ILE ILE A . n 
A 1 76  THR 76  55  55 THR THR A . n 
A 1 77  LEU 77  56  56 LEU LEU A . n 
A 1 78  THR 78  57  57 THR THR A . n 
A 1 79  ALA 79  58  58 ALA ALA A . n 
A 1 80  ALA 80  59  59 ALA ALA A . n 
A 1 81  ASP 81  60  60 ASP ASP A . n 
A 1 82  LEU 82  61  61 LEU LEU A . n 
A 1 83  ALA 83  62  62 ALA ALA A . n 
A 1 84  ASN 84  63  63 ASN ASN A . n 
A 1 85  LEU 85  64  64 LEU LEU A . n 
A 1 86  LYS 86  65  65 LYS LYS A . n 
A 1 87  THR 87  66  66 THR THR A . n 
A 1 88  PHE 88  67  67 PHE PHE A . n 
A 1 89  VAL 89  68  68 VAL VAL A . n 
A 1 90  ASN 90  69  69 ASN ASN A . n 
A 1 91  ALA 91  70  70 ALA ALA A . n 
A 1 92  ASN 92  71  71 ASN ASN A . n 
A 1 93  GLY 93  72  72 GLY GLY A . n 
A 1 94  SER 94  73  ?  ?   ?   A . n 
A 1 95  GLY 95  74  ?  ?   ?   A . n 
A 1 96  TRP 96  75  ?  ?   ?   A . n 
A 1 97  SER 97  76  76 SER SER A . n 
A 1 98  HIS 98  77  77 HIS HIS A . n 
A 1 99  PRO 99  78  78 PRO PRO A . n 
A 1 100 GLN 100 79  79 GLN GLN A . n 
A 1 101 PHE 101 80  80 PHE PHE A . n 
A 1 102 GLU 102 81  ?  ?   ?   A . n 
A 1 103 LYS 103 82  ?  ?   ?   A . n 
B 1 1   MET 1   -20 ?  ?   ?   C . n 
B 1 2   LYS 2   -19 ?  ?   ?   C . n 
B 1 3   PHE 3   -18 ?  ?   ?   C . n 
B 1 4   LYS 4   -17 ?  ?   ?   C . n 
B 1 5   LEU 5   -16 ?  ?   ?   C . n 
B 1 6   ASN 6   -15 ?  ?   ?   C . n 
B 1 7   LEU 7   -14 ?  ?   ?   C . n 
B 1 8   ILE 8   -13 ?  ?   ?   C . n 
B 1 9   THR 9   -12 ?  ?   ?   C . n 
B 1 10  LEU 10  -11 ?  ?   ?   C . n 
B 1 11  ALA 11  -10 ?  ?   ?   C . n 
B 1 12  LEU 12  -9  ?  ?   ?   C . n 
B 1 13  LEU 13  -8  ?  ?   ?   C . n 
B 1 14  ALA 14  -7  ?  ?   ?   C . n 
B 1 15  ASN 15  -6  ?  ?   ?   C . n 
B 1 16  THR 16  -5  ?  ?   ?   C . n 
B 1 17  GLY 17  -4  ?  ?   ?   C . n 
B 1 18  LEU 18  -3  ?  ?   ?   C . n 
B 1 19  ALA 19  -2  ?  ?   ?   C . n 
B 1 20  VAL 20  -1  ?  ?   ?   C . n 
B 1 21  ALA 21  0   ?  ?   ?   C . n 
B 1 22  ALA 22  1   ?  ?   ?   C . n 
B 1 23  ASP 23  2   ?  ?   ?   C . n 
B 1 24  GLY 24  3   3  GLY GLY C . n 
B 1 25  VAL 25  4   4  VAL VAL C . n 
B 1 26  ASP 26  5   5  ASP ASP C . n 
B 1 27  PRO 27  6   6  PRO PRO C . n 
B 1 28  GLY 28  7   7  GLY GLY C . n 
B 1 29  LYS 29  8   8  LYS LYS C . n 
B 1 30  THR 30  9   9  THR THR C . n 
B 1 31  VAL 31  10  10 VAL VAL C . n 
B 1 32  TYR 32  11  11 TYR TYR C . n 
B 1 33  ASP 33  12  12 ASP ASP C . n 
B 1 34  SER 34  13  13 SER SER C . n 
B 1 35  ARG 35  14  14 ARG ARG C . n 
B 1 36  CYS 36  15  15 CYS CYS C . n 
B 1 37  ALA 37  16  16 ALA ALA C . n 
B 1 38  SER 38  17  17 SER SER C . n 
B 1 39  CYS 39  18  18 CYS CYS C . n 
B 1 40  HIS 40  19  19 HIS HIS C . n 
B 1 41  ARG 41  20  20 ARG ARG C . n 
B 1 42  LEU 42  21  21 LEU LEU C . n 
B 1 43  GLY 43  22  22 GLY GLY C . n 
B 1 44  THR 44  23  23 THR THR C . n 
B 1 45  TYR 45  24  24 TYR TYR C . n 
B 1 46  ASP 46  25  25 ASP ASP C . n 
B 1 47  ALA 47  26  26 ALA ALA C . n 
B 1 48  SER 48  27  27 SER SER C . n 
B 1 49  GLY 49  28  28 GLY GLY C . n 
B 1 50  SER 50  29  29 SER SER C . n 
B 1 51  ALA 51  30  30 ALA ALA C . n 
B 1 52  PRO 52  31  31 PRO PRO C . n 
B 1 53  ASN 53  32  32 ASN ASN C . n 
B 1 54  LEU 54  33  33 LEU LEU C . n 
B 1 55  SER 55  34  34 SER SER C . n 
B 1 56  ARG 56  35  35 ARG ARG C . n 
B 1 57  ALA 57  36  36 ALA ALA C . n 
B 1 58  GLY 58  37  37 GLY GLY C . n 
B 1 59  THR 59  38  38 THR THR C . n 
B 1 60  LYS 60  39  39 LYS LYS C . n 
B 1 61  ILE 61  40  40 ILE ILE C . n 
B 1 62  ASP 62  41  41 ASP ASP C . n 
B 1 63  GLY 63  42  42 GLY GLY C . n 
B 1 64  LYS 64  43  43 LYS LYS C . n 
B 1 65  PHE 65  44  44 PHE PHE C . n 
B 1 66  THR 66  45  45 THR THR C . n 
B 1 67  ALA 67  46  46 ALA ALA C . n 
B 1 68  GLY 68  47  47 GLY GLY C . n 
B 1 69  VAL 69  48  48 VAL VAL C . n 
B 1 70  SER 70  49  49 SER SER C . n 
B 1 71  GLY 71  50  50 GLY GLY C . n 
B 1 72  HIS 72  51  51 HIS HIS C . n 
B 1 73  LYS 73  52  52 LYS LYS C . n 
B 1 74  GLY 74  53  53 GLY GLY C . n 
B 1 75  ILE 75  54  54 ILE ILE C . n 
B 1 76  THR 76  55  55 THR THR C . n 
B 1 77  LEU 77  56  56 LEU LEU C . n 
B 1 78  THR 78  57  57 THR THR C . n 
B 1 79  ALA 79  58  58 ALA ALA C . n 
B 1 80  ALA 80  59  59 ALA ALA C . n 
B 1 81  ASP 81  60  60 ASP ASP C . n 
B 1 82  LEU 82  61  61 LEU LEU C . n 
B 1 83  ALA 83  62  62 ALA ALA C . n 
B 1 84  ASN 84  63  63 ASN ASN C . n 
B 1 85  LEU 85  64  64 LEU LEU C . n 
B 1 86  LYS 86  65  65 LYS LYS C . n 
B 1 87  THR 87  66  66 THR THR C . n 
B 1 88  PHE 88  67  67 PHE PHE C . n 
B 1 89  VAL 89  68  68 VAL VAL C . n 
B 1 90  ASN 90  69  69 ASN ASN C . n 
B 1 91  ALA 91  70  70 ALA ALA C . n 
B 1 92  ASN 92  71  71 ASN ASN C . n 
B 1 93  GLY 93  72  72 GLY GLY C . n 
B 1 94  SER 94  73  ?  ?   ?   C . n 
B 1 95  GLY 95  74  ?  ?   ?   C . n 
B 1 96  TRP 96  75  ?  ?   ?   C . n 
B 1 97  SER 97  76  ?  ?   ?   C . n 
B 1 98  HIS 98  77  ?  ?   ?   C . n 
B 1 99  PRO 99  78  ?  ?   ?   C . n 
B 1 100 GLN 100 79  ?  ?   ?   C . n 
B 1 101 PHE 101 80  ?  ?   ?   C . n 
B 1 102 GLU 102 81  ?  ?   ?   C . n 
B 1 103 LYS 103 82  ?  ?   ?   C . n 
# 
_pdbx_entity_instance_feature.ordinal        1 
_pdbx_entity_instance_feature.comp_id        HEC 
_pdbx_entity_instance_feature.asym_id        ? 
_pdbx_entity_instance_feature.seq_num        ? 
_pdbx_entity_instance_feature.auth_comp_id   HEC 
_pdbx_entity_instance_feature.auth_asym_id   ? 
_pdbx_entity_instance_feature.auth_seq_num   ? 
_pdbx_entity_instance_feature.feature_type   'SUBJECT OF INVESTIGATION' 
_pdbx_entity_instance_feature.details        ? 
# 
loop_
_pdbx_nonpoly_scheme.asym_id 
_pdbx_nonpoly_scheme.entity_id 
_pdbx_nonpoly_scheme.mon_id 
_pdbx_nonpoly_scheme.ndb_seq_num 
_pdbx_nonpoly_scheme.pdb_seq_num 
_pdbx_nonpoly_scheme.auth_seq_num 
_pdbx_nonpoly_scheme.pdb_mon_id 
_pdbx_nonpoly_scheme.auth_mon_id 
_pdbx_nonpoly_scheme.pdb_strand_id 
_pdbx_nonpoly_scheme.pdb_ins_code 
C 2 HEC 1  101 5   HEC HEC A . 
D 3 NA  1  102 1   NA  NA  A . 
E 3 NA  1  103 3   NA  NA  A . 
F 2 HEC 1  101 5   HEC HEC C . 
G 3 NA  1  102 2   NA  NA  C . 
H 3 NA  1  103 4   NA  NA  C . 
I 4 GOL 1  104 1   GOL GOL C . 
J 5 HOH 1  201 119 HOH HOH A . 
J 5 HOH 2  202 135 HOH HOH A . 
J 5 HOH 3  203 140 HOH HOH A . 
J 5 HOH 4  204 56  HOH HOH A . 
J 5 HOH 5  205 137 HOH HOH A . 
J 5 HOH 6  206 88  HOH HOH A . 
J 5 HOH 7  207 174 HOH HOH A . 
J 5 HOH 8  208 24  HOH HOH A . 
J 5 HOH 9  209 118 HOH HOH A . 
J 5 HOH 10 210 19  HOH HOH A . 
J 5 HOH 11 211 103 HOH HOH A . 
J 5 HOH 12 212 68  HOH HOH A . 
J 5 HOH 13 213 91  HOH HOH A . 
J 5 HOH 14 214 109 HOH HOH A . 
J 5 HOH 15 215 4   HOH HOH A . 
J 5 HOH 16 216 22  HOH HOH A . 
J 5 HOH 17 217 64  HOH HOH A . 
J 5 HOH 18 218 154 HOH HOH A . 
J 5 HOH 19 219 8   HOH HOH A . 
J 5 HOH 20 220 156 HOH HOH A . 
J 5 HOH 21 221 10  HOH HOH A . 
J 5 HOH 22 222 110 HOH HOH A . 
J 5 HOH 23 223 95  HOH HOH A . 
J 5 HOH 24 224 169 HOH HOH A . 
J 5 HOH 25 225 31  HOH HOH A . 
J 5 HOH 26 226 161 HOH HOH A . 
J 5 HOH 27 227 12  HOH HOH A . 
J 5 HOH 28 228 16  HOH HOH A . 
J 5 HOH 29 229 40  HOH HOH A . 
J 5 HOH 30 230 25  HOH HOH A . 
J 5 HOH 31 231 21  HOH HOH A . 
J 5 HOH 32 232 177 HOH HOH A . 
J 5 HOH 33 233 1   HOH HOH A . 
J 5 HOH 34 234 77  HOH HOH A . 
J 5 HOH 35 235 15  HOH HOH A . 
J 5 HOH 36 236 97  HOH HOH A . 
J 5 HOH 37 237 65  HOH HOH A . 
J 5 HOH 38 238 150 HOH HOH A . 
J 5 HOH 39 239 30  HOH HOH A . 
J 5 HOH 40 240 3   HOH HOH A . 
J 5 HOH 41 241 79  HOH HOH A . 
J 5 HOH 42 242 127 HOH HOH A . 
J 5 HOH 43 243 114 HOH HOH A . 
J 5 HOH 44 244 89  HOH HOH A . 
J 5 HOH 45 245 155 HOH HOH A . 
J 5 HOH 46 246 136 HOH HOH A . 
J 5 HOH 47 247 125 HOH HOH A . 
J 5 HOH 48 248 83  HOH HOH A . 
J 5 HOH 49 249 35  HOH HOH A . 
J 5 HOH 50 250 153 HOH HOH A . 
J 5 HOH 51 251 26  HOH HOH A . 
J 5 HOH 52 252 33  HOH HOH A . 
J 5 HOH 53 253 165 HOH HOH A . 
J 5 HOH 54 254 66  HOH HOH A . 
J 5 HOH 55 255 45  HOH HOH A . 
J 5 HOH 56 256 149 HOH HOH A . 
J 5 HOH 57 257 70  HOH HOH A . 
J 5 HOH 58 258 81  HOH HOH A . 
J 5 HOH 59 259 123 HOH HOH A . 
J 5 HOH 60 260 71  HOH HOH A . 
J 5 HOH 61 261 38  HOH HOH A . 
J 5 HOH 62 262 7   HOH HOH A . 
J 5 HOH 63 263 50  HOH HOH A . 
J 5 HOH 64 264 143 HOH HOH A . 
J 5 HOH 65 265 49  HOH HOH A . 
J 5 HOH 66 266 117 HOH HOH A . 
J 5 HOH 67 267 130 HOH HOH A . 
J 5 HOH 68 268 131 HOH HOH A . 
J 5 HOH 69 269 115 HOH HOH A . 
J 5 HOH 70 270 100 HOH HOH A . 
J 5 HOH 71 271 178 HOH HOH A . 
J 5 HOH 72 272 133 HOH HOH A . 
J 5 HOH 73 273 167 HOH HOH A . 
J 5 HOH 74 274 152 HOH HOH A . 
J 5 HOH 75 275 29  HOH HOH A . 
J 5 HOH 76 276 151 HOH HOH A . 
J 5 HOH 77 277 61  HOH HOH A . 
J 5 HOH 78 278 46  HOH HOH A . 
J 5 HOH 79 279 141 HOH HOH A . 
J 5 HOH 80 280 62  HOH HOH A . 
J 5 HOH 81 281 126 HOH HOH A . 
J 5 HOH 82 282 73  HOH HOH A . 
J 5 HOH 83 283 129 HOH HOH A . 
J 5 HOH 84 284 158 HOH HOH A . 
J 5 HOH 85 285 87  HOH HOH A . 
J 5 HOH 86 286 145 HOH HOH A . 
J 5 HOH 87 287 170 HOH HOH A . 
J 5 HOH 88 288 122 HOH HOH A . 
J 5 HOH 89 289 47  HOH HOH A . 
K 5 HOH 1  201 176 HOH HOH C . 
K 5 HOH 2  202 168 HOH HOH C . 
K 5 HOH 3  203 172 HOH HOH C . 
K 5 HOH 4  204 20  HOH HOH C . 
K 5 HOH 5  205 11  HOH HOH C . 
K 5 HOH 6  206 107 HOH HOH C . 
K 5 HOH 7  207 72  HOH HOH C . 
K 5 HOH 8  208 42  HOH HOH C . 
K 5 HOH 9  209 78  HOH HOH C . 
K 5 HOH 10 210 173 HOH HOH C . 
K 5 HOH 11 211 17  HOH HOH C . 
K 5 HOH 12 212 44  HOH HOH C . 
K 5 HOH 13 213 23  HOH HOH C . 
K 5 HOH 14 214 147 HOH HOH C . 
K 5 HOH 15 215 5   HOH HOH C . 
K 5 HOH 16 216 146 HOH HOH C . 
K 5 HOH 17 217 18  HOH HOH C . 
K 5 HOH 18 218 99  HOH HOH C . 
K 5 HOH 19 219 55  HOH HOH C . 
K 5 HOH 20 220 2   HOH HOH C . 
K 5 HOH 21 221 59  HOH HOH C . 
K 5 HOH 22 222 32  HOH HOH C . 
K 5 HOH 23 223 98  HOH HOH C . 
K 5 HOH 24 224 148 HOH HOH C . 
K 5 HOH 25 225 27  HOH HOH C . 
K 5 HOH 26 226 48  HOH HOH C . 
K 5 HOH 27 227 84  HOH HOH C . 
K 5 HOH 28 228 6   HOH HOH C . 
K 5 HOH 29 229 36  HOH HOH C . 
K 5 HOH 30 230 28  HOH HOH C . 
K 5 HOH 31 231 63  HOH HOH C . 
K 5 HOH 32 232 116 HOH HOH C . 
K 5 HOH 33 233 9   HOH HOH C . 
K 5 HOH 34 234 160 HOH HOH C . 
K 5 HOH 35 235 113 HOH HOH C . 
K 5 HOH 36 236 53  HOH HOH C . 
K 5 HOH 37 237 34  HOH HOH C . 
K 5 HOH 38 238 139 HOH HOH C . 
K 5 HOH 39 239 142 HOH HOH C . 
K 5 HOH 40 240 124 HOH HOH C . 
K 5 HOH 41 241 90  HOH HOH C . 
K 5 HOH 42 242 54  HOH HOH C . 
K 5 HOH 43 243 43  HOH HOH C . 
K 5 HOH 44 244 60  HOH HOH C . 
K 5 HOH 45 245 39  HOH HOH C . 
K 5 HOH 46 246 132 HOH HOH C . 
K 5 HOH 47 247 128 HOH HOH C . 
K 5 HOH 48 248 82  HOH HOH C . 
K 5 HOH 49 249 92  HOH HOH C . 
K 5 HOH 50 250 121 HOH HOH C . 
K 5 HOH 51 251 175 HOH HOH C . 
K 5 HOH 52 252 96  HOH HOH C . 
K 5 HOH 53 253 58  HOH HOH C . 
K 5 HOH 54 254 144 HOH HOH C . 
K 5 HOH 55 255 166 HOH HOH C . 
K 5 HOH 56 256 179 HOH HOH C . 
K 5 HOH 57 257 86  HOH HOH C . 
K 5 HOH 58 258 75  HOH HOH C . 
K 5 HOH 59 259 163 HOH HOH C . 
K 5 HOH 60 260 37  HOH HOH C . 
K 5 HOH 61 261 94  HOH HOH C . 
K 5 HOH 62 262 67  HOH HOH C . 
K 5 HOH 63 263 171 HOH HOH C . 
K 5 HOH 64 264 162 HOH HOH C . 
K 5 HOH 65 265 111 HOH HOH C . 
K 5 HOH 66 266 106 HOH HOH C . 
K 5 HOH 67 267 51  HOH HOH C . 
K 5 HOH 68 268 41  HOH HOH C . 
K 5 HOH 69 269 13  HOH HOH C . 
K 5 HOH 70 270 69  HOH HOH C . 
K 5 HOH 71 271 102 HOH HOH C . 
K 5 HOH 72 272 157 HOH HOH C . 
K 5 HOH 73 273 104 HOH HOH C . 
K 5 HOH 74 274 112 HOH HOH C . 
K 5 HOH 75 275 164 HOH HOH C . 
K 5 HOH 76 276 14  HOH HOH C . 
K 5 HOH 77 277 108 HOH HOH C . 
K 5 HOH 78 278 120 HOH HOH C . 
K 5 HOH 79 279 76  HOH HOH C . 
K 5 HOH 80 280 52  HOH HOH C . 
K 5 HOH 81 281 93  HOH HOH C . 
K 5 HOH 82 282 57  HOH HOH C . 
K 5 HOH 83 283 134 HOH HOH C . 
K 5 HOH 84 284 138 HOH HOH C . 
K 5 HOH 85 285 80  HOH HOH C . 
K 5 HOH 86 286 105 HOH HOH C . 
K 5 HOH 87 287 101 HOH HOH C . 
K 5 HOH 88 288 159 HOH HOH C . 
K 5 HOH 89 289 85  HOH HOH C . 
K 5 HOH 90 290 74  HOH HOH C . 
# 
loop_
_pdbx_unobs_or_zero_occ_atoms.id 
_pdbx_unobs_or_zero_occ_atoms.PDB_model_num 
_pdbx_unobs_or_zero_occ_atoms.polymer_flag 
_pdbx_unobs_or_zero_occ_atoms.occupancy_flag 
_pdbx_unobs_or_zero_occ_atoms.auth_asym_id 
_pdbx_unobs_or_zero_occ_atoms.auth_comp_id 
_pdbx_unobs_or_zero_occ_atoms.auth_seq_id 
_pdbx_unobs_or_zero_occ_atoms.PDB_ins_code 
_pdbx_unobs_or_zero_occ_atoms.auth_atom_id 
_pdbx_unobs_or_zero_occ_atoms.label_alt_id 
_pdbx_unobs_or_zero_occ_atoms.label_asym_id 
_pdbx_unobs_or_zero_occ_atoms.label_comp_id 
_pdbx_unobs_or_zero_occ_atoms.label_seq_id 
_pdbx_unobs_or_zero_occ_atoms.label_atom_id 
1 1 Y 1 A PHE 80 ? CB  ? A PHE 101 CB  
2 1 Y 1 A PHE 80 ? CG  ? A PHE 101 CG  
3 1 Y 1 A PHE 80 ? CD1 ? A PHE 101 CD1 
4 1 Y 1 A PHE 80 ? CD2 ? A PHE 101 CD2 
5 1 Y 1 A PHE 80 ? CE1 ? A PHE 101 CE1 
6 1 Y 1 A PHE 80 ? CE2 ? A PHE 101 CE2 
7 1 Y 1 A PHE 80 ? CZ  ? A PHE 101 CZ  
# 
loop_
_software.citation_id 
_software.classification 
_software.compiler_name 
_software.compiler_version 
_software.contact_author 
_software.contact_author_email 
_software.date 
_software.description 
_software.dependencies 
_software.hardware 
_software.language 
_software.location 
_software.mods 
_software.name 
_software.os 
_software.os_version 
_software.type 
_software.version 
_software.pdbx_ordinal 
? refinement       ? ? ? ? ? ? ? ? ? ? ? PHENIX  ? ? ? '(1.20.1_4487: ???)' 1 
? 'data scaling'   ? ? ? ? ? ? ? ? ? ? ? Aimless ? ? ? .                    2 
? 'data reduction' ? ? ? ? ? ? ? ? ? ? ? xia2    ? ? ? .                    3 
? phasing          ? ? ? ? ? ? ? ? ? ? ? PHASER  ? ? ? .                    4 
# 
_cell.angle_alpha                  90.00 
_cell.angle_alpha_esd              ? 
_cell.angle_beta                   99.30 
_cell.angle_beta_esd               ? 
_cell.angle_gamma                  90.00 
_cell.angle_gamma_esd              ? 
_cell.entry_id                     8QK0 
_cell.details                      ? 
_cell.formula_units_Z              ? 
_cell.length_a                     75.564 
_cell.length_a_esd                 ? 
_cell.length_b                     55.033 
_cell.length_b_esd                 ? 
_cell.length_c                     37.456 
_cell.length_c_esd                 ? 
_cell.volume                       ? 
_cell.volume_esd                   ? 
_cell.Z_PDB                        8 
_cell.reciprocal_angle_alpha       ? 
_cell.reciprocal_angle_beta        ? 
_cell.reciprocal_angle_gamma       ? 
_cell.reciprocal_angle_alpha_esd   ? 
_cell.reciprocal_angle_beta_esd    ? 
_cell.reciprocal_angle_gamma_esd   ? 
_cell.reciprocal_length_a          ? 
_cell.reciprocal_length_b          ? 
_cell.reciprocal_length_c          ? 
_cell.reciprocal_length_a_esd      ? 
_cell.reciprocal_length_b_esd      ? 
_cell.reciprocal_length_c_esd      ? 
_cell.pdbx_unique_axis             ? 
_cell.pdbx_esd_method              ? 
# 
_symmetry.entry_id                         8QK0 
_symmetry.cell_setting                     ? 
_symmetry.Int_Tables_number                5 
_symmetry.space_group_name_Hall            ? 
_symmetry.space_group_name_H-M             'C 1 2 1' 
_symmetry.pdbx_full_space_group_name_H-M   ? 
# 
_exptl.absorpt_coefficient_mu     ? 
_exptl.absorpt_correction_T_max   ? 
_exptl.absorpt_correction_T_min   ? 
_exptl.absorpt_correction_type    ? 
_exptl.absorpt_process_details    ? 
_exptl.entry_id                   8QK0 
_exptl.crystals_number            1 
_exptl.details                    ? 
_exptl.method                     'X-RAY DIFFRACTION' 
_exptl.method_details             ? 
# 
_exptl_crystal.colour                       ? 
_exptl_crystal.density_diffrn               ? 
_exptl_crystal.density_Matthews             1.80 
_exptl_crystal.density_method               ? 
_exptl_crystal.density_percent_sol          31.72 
_exptl_crystal.description                  ? 
_exptl_crystal.F_000                        ? 
_exptl_crystal.id                           1 
_exptl_crystal.preparation                  ? 
_exptl_crystal.size_max                     ? 
_exptl_crystal.size_mid                     ? 
_exptl_crystal.size_min                     ? 
_exptl_crystal.size_rad                     ? 
_exptl_crystal.colour_lustre                ? 
_exptl_crystal.colour_modifier              ? 
_exptl_crystal.colour_primary               ? 
_exptl_crystal.density_meas                 ? 
_exptl_crystal.density_meas_esd             ? 
_exptl_crystal.density_meas_gt              ? 
_exptl_crystal.density_meas_lt              ? 
_exptl_crystal.density_meas_temp            ? 
_exptl_crystal.density_meas_temp_esd        ? 
_exptl_crystal.density_meas_temp_gt         ? 
_exptl_crystal.density_meas_temp_lt         ? 
_exptl_crystal.pdbx_crystal_image_url       ? 
_exptl_crystal.pdbx_crystal_image_format    ? 
_exptl_crystal.pdbx_mosaicity               ? 
_exptl_crystal.pdbx_mosaicity_esd           ? 
_exptl_crystal.pdbx_mosaic_method           ? 
_exptl_crystal.pdbx_mosaic_block_size       ? 
_exptl_crystal.pdbx_mosaic_block_size_esd   ? 
# 
_exptl_crystal_grow.apparatus       ? 
_exptl_crystal_grow.atmosphere      ? 
_exptl_crystal_grow.crystal_id      1 
_exptl_crystal_grow.details         ? 
_exptl_crystal_grow.method          'VAPOR DIFFUSION, SITTING DROP' 
_exptl_crystal_grow.method_ref      ? 
_exptl_crystal_grow.pH              7.0 
_exptl_crystal_grow.pressure        ? 
_exptl_crystal_grow.pressure_esd    ? 
_exptl_crystal_grow.seeding         ? 
_exptl_crystal_grow.seeding_ref     ? 
_exptl_crystal_grow.temp_details    ? 
_exptl_crystal_grow.temp_esd        ? 
_exptl_crystal_grow.time            ? 
_exptl_crystal_grow.pdbx_details    
'1:1 mixture of 20 mg per mL protein in 20 mM HEPES 100 mM NaCl pH 7.8 with 2.3 M Na Malonate pH 7.0, 1.8% Jeffamine ED-2001' 
_exptl_crystal_grow.pdbx_pH_range   ? 
_exptl_crystal_grow.temp            289 
# 
_diffrn.ambient_environment              ? 
_diffrn.ambient_temp                     100 
_diffrn.ambient_temp_details             ? 
_diffrn.ambient_temp_esd                 ? 
_diffrn.crystal_id                       1 
_diffrn.crystal_support                  ? 
_diffrn.crystal_treatment                ? 
_diffrn.details                          ? 
_diffrn.id                               1 
_diffrn.ambient_pressure                 ? 
_diffrn.ambient_pressure_esd             ? 
_diffrn.ambient_pressure_gt              ? 
_diffrn.ambient_pressure_lt              ? 
_diffrn.ambient_temp_gt                  ? 
_diffrn.ambient_temp_lt                  ? 
_diffrn.pdbx_serial_crystal_experiment   N 
# 
_diffrn_detector.details                      ? 
_diffrn_detector.detector                     PIXEL 
_diffrn_detector.diffrn_id                    1 
_diffrn_detector.type                         'DECTRIS EIGER2 XE 16M' 
_diffrn_detector.area_resol_mean              ? 
_diffrn_detector.dtime                        ? 
_diffrn_detector.pdbx_frames_total            ? 
_diffrn_detector.pdbx_collection_time_total   ? 
_diffrn_detector.pdbx_collection_date         2023-05-11 
_diffrn_detector.pdbx_frequency               ? 
_diffrn_detector.id                           ? 
_diffrn_detector.number_of_axes               ? 
# 
_diffrn_radiation.collimation                      ? 
_diffrn_radiation.diffrn_id                        1 
_diffrn_radiation.filter_edge                      ? 
_diffrn_radiation.inhomogeneity                    ? 
_diffrn_radiation.monochromator                    ? 
_diffrn_radiation.polarisn_norm                    ? 
_diffrn_radiation.polarisn_ratio                   ? 
_diffrn_radiation.probe                            ? 
_diffrn_radiation.type                             ? 
_diffrn_radiation.xray_symbol                      ? 
_diffrn_radiation.wavelength_id                    1 
_diffrn_radiation.pdbx_monochromatic_or_laue_m_l   M 
_diffrn_radiation.pdbx_wavelength_list             ? 
_diffrn_radiation.pdbx_wavelength                  ? 
_diffrn_radiation.pdbx_diffrn_protocol             'SINGLE WAVELENGTH' 
_diffrn_radiation.pdbx_analyzer                    ? 
_diffrn_radiation.pdbx_scattering_type             x-ray 
# 
_diffrn_radiation_wavelength.id           1 
_diffrn_radiation_wavelength.wavelength   0.9537 
_diffrn_radiation_wavelength.wt           1.0 
# 
_diffrn_source.current                     ? 
_diffrn_source.details                     ? 
_diffrn_source.diffrn_id                   1 
_diffrn_source.power                       ? 
_diffrn_source.size                        ? 
_diffrn_source.source                      SYNCHROTRON 
_diffrn_source.target                      ? 
_diffrn_source.type                        'DIAMOND BEAMLINE I04' 
_diffrn_source.voltage                     ? 
_diffrn_source.take-off_angle              ? 
_diffrn_source.pdbx_wavelength_list        0.9537 
_diffrn_source.pdbx_wavelength             ? 
_diffrn_source.pdbx_synchrotron_beamline   I04 
_diffrn_source.pdbx_synchrotron_site       Diamond 
# 
_reflns.B_iso_Wilson_estimate                          ? 
_reflns.entry_id                                       8QK0 
_reflns.data_reduction_details                         ? 
_reflns.data_reduction_method                          ? 
_reflns.d_resolution_high                              1.90 
_reflns.d_resolution_low                               44.28 
_reflns.details                                        ? 
_reflns.limit_h_max                                    ? 
_reflns.limit_h_min                                    ? 
_reflns.limit_k_max                                    ? 
_reflns.limit_k_min                                    ? 
_reflns.limit_l_max                                    ? 
_reflns.limit_l_min                                    ? 
_reflns.number_all                                     ? 
_reflns.number_obs                                     12027 
_reflns.observed_criterion                             ? 
_reflns.observed_criterion_F_max                       ? 
_reflns.observed_criterion_F_min                       ? 
_reflns.observed_criterion_I_max                       ? 
_reflns.observed_criterion_I_min                       ? 
_reflns.observed_criterion_sigma_F                     ? 
_reflns.observed_criterion_sigma_I                     ? 
_reflns.percent_possible_obs                           99.8 
_reflns.R_free_details                                 ? 
_reflns.Rmerge_F_all                                   ? 
_reflns.Rmerge_F_obs                                   ? 
_reflns.Friedel_coverage                               ? 
_reflns.number_gt                                      ? 
_reflns.threshold_expression                           ? 
_reflns.pdbx_redundancy                                6.8 
_reflns.pdbx_netI_over_av_sigmaI                       ? 
_reflns.pdbx_netI_over_sigmaI                          8.2 
_reflns.pdbx_res_netI_over_av_sigmaI_2                 ? 
_reflns.pdbx_res_netI_over_sigmaI_2                    ? 
_reflns.pdbx_chi_squared                               0.95 
_reflns.pdbx_scaling_rejects                           ? 
_reflns.pdbx_d_res_high_opt                            ? 
_reflns.pdbx_d_res_low_opt                             ? 
_reflns.pdbx_d_res_opt_method                          ? 
_reflns.phase_calculation_details                      ? 
_reflns.pdbx_Rrim_I_all                                0.147 
_reflns.pdbx_Rpim_I_all                                0.056 
_reflns.pdbx_d_opt                                     ? 
_reflns.pdbx_number_measured_all                       81356 
_reflns.pdbx_diffrn_id                                 1 
_reflns.pdbx_ordinal                                   1 
_reflns.pdbx_CC_half                                   0.996 
_reflns.pdbx_CC_star                                   ? 
_reflns.pdbx_R_split                                   ? 
_reflns.pdbx_Rmerge_I_obs                              0.135 
_reflns.pdbx_Rmerge_I_all                              ? 
_reflns.pdbx_Rsym_value                                ? 
_reflns.pdbx_CC_split_method                           ? 
_reflns.pdbx_aniso_diffraction_limit_axis_1_ortho[1]   ? 
_reflns.pdbx_aniso_diffraction_limit_axis_1_ortho[2]   ? 
_reflns.pdbx_aniso_diffraction_limit_axis_1_ortho[3]   ? 
_reflns.pdbx_aniso_diffraction_limit_axis_2_ortho[1]   ? 
_reflns.pdbx_aniso_diffraction_limit_axis_2_ortho[2]   ? 
_reflns.pdbx_aniso_diffraction_limit_axis_2_ortho[3]   ? 
_reflns.pdbx_aniso_diffraction_limit_axis_3_ortho[1]   ? 
_reflns.pdbx_aniso_diffraction_limit_axis_3_ortho[2]   ? 
_reflns.pdbx_aniso_diffraction_limit_axis_3_ortho[3]   ? 
_reflns.pdbx_aniso_diffraction_limit_1                 ? 
_reflns.pdbx_aniso_diffraction_limit_2                 ? 
_reflns.pdbx_aniso_diffraction_limit_3                 ? 
_reflns.pdbx_aniso_B_tensor_eigenvector_1_ortho[1]     ? 
_reflns.pdbx_aniso_B_tensor_eigenvector_1_ortho[2]     ? 
_reflns.pdbx_aniso_B_tensor_eigenvector_1_ortho[3]     ? 
_reflns.pdbx_aniso_B_tensor_eigenvector_2_ortho[1]     ? 
_reflns.pdbx_aniso_B_tensor_eigenvector_2_ortho[2]     ? 
_reflns.pdbx_aniso_B_tensor_eigenvector_2_ortho[3]     ? 
_reflns.pdbx_aniso_B_tensor_eigenvector_3_ortho[1]     ? 
_reflns.pdbx_aniso_B_tensor_eigenvector_3_ortho[2]     ? 
_reflns.pdbx_aniso_B_tensor_eigenvector_3_ortho[3]     ? 
_reflns.pdbx_aniso_B_tensor_eigenvalue_1               ? 
_reflns.pdbx_aniso_B_tensor_eigenvalue_2               ? 
_reflns.pdbx_aniso_B_tensor_eigenvalue_3               ? 
_reflns.pdbx_orthogonalization_convention              ? 
_reflns.pdbx_percent_possible_ellipsoidal              ? 
_reflns.pdbx_percent_possible_spherical                ? 
_reflns.pdbx_percent_possible_ellipsoidal_anomalous    ? 
_reflns.pdbx_percent_possible_spherical_anomalous      ? 
_reflns.pdbx_redundancy_anomalous                      ? 
_reflns.pdbx_CC_half_anomalous                         ? 
_reflns.pdbx_absDiff_over_sigma_anomalous              ? 
_reflns.pdbx_percent_possible_anomalous                ? 
_reflns.pdbx_observed_signal_threshold                 ? 
_reflns.pdbx_signal_type                               ? 
_reflns.pdbx_signal_details                            ? 
_reflns.pdbx_signal_software_id                        ? 
# 
_reflns_shell.d_res_high                                    1.90 
_reflns_shell.d_res_low                                     1.94 
_reflns_shell.meanI_over_sigI_all                           ? 
_reflns_shell.meanI_over_sigI_obs                           ? 
_reflns_shell.number_measured_all                           4008 
_reflns_shell.number_measured_obs                           ? 
_reflns_shell.number_possible                               ? 
_reflns_shell.number_unique_all                             ? 
_reflns_shell.number_unique_obs                             760 
_reflns_shell.percent_possible_obs                          97.9 
_reflns_shell.Rmerge_F_all                                  ? 
_reflns_shell.Rmerge_F_obs                                  ? 
_reflns_shell.meanI_over_sigI_gt                            ? 
_reflns_shell.meanI_over_uI_all                             ? 
_reflns_shell.meanI_over_uI_gt                              ? 
_reflns_shell.number_measured_gt                            ? 
_reflns_shell.number_unique_gt                              ? 
_reflns_shell.percent_possible_gt                           ? 
_reflns_shell.Rmerge_F_gt                                   ? 
_reflns_shell.Rmerge_I_gt                                   ? 
_reflns_shell.pdbx_redundancy                               5.3 
_reflns_shell.pdbx_chi_squared                              1.01 
_reflns_shell.pdbx_netI_over_sigmaI_all                     ? 
_reflns_shell.pdbx_netI_over_sigmaI_obs                     2.3 
_reflns_shell.pdbx_Rrim_I_all                               0.702 
_reflns_shell.pdbx_Rpim_I_all                               0.301 
_reflns_shell.pdbx_rejects                                  ? 
_reflns_shell.pdbx_ordinal                                  1 
_reflns_shell.pdbx_diffrn_id                                1 
_reflns_shell.pdbx_CC_half                                  0.842 
_reflns_shell.pdbx_CC_star                                  ? 
_reflns_shell.pdbx_R_split                                  ? 
_reflns_shell.percent_possible_all                          ? 
_reflns_shell.Rmerge_I_all                                  ? 
_reflns_shell.Rmerge_I_obs                                  0.631 
_reflns_shell.pdbx_Rsym_value                               ? 
_reflns_shell.pdbx_percent_possible_ellipsoidal             ? 
_reflns_shell.pdbx_percent_possible_spherical               ? 
_reflns_shell.pdbx_percent_possible_ellipsoidal_anomalous   ? 
_reflns_shell.pdbx_percent_possible_spherical_anomalous     ? 
_reflns_shell.pdbx_redundancy_anomalous                     ? 
_reflns_shell.pdbx_CC_half_anomalous                        ? 
_reflns_shell.pdbx_absDiff_over_sigma_anomalous             ? 
_reflns_shell.pdbx_percent_possible_anomalous               ? 
# 
_refine.aniso_B[1][1]                            ? 
_refine.aniso_B[1][2]                            ? 
_refine.aniso_B[1][3]                            ? 
_refine.aniso_B[2][2]                            ? 
_refine.aniso_B[2][3]                            ? 
_refine.aniso_B[3][3]                            ? 
_refine.B_iso_max                                ? 
_refine.B_iso_mean                               ? 
_refine.B_iso_min                                ? 
_refine.correlation_coeff_Fo_to_Fc               ? 
_refine.correlation_coeff_Fo_to_Fc_free          ? 
_refine.details                                  ? 
_refine.diff_density_max                         ? 
_refine.diff_density_max_esd                     ? 
_refine.diff_density_min                         ? 
_refine.diff_density_min_esd                     ? 
_refine.diff_density_rms                         ? 
_refine.diff_density_rms_esd                     ? 
_refine.entry_id                                 8QK0 
_refine.pdbx_refine_id                           'X-RAY DIFFRACTION' 
_refine.ls_abs_structure_details                 ? 
_refine.ls_abs_structure_Flack                   ? 
_refine.ls_abs_structure_Flack_esd               ? 
_refine.ls_abs_structure_Rogers                  ? 
_refine.ls_abs_structure_Rogers_esd              ? 
_refine.ls_d_res_high                            1.90 
_refine.ls_d_res_low                             44.28 
_refine.ls_extinction_coef                       ? 
_refine.ls_extinction_coef_esd                   ? 
_refine.ls_extinction_expression                 ? 
_refine.ls_extinction_method                     ? 
_refine.ls_goodness_of_fit_all                   ? 
_refine.ls_goodness_of_fit_all_esd               ? 
_refine.ls_goodness_of_fit_obs                   ? 
_refine.ls_goodness_of_fit_obs_esd               ? 
_refine.ls_hydrogen_treatment                    ? 
_refine.ls_matrix_type                           ? 
_refine.ls_number_constraints                    ? 
_refine.ls_number_parameters                     ? 
_refine.ls_number_reflns_all                     ? 
_refine.ls_number_reflns_obs                     11995 
_refine.ls_number_reflns_R_free                  599 
_refine.ls_number_reflns_R_work                  ? 
_refine.ls_number_restraints                     ? 
_refine.ls_percent_reflns_obs                    99.57 
_refine.ls_percent_reflns_R_free                 4.99 
_refine.ls_R_factor_all                          ? 
_refine.ls_R_factor_obs                          0.2232 
_refine.ls_R_factor_R_free                       0.2632 
_refine.ls_R_factor_R_free_error                 ? 
_refine.ls_R_factor_R_free_error_details         ? 
_refine.ls_R_factor_R_work                       0.2210 
_refine.ls_R_Fsqd_factor_obs                     ? 
_refine.ls_R_I_factor_obs                        ? 
_refine.ls_redundancy_reflns_all                 ? 
_refine.ls_redundancy_reflns_obs                 ? 
_refine.ls_restrained_S_all                      ? 
_refine.ls_restrained_S_obs                      ? 
_refine.ls_shift_over_esd_max                    ? 
_refine.ls_shift_over_esd_mean                   ? 
_refine.ls_structure_factor_coef                 ? 
_refine.ls_weighting_details                     ? 
_refine.ls_weighting_scheme                      ? 
_refine.ls_wR_factor_all                         ? 
_refine.ls_wR_factor_obs                         ? 
_refine.ls_wR_factor_R_free                      ? 
_refine.ls_wR_factor_R_work                      ? 
_refine.occupancy_max                            ? 
_refine.occupancy_min                            ? 
_refine.solvent_model_details                    'FLAT BULK SOLVENT MODEL' 
_refine.solvent_model_param_bsol                 ? 
_refine.solvent_model_param_ksol                 ? 
_refine.pdbx_R_complete                          ? 
_refine.ls_R_factor_gt                           ? 
_refine.ls_goodness_of_fit_gt                    ? 
_refine.ls_goodness_of_fit_ref                   ? 
_refine.ls_shift_over_su_max                     ? 
_refine.ls_shift_over_su_max_lt                  ? 
_refine.ls_shift_over_su_mean                    ? 
_refine.ls_shift_over_su_mean_lt                 ? 
_refine.pdbx_ls_sigma_I                          ? 
_refine.pdbx_ls_sigma_F                          1.34 
_refine.pdbx_ls_sigma_Fsqd                       ? 
_refine.pdbx_data_cutoff_high_absF               ? 
_refine.pdbx_data_cutoff_high_rms_absF           ? 
_refine.pdbx_data_cutoff_low_absF                ? 
_refine.pdbx_isotropic_thermal_model             ? 
_refine.pdbx_ls_cross_valid_method               'FREE R-VALUE' 
_refine.pdbx_method_to_determine_struct          'MOLECULAR REPLACEMENT' 
_refine.pdbx_starting_model                      ? 
_refine.pdbx_stereochemistry_target_values       ML 
_refine.pdbx_R_Free_selection_details            ? 
_refine.pdbx_stereochem_target_val_spec_case     ? 
_refine.pdbx_overall_ESU_R                       ? 
_refine.pdbx_overall_ESU_R_Free                  ? 
_refine.pdbx_solvent_vdw_probe_radii             1.10 
_refine.pdbx_solvent_ion_probe_radii             ? 
_refine.pdbx_solvent_shrinkage_radii             0.90 
_refine.pdbx_real_space_R                        ? 
_refine.pdbx_density_correlation                 ? 
_refine.pdbx_pd_number_of_powder_patterns        ? 
_refine.pdbx_pd_number_of_points                 ? 
_refine.pdbx_pd_meas_number_of_points            ? 
_refine.pdbx_pd_proc_ls_prof_R_factor            ? 
_refine.pdbx_pd_proc_ls_prof_wR_factor           ? 
_refine.pdbx_pd_Marquardt_correlation_coeff      ? 
_refine.pdbx_pd_Fsqrd_R_factor                   ? 
_refine.pdbx_pd_ls_matrix_band_width             ? 
_refine.pdbx_overall_phase_error                 30.01 
_refine.pdbx_overall_SU_R_free_Cruickshank_DPI   ? 
_refine.pdbx_overall_SU_R_free_Blow_DPI          ? 
_refine.pdbx_overall_SU_R_Blow_DPI               ? 
_refine.pdbx_TLS_residual_ADP_flag               ? 
_refine.pdbx_diffrn_id                           1 
_refine.overall_SU_B                             ? 
_refine.overall_SU_ML                            0.27 
_refine.overall_SU_R_Cruickshank_DPI             ? 
_refine.overall_SU_R_free                        ? 
_refine.overall_FOM_free_R_set                   ? 
_refine.overall_FOM_work_R_set                   ? 
_refine.pdbx_average_fsc_overall                 ? 
_refine.pdbx_average_fsc_work                    ? 
_refine.pdbx_average_fsc_free                    ? 
# 
_refine_hist.pdbx_refine_id                   'X-RAY DIFFRACTION' 
_refine_hist.cycle_id                         LAST 
_refine_hist.pdbx_number_atoms_protein        1028 
_refine_hist.pdbx_number_atoms_nucleic_acid   0 
_refine_hist.pdbx_number_atoms_ligand         96 
_refine_hist.number_atoms_solvent             179 
_refine_hist.number_atoms_total               1303 
_refine_hist.d_res_high                       1.90 
_refine_hist.d_res_low                        44.28 
# 
loop_
_refine_ls_restr.pdbx_refine_id 
_refine_ls_restr.criterion 
_refine_ls_restr.dev_ideal 
_refine_ls_restr.dev_ideal_target 
_refine_ls_restr.number 
_refine_ls_restr.rejects 
_refine_ls_restr.type 
_refine_ls_restr.weight 
_refine_ls_restr.pdbx_restraint_function 
'X-RAY DIFFRACTION' ? 0.008  ? ?   ? f_bond_d           ? ? 
'X-RAY DIFFRACTION' ? 1.096  ? ?   ? f_angle_d          ? ? 
'X-RAY DIFFRACTION' ? 16.745 ? 382 ? f_dihedral_angle_d ? ? 
'X-RAY DIFFRACTION' ? 0.057  ? 160 ? f_chiral_restr     ? ? 
'X-RAY DIFFRACTION' ? 0.016  ? 196 ? f_plane_restr      ? ? 
# 
loop_
_refine_ls_shell.pdbx_refine_id 
_refine_ls_shell.d_res_high 
_refine_ls_shell.d_res_low 
_refine_ls_shell.number_reflns_all 
_refine_ls_shell.number_reflns_obs 
_refine_ls_shell.number_reflns_R_free 
_refine_ls_shell.number_reflns_R_work 
_refine_ls_shell.percent_reflns_obs 
_refine_ls_shell.percent_reflns_R_free 
_refine_ls_shell.R_factor_all 
_refine_ls_shell.R_factor_obs 
_refine_ls_shell.R_factor_R_free_error 
_refine_ls_shell.R_factor_R_work 
_refine_ls_shell.redundancy_reflns_all 
_refine_ls_shell.redundancy_reflns_obs 
_refine_ls_shell.wR_factor_all 
_refine_ls_shell.wR_factor_obs 
_refine_ls_shell.wR_factor_R_free 
_refine_ls_shell.wR_factor_R_work 
_refine_ls_shell.pdbx_R_complete 
_refine_ls_shell.pdbx_total_number_of_bins_used 
_refine_ls_shell.pdbx_phase_error 
_refine_ls_shell.pdbx_fsc_work 
_refine_ls_shell.pdbx_fsc_free 
_refine_ls_shell.R_factor_R_free 
'X-RAY DIFFRACTION' 1.90 2.09  . . 142 2815 99.00  . . . . 0.2347 . . . . . . . . . . . 0.3058 
'X-RAY DIFFRACTION' 2.09 2.39  . . 151 2832 100.00 . . . . 0.2192 . . . . . . . . . . . 0.2651 
'X-RAY DIFFRACTION' 2.39 3.02  . . 147 2857 100.00 . . . . 0.2251 . . . . . . . . . . . 0.2601 
'X-RAY DIFFRACTION' 3.02 44.28 . . 159 2892 100.00 . . . . 0.2154 . . . . . . . . . . . 0.2528 
# 
_struct.entry_id                     8QK0 
_struct.title                        'Crystal structure of cytochrome domain 3 from PgcA' 
_struct.pdbx_model_details           ? 
_struct.pdbx_formula_weight          ? 
_struct.pdbx_formula_weight_method   ? 
_struct.pdbx_model_type_details      ? 
_struct.pdbx_CASP_flag               N 
# 
_struct_keywords.entry_id        8QK0 
_struct_keywords.text            
'Cytochrome, Geobacter sulfurreducens, extracellular electron transfer, mineral reduction., ELECTRON TRANSPORT' 
_struct_keywords.pdbx_keywords   'ELECTRON TRANSPORT' 
# 
loop_
_struct_asym.id 
_struct_asym.pdbx_blank_PDB_chainid_flag 
_struct_asym.pdbx_modified 
_struct_asym.entity_id 
_struct_asym.details 
A N N 1 ? 
B N N 1 ? 
C N N 2 ? 
D N N 3 ? 
E N N 3 ? 
F N N 2 ? 
G N N 3 ? 
H N N 3 ? 
I N N 4 ? 
J N N 5 ? 
K N N 5 ? 
# 
_struct_ref.id                         1 
_struct_ref.db_name                    UNP 
_struct_ref.db_code                    Q74CB3_GEOSL 
_struct_ref.pdbx_db_accession          Q74CB3 
_struct_ref.pdbx_db_isoform            ? 
_struct_ref.entity_id                  1 
_struct_ref.pdbx_seq_one_letter_code   VDPGKTVYDSRCASCHRLGTYDASGSAPNLSRAGTKIDGKFTAGVSGHKGITLTAADLANLKTFVNAN 
_struct_ref.pdbx_align_begin           444 
# 
loop_
_struct_ref_seq.align_id 
_struct_ref_seq.ref_id 
_struct_ref_seq.pdbx_PDB_id_code 
_struct_ref_seq.pdbx_strand_id 
_struct_ref_seq.seq_align_beg 
_struct_ref_seq.pdbx_seq_align_beg_ins_code 
_struct_ref_seq.seq_align_end 
_struct_ref_seq.pdbx_seq_align_end_ins_code 
_struct_ref_seq.pdbx_db_accession 
_struct_ref_seq.db_align_beg 
_struct_ref_seq.pdbx_db_align_beg_ins_code 
_struct_ref_seq.db_align_end 
_struct_ref_seq.pdbx_db_align_end_ins_code 
_struct_ref_seq.pdbx_auth_seq_align_beg 
_struct_ref_seq.pdbx_auth_seq_align_end 
1 1 8QK0 A 25 ? 92 ? Q74CB3 444 ? 511 ? 4 71 
2 1 8QK0 C 25 ? 92 ? Q74CB3 444 ? 511 ? 4 71 
# 
loop_
_struct_ref_seq_dif.align_id 
_struct_ref_seq_dif.pdbx_pdb_id_code 
_struct_ref_seq_dif.mon_id 
_struct_ref_seq_dif.pdbx_pdb_strand_id 
_struct_ref_seq_dif.seq_num 
_struct_ref_seq_dif.pdbx_pdb_ins_code 
_struct_ref_seq_dif.pdbx_seq_db_name 
_struct_ref_seq_dif.pdbx_seq_db_accession_code 
_struct_ref_seq_dif.db_mon_id 
_struct_ref_seq_dif.pdbx_seq_db_seq_num 
_struct_ref_seq_dif.details 
_struct_ref_seq_dif.pdbx_auth_seq_num 
_struct_ref_seq_dif.pdbx_ordinal 
1 8QK0 MET A 1   ? UNP Q74CB3 ? ? 'initiating methionine' -20 1  
1 8QK0 LYS A 2   ? UNP Q74CB3 ? ? 'expression tag'        -19 2  
1 8QK0 PHE A 3   ? UNP Q74CB3 ? ? 'expression tag'        -18 3  
1 8QK0 LYS A 4   ? UNP Q74CB3 ? ? 'expression tag'        -17 4  
1 8QK0 LEU A 5   ? UNP Q74CB3 ? ? 'expression tag'        -16 5  
1 8QK0 ASN A 6   ? UNP Q74CB3 ? ? 'expression tag'        -15 6  
1 8QK0 LEU A 7   ? UNP Q74CB3 ? ? 'expression tag'        -14 7  
1 8QK0 ILE A 8   ? UNP Q74CB3 ? ? 'expression tag'        -13 8  
1 8QK0 THR A 9   ? UNP Q74CB3 ? ? 'expression tag'        -12 9  
1 8QK0 LEU A 10  ? UNP Q74CB3 ? ? 'expression tag'        -11 10 
1 8QK0 ALA A 11  ? UNP Q74CB3 ? ? 'expression tag'        -10 11 
1 8QK0 LEU A 12  ? UNP Q74CB3 ? ? 'expression tag'        -9  12 
1 8QK0 LEU A 13  ? UNP Q74CB3 ? ? 'expression tag'        -8  13 
1 8QK0 ALA A 14  ? UNP Q74CB3 ? ? 'expression tag'        -7  14 
1 8QK0 ASN A 15  ? UNP Q74CB3 ? ? 'expression tag'        -6  15 
1 8QK0 THR A 16  ? UNP Q74CB3 ? ? 'expression tag'        -5  16 
1 8QK0 GLY A 17  ? UNP Q74CB3 ? ? 'expression tag'        -4  17 
1 8QK0 LEU A 18  ? UNP Q74CB3 ? ? 'expression tag'        -3  18 
1 8QK0 ALA A 19  ? UNP Q74CB3 ? ? 'expression tag'        -2  19 
1 8QK0 VAL A 20  ? UNP Q74CB3 ? ? 'expression tag'        -1  20 
1 8QK0 ALA A 21  ? UNP Q74CB3 ? ? 'expression tag'        0   21 
1 8QK0 ALA A 22  ? UNP Q74CB3 ? ? 'expression tag'        1   22 
1 8QK0 ASP A 23  ? UNP Q74CB3 ? ? 'expression tag'        2   23 
1 8QK0 GLY A 24  ? UNP Q74CB3 ? ? 'expression tag'        3   24 
1 8QK0 GLY A 93  ? UNP Q74CB3 ? ? 'expression tag'        72  25 
1 8QK0 SER A 94  ? UNP Q74CB3 ? ? 'expression tag'        73  26 
1 8QK0 GLY A 95  ? UNP Q74CB3 ? ? 'expression tag'        74  27 
1 8QK0 TRP A 96  ? UNP Q74CB3 ? ? 'expression tag'        75  28 
1 8QK0 SER A 97  ? UNP Q74CB3 ? ? 'expression tag'        76  29 
1 8QK0 HIS A 98  ? UNP Q74CB3 ? ? 'expression tag'        77  30 
1 8QK0 PRO A 99  ? UNP Q74CB3 ? ? 'expression tag'        78  31 
1 8QK0 GLN A 100 ? UNP Q74CB3 ? ? 'expression tag'        79  32 
1 8QK0 PHE A 101 ? UNP Q74CB3 ? ? 'expression tag'        80  33 
1 8QK0 GLU A 102 ? UNP Q74CB3 ? ? 'expression tag'        81  34 
1 8QK0 LYS A 103 ? UNP Q74CB3 ? ? 'expression tag'        82  35 
2 8QK0 MET C 1   ? UNP Q74CB3 ? ? 'initiating methionine' -20 36 
2 8QK0 LYS C 2   ? UNP Q74CB3 ? ? 'expression tag'        -19 37 
2 8QK0 PHE C 3   ? UNP Q74CB3 ? ? 'expression tag'        -18 38 
2 8QK0 LYS C 4   ? UNP Q74CB3 ? ? 'expression tag'        -17 39 
2 8QK0 LEU C 5   ? UNP Q74CB3 ? ? 'expression tag'        -16 40 
2 8QK0 ASN C 6   ? UNP Q74CB3 ? ? 'expression tag'        -15 41 
2 8QK0 LEU C 7   ? UNP Q74CB3 ? ? 'expression tag'        -14 42 
2 8QK0 ILE C 8   ? UNP Q74CB3 ? ? 'expression tag'        -13 43 
2 8QK0 THR C 9   ? UNP Q74CB3 ? ? 'expression tag'        -12 44 
2 8QK0 LEU C 10  ? UNP Q74CB3 ? ? 'expression tag'        -11 45 
2 8QK0 ALA C 11  ? UNP Q74CB3 ? ? 'expression tag'        -10 46 
2 8QK0 LEU C 12  ? UNP Q74CB3 ? ? 'expression tag'        -9  47 
2 8QK0 LEU C 13  ? UNP Q74CB3 ? ? 'expression tag'        -8  48 
2 8QK0 ALA C 14  ? UNP Q74CB3 ? ? 'expression tag'        -7  49 
2 8QK0 ASN C 15  ? UNP Q74CB3 ? ? 'expression tag'        -6  50 
2 8QK0 THR C 16  ? UNP Q74CB3 ? ? 'expression tag'        -5  51 
2 8QK0 GLY C 17  ? UNP Q74CB3 ? ? 'expression tag'        -4  52 
2 8QK0 LEU C 18  ? UNP Q74CB3 ? ? 'expression tag'        -3  53 
2 8QK0 ALA C 19  ? UNP Q74CB3 ? ? 'expression tag'        -2  54 
2 8QK0 VAL C 20  ? UNP Q74CB3 ? ? 'expression tag'        -1  55 
2 8QK0 ALA C 21  ? UNP Q74CB3 ? ? 'expression tag'        0   56 
2 8QK0 ALA C 22  ? UNP Q74CB3 ? ? 'expression tag'        1   57 
2 8QK0 ASP C 23  ? UNP Q74CB3 ? ? 'expression tag'        2   58 
2 8QK0 GLY C 24  ? UNP Q74CB3 ? ? 'expression tag'        3   59 
2 8QK0 GLY C 93  ? UNP Q74CB3 ? ? 'expression tag'        72  60 
2 8QK0 SER C 94  ? UNP Q74CB3 ? ? 'expression tag'        73  61 
2 8QK0 GLY C 95  ? UNP Q74CB3 ? ? 'expression tag'        74  62 
2 8QK0 TRP C 96  ? UNP Q74CB3 ? ? 'expression tag'        75  63 
2 8QK0 SER C 97  ? UNP Q74CB3 ? ? 'expression tag'        76  64 
2 8QK0 HIS C 98  ? UNP Q74CB3 ? ? 'expression tag'        77  65 
2 8QK0 PRO C 99  ? UNP Q74CB3 ? ? 'expression tag'        78  66 
2 8QK0 GLN C 100 ? UNP Q74CB3 ? ? 'expression tag'        79  67 
2 8QK0 PHE C 101 ? UNP Q74CB3 ? ? 'expression tag'        80  68 
2 8QK0 GLU C 102 ? UNP Q74CB3 ? ? 'expression tag'        81  69 
2 8QK0 LYS C 103 ? UNP Q74CB3 ? ? 'expression tag'        82  70 
# 
loop_
_pdbx_struct_assembly.id 
_pdbx_struct_assembly.details 
_pdbx_struct_assembly.method_details 
_pdbx_struct_assembly.oligomeric_details 
_pdbx_struct_assembly.oligomeric_count 
1 author_defined_assembly ? monomeric 1 
2 author_defined_assembly ? monomeric 1 
# 
loop_
_pdbx_struct_assembly_gen.assembly_id 
_pdbx_struct_assembly_gen.oper_expression 
_pdbx_struct_assembly_gen.asym_id_list 
1 1 A,C,D,E,J   
2 1 B,F,G,H,I,K 
# 
_pdbx_struct_assembly_auth_evidence.id                     1 
_pdbx_struct_assembly_auth_evidence.assembly_id            1 
_pdbx_struct_assembly_auth_evidence.experimental_support   none 
_pdbx_struct_assembly_auth_evidence.details                ? 
# 
_pdbx_struct_oper_list.id                   1 
_pdbx_struct_oper_list.type                 'identity operation' 
_pdbx_struct_oper_list.name                 1_555 
_pdbx_struct_oper_list.symmetry_operation   x,y,z 
_pdbx_struct_oper_list.matrix[1][1]         1.0000000000 
_pdbx_struct_oper_list.matrix[1][2]         0.0000000000 
_pdbx_struct_oper_list.matrix[1][3]         0.0000000000 
_pdbx_struct_oper_list.vector[1]            0.0000000000 
_pdbx_struct_oper_list.matrix[2][1]         0.0000000000 
_pdbx_struct_oper_list.matrix[2][2]         1.0000000000 
_pdbx_struct_oper_list.matrix[2][3]         0.0000000000 
_pdbx_struct_oper_list.vector[2]            0.0000000000 
_pdbx_struct_oper_list.matrix[3][1]         0.0000000000 
_pdbx_struct_oper_list.matrix[3][2]         0.0000000000 
_pdbx_struct_oper_list.matrix[3][3]         1.0000000000 
_pdbx_struct_oper_list.vector[3]            0.0000000000 
# 
loop_
_struct_conf.conf_type_id 
_struct_conf.id 
_struct_conf.pdbx_PDB_helix_id 
_struct_conf.beg_label_comp_id 
_struct_conf.beg_label_asym_id 
_struct_conf.beg_label_seq_id 
_struct_conf.pdbx_beg_PDB_ins_code 
_struct_conf.end_label_comp_id 
_struct_conf.end_label_asym_id 
_struct_conf.end_label_seq_id 
_struct_conf.pdbx_end_PDB_ins_code 
_struct_conf.beg_auth_comp_id 
_struct_conf.beg_auth_asym_id 
_struct_conf.beg_auth_seq_id 
_struct_conf.end_auth_comp_id 
_struct_conf.end_auth_asym_id 
_struct_conf.end_auth_seq_id 
_struct_conf.pdbx_PDB_helix_class 
_struct_conf.details 
_struct_conf.pdbx_PDB_helix_length 
HELX_P HELX_P1 AA1 GLY A 24 ? CYS A 36 ? GLY A 3  CYS A 15 1 ? 13 
HELX_P HELX_P2 AA2 ALA A 57 ? PHE A 65 ? ALA A 36 PHE A 44 1 ? 9  
HELX_P HELX_P3 AA3 GLY A 71 ? ILE A 75 ? GLY A 50 ILE A 54 5 ? 5  
HELX_P HELX_P4 AA4 THR A 78 ? GLY A 93 ? THR A 57 GLY A 72 1 ? 16 
HELX_P HELX_P5 AA5 VAL B 25 ? CYS B 36 ? VAL C 4  CYS C 15 1 ? 12 
HELX_P HELX_P6 AA6 ALA B 57 ? PHE B 65 ? ALA C 36 PHE C 44 1 ? 9  
HELX_P HELX_P7 AA7 GLY B 71 ? ILE B 75 ? GLY C 50 ILE C 54 5 ? 5  
HELX_P HELX_P8 AA8 THR B 78 ? GLY B 93 ? THR C 57 GLY C 72 1 ? 16 
# 
_struct_conf_type.id          HELX_P 
_struct_conf_type.criteria    ? 
_struct_conf_type.reference   ? 
# 
loop_
_struct_conn.id 
_struct_conn.conn_type_id 
_struct_conn.pdbx_leaving_atom_flag 
_struct_conn.pdbx_PDB_id 
_struct_conn.ptnr1_label_asym_id 
_struct_conn.ptnr1_label_comp_id 
_struct_conn.ptnr1_label_seq_id 
_struct_conn.ptnr1_label_atom_id 
_struct_conn.pdbx_ptnr1_label_alt_id 
_struct_conn.pdbx_ptnr1_PDB_ins_code 
_struct_conn.pdbx_ptnr1_standard_comp_id 
_struct_conn.ptnr1_symmetry 
_struct_conn.ptnr2_label_asym_id 
_struct_conn.ptnr2_label_comp_id 
_struct_conn.ptnr2_label_seq_id 
_struct_conn.ptnr2_label_atom_id 
_struct_conn.pdbx_ptnr2_label_alt_id 
_struct_conn.pdbx_ptnr2_PDB_ins_code 
_struct_conn.ptnr1_auth_asym_id 
_struct_conn.ptnr1_auth_comp_id 
_struct_conn.ptnr1_auth_seq_id 
_struct_conn.ptnr2_auth_asym_id 
_struct_conn.ptnr2_auth_comp_id 
_struct_conn.ptnr2_auth_seq_id 
_struct_conn.ptnr2_symmetry 
_struct_conn.pdbx_ptnr3_label_atom_id 
_struct_conn.pdbx_ptnr3_label_seq_id 
_struct_conn.pdbx_ptnr3_label_comp_id 
_struct_conn.pdbx_ptnr3_label_asym_id 
_struct_conn.pdbx_ptnr3_label_alt_id 
_struct_conn.pdbx_ptnr3_PDB_ins_code 
_struct_conn.details 
_struct_conn.pdbx_dist_value 
_struct_conn.pdbx_value_order 
_struct_conn.pdbx_role 
covale1  covale none ? A CYS 36 SG  ? ? ? 1_555 C HEC .  CAB ? ? A CYS 15  A HEC 101 1_555 ? ? ? ? ? ? ? 1.766 ? ? 
covale2  covale none ? A CYS 39 SG  ? ? ? 1_555 C HEC .  CAC ? ? A CYS 18  A HEC 101 1_555 ? ? ? ? ? ? ? 1.771 ? ? 
covale3  covale none ? B CYS 36 SG  ? ? ? 1_555 F HEC .  CAB ? ? C CYS 15  C HEC 101 1_555 ? ? ? ? ? ? ? 1.767 ? ? 
covale4  covale none ? B CYS 39 SG  ? ? ? 1_555 F HEC .  CAC ? ? C CYS 18  C HEC 101 1_555 ? ? ? ? ? ? ? 1.779 ? ? 
metalc1  metalc ?    ? A SER 34 O   ? ? ? 1_555 H NA  .  NA  ? ? A SER 13  C NA  103 1_555 ? ? ? ? ? ? ? 2.333 ? ? 
metalc2  metalc ?    ? A ALA 37 O   ? ? ? 1_555 D NA  .  NA  ? ? A ALA 16  A NA  102 1_555 ? ? ? ? ? ? ? 2.157 ? ? 
metalc3  metalc ?    ? A HIS 40 NE2 ? ? ? 1_555 C HEC .  FE  ? ? A HIS 19  A HEC 101 1_555 ? ? ? ? ? ? ? 1.867 ? ? 
metalc4  metalc ?    ? A HIS 40 O   ? ? ? 1_555 D NA  .  NA  ? ? A HIS 19  A NA  102 1_555 ? ? ? ? ? ? ? 2.371 ? ? 
metalc5  metalc ?    ? A ASP 46 OD1 ? ? ? 1_555 D NA  .  NA  ? ? A ASP 25  A NA  102 1_555 ? ? ? ? ? ? ? 2.762 ? ? 
metalc6  metalc ?    ? A ASP 46 OD2 ? ? ? 1_555 D NA  .  NA  ? ? A ASP 25  A NA  102 1_555 ? ? ? ? ? ? ? 2.360 ? ? 
metalc7  metalc ?    ? A SER 48 O   ? ? ? 1_555 D NA  .  NA  ? ? A SER 27  A NA  102 1_555 ? ? ? ? ? ? ? 2.169 ? ? 
metalc8  metalc ?    ? A ASP 62 O   ? ? ? 1_555 E NA  .  NA  ? ? A ASP 41  A NA  103 1_555 ? ? ? ? ? ? ? 2.311 ? ? 
metalc9  metalc ?    ? A PHE 65 O   ? ? ? 1_555 E NA  .  NA  ? ? A PHE 44  A NA  103 1_555 ? ? ? ? ? ? ? 2.493 ? ? 
metalc10 metalc ?    ? A HIS 72 NE2 ? ? ? 1_555 C HEC .  FE  ? ? A HIS 51  A HEC 101 1_555 ? ? ? ? ? ? ? 2.276 ? ? 
metalc11 metalc ?    ? E NA  .  NA  ? ? ? 1_555 J HOH .  O   ? ? A NA  103 A HOH 218 1_555 ? ? ? ? ? ? ? 2.580 ? ? 
metalc12 metalc ?    ? E NA  .  NA  ? ? ? 1_555 J HOH .  O   ? ? A NA  103 A HOH 232 1_555 ? ? ? ? ? ? ? 2.212 ? ? 
metalc13 metalc ?    ? E NA  .  NA  ? ? ? 1_555 J HOH .  O   ? ? A NA  103 A HOH 262 1_555 ? ? ? ? ? ? ? 2.855 ? ? 
metalc14 metalc ?    ? E NA  .  NA  ? ? ? 1_554 B SER 34 O   ? ? A NA  103 C SER 13  1_555 ? ? ? ? ? ? ? 2.257 ? ? 
metalc15 metalc ?    ? J HOH .  O   ? ? ? 1_555 H NA  .  NA  ? ? A HOH 246 C NA  103 1_555 ? ? ? ? ? ? ? 1.946 ? ? 
metalc16 metalc ?    ? B ALA 37 O   ? ? ? 1_555 G NA  .  NA  ? ? C ALA 16  C NA  102 1_555 ? ? ? ? ? ? ? 2.296 ? ? 
metalc17 metalc ?    ? B HIS 40 NE2 ? ? ? 1_555 F HEC .  FE  ? ? C HIS 19  C HEC 101 1_555 ? ? ? ? ? ? ? 1.908 ? ? 
metalc18 metalc ?    ? B HIS 40 O   ? ? ? 1_555 G NA  .  NA  ? ? C HIS 19  C NA  102 1_555 ? ? ? ? ? ? ? 2.272 ? ? 
metalc19 metalc ?    ? B ASP 46 OD1 ? ? ? 1_555 G NA  .  NA  ? ? C ASP 25  C NA  102 1_555 ? ? ? ? ? ? ? 2.754 ? ? 
metalc20 metalc ?    ? B ASP 46 OD2 ? ? ? 1_555 G NA  .  NA  ? ? C ASP 25  C NA  102 1_555 ? ? ? ? ? ? ? 2.345 ? ? 
metalc21 metalc ?    ? B SER 48 O   ? ? ? 1_555 G NA  .  NA  ? ? C SER 27  C NA  102 1_555 ? ? ? ? ? ? ? 2.144 ? ? 
metalc22 metalc ?    ? B ASP 62 O   ? ? ? 1_555 H NA  .  NA  ? ? C ASP 41  C NA  103 1_555 ? ? ? ? ? ? ? 2.262 ? ? 
metalc23 metalc ?    ? B PHE 65 O   ? ? ? 1_555 H NA  .  NA  ? ? C PHE 44  C NA  103 1_555 ? ? ? ? ? ? ? 2.461 ? ? 
metalc24 metalc ?    ? B HIS 72 NE2 ? ? ? 1_555 F HEC .  FE  ? ? C HIS 51  C HEC 101 1_555 ? ? ? ? ? ? ? 2.324 ? ? 
metalc25 metalc ?    ? G NA  .  NA  ? ? ? 1_555 K HOH .  O   ? ? C NA  102 C HOH 216 1_555 ? ? ? ? ? ? ? 2.306 ? ? 
metalc26 metalc ?    ? H NA  .  NA  ? ? ? 1_555 K HOH .  O   ? ? C NA  103 C HOH 258 1_555 ? ? ? ? ? ? ? 2.979 ? ? 
# 
loop_
_struct_conn_type.id 
_struct_conn_type.criteria 
_struct_conn_type.reference 
covale ? ? 
metalc ? ? 
# 
loop_
_pdbx_struct_conn_angle.id 
_pdbx_struct_conn_angle.ptnr1_label_atom_id 
_pdbx_struct_conn_angle.ptnr1_label_alt_id 
_pdbx_struct_conn_angle.ptnr1_label_asym_id 
_pdbx_struct_conn_angle.ptnr1_label_comp_id 
_pdbx_struct_conn_angle.ptnr1_label_seq_id 
_pdbx_struct_conn_angle.ptnr1_auth_atom_id 
_pdbx_struct_conn_angle.ptnr1_auth_asym_id 
_pdbx_struct_conn_angle.ptnr1_auth_comp_id 
_pdbx_struct_conn_angle.ptnr1_auth_seq_id 
_pdbx_struct_conn_angle.ptnr1_PDB_ins_code 
_pdbx_struct_conn_angle.ptnr1_symmetry 
_pdbx_struct_conn_angle.ptnr2_label_atom_id 
_pdbx_struct_conn_angle.ptnr2_label_alt_id 
_pdbx_struct_conn_angle.ptnr2_label_asym_id 
_pdbx_struct_conn_angle.ptnr2_label_comp_id 
_pdbx_struct_conn_angle.ptnr2_label_seq_id 
_pdbx_struct_conn_angle.ptnr2_auth_atom_id 
_pdbx_struct_conn_angle.ptnr2_auth_asym_id 
_pdbx_struct_conn_angle.ptnr2_auth_comp_id 
_pdbx_struct_conn_angle.ptnr2_auth_seq_id 
_pdbx_struct_conn_angle.ptnr2_PDB_ins_code 
_pdbx_struct_conn_angle.ptnr2_symmetry 
_pdbx_struct_conn_angle.ptnr3_label_atom_id 
_pdbx_struct_conn_angle.ptnr3_label_alt_id 
_pdbx_struct_conn_angle.ptnr3_label_asym_id 
_pdbx_struct_conn_angle.ptnr3_label_comp_id 
_pdbx_struct_conn_angle.ptnr3_label_seq_id 
_pdbx_struct_conn_angle.ptnr3_auth_atom_id 
_pdbx_struct_conn_angle.ptnr3_auth_asym_id 
_pdbx_struct_conn_angle.ptnr3_auth_comp_id 
_pdbx_struct_conn_angle.ptnr3_auth_seq_id 
_pdbx_struct_conn_angle.ptnr3_PDB_ins_code 
_pdbx_struct_conn_angle.ptnr3_symmetry 
_pdbx_struct_conn_angle.value 
_pdbx_struct_conn_angle.value_esd 
1  O   ? A SER 34 ? A SER 13  ? 1_555 NA ? H NA  . ? C NA  103 ? 1_555 O   ? J HOH .  ? A HOH 246 ? 1_555 83.2  ? 
2  O   ? A SER 34 ? A SER 13  ? 1_555 NA ? H NA  . ? C NA  103 ? 1_555 O   ? B ASP 62 ? C ASP 41  ? 1_555 96.5  ? 
3  O   ? J HOH .  ? A HOH 246 ? 1_555 NA ? H NA  . ? C NA  103 ? 1_555 O   ? B ASP 62 ? C ASP 41  ? 1_555 107.8 ? 
4  O   ? A SER 34 ? A SER 13  ? 1_555 NA ? H NA  . ? C NA  103 ? 1_555 O   ? B PHE 65 ? C PHE 44  ? 1_555 174.4 ? 
5  O   ? J HOH .  ? A HOH 246 ? 1_555 NA ? H NA  . ? C NA  103 ? 1_555 O   ? B PHE 65 ? C PHE 44  ? 1_555 96.5  ? 
6  O   ? B ASP 62 ? C ASP 41  ? 1_555 NA ? H NA  . ? C NA  103 ? 1_555 O   ? B PHE 65 ? C PHE 44  ? 1_555 78.3  ? 
7  O   ? A SER 34 ? A SER 13  ? 1_555 NA ? H NA  . ? C NA  103 ? 1_555 O   ? K HOH .  ? C HOH 258 ? 1_555 93.7  ? 
8  O   ? J HOH .  ? A HOH 246 ? 1_555 NA ? H NA  . ? C NA  103 ? 1_555 O   ? K HOH .  ? C HOH 258 ? 1_555 81.8  ? 
9  O   ? B ASP 62 ? C ASP 41  ? 1_555 NA ? H NA  . ? C NA  103 ? 1_555 O   ? K HOH .  ? C HOH 258 ? 1_555 166.7 ? 
10 O   ? B PHE 65 ? C PHE 44  ? 1_555 NA ? H NA  . ? C NA  103 ? 1_555 O   ? K HOH .  ? C HOH 258 ? 1_555 91.7  ? 
11 O   ? A ALA 37 ? A ALA 16  ? 1_555 NA ? D NA  . ? A NA  102 ? 1_555 O   ? A HIS 40 ? A HIS 19  ? 1_555 92.2  ? 
12 O   ? A ALA 37 ? A ALA 16  ? 1_555 NA ? D NA  . ? A NA  102 ? 1_555 OD1 ? A ASP 46 ? A ASP 25  ? 1_555 143.7 ? 
13 O   ? A HIS 40 ? A HIS 19  ? 1_555 NA ? D NA  . ? A NA  102 ? 1_555 OD1 ? A ASP 46 ? A ASP 25  ? 1_555 109.3 ? 
14 O   ? A ALA 37 ? A ALA 16  ? 1_555 NA ? D NA  . ? A NA  102 ? 1_555 OD2 ? A ASP 46 ? A ASP 25  ? 1_555 107.4 ? 
15 O   ? A HIS 40 ? A HIS 19  ? 1_555 NA ? D NA  . ? A NA  102 ? 1_555 OD2 ? A ASP 46 ? A ASP 25  ? 1_555 81.7  ? 
16 OD1 ? A ASP 46 ? A ASP 25  ? 1_555 NA ? D NA  . ? A NA  102 ? 1_555 OD2 ? A ASP 46 ? A ASP 25  ? 1_555 50.6  ? 
17 O   ? A ALA 37 ? A ALA 16  ? 1_555 NA ? D NA  . ? A NA  102 ? 1_555 O   ? A SER 48 ? A SER 27  ? 1_555 130.7 ? 
18 O   ? A HIS 40 ? A HIS 19  ? 1_555 NA ? D NA  . ? A NA  102 ? 1_555 O   ? A SER 48 ? A SER 27  ? 1_555 90.6  ? 
19 OD1 ? A ASP 46 ? A ASP 25  ? 1_555 NA ? D NA  . ? A NA  102 ? 1_555 O   ? A SER 48 ? A SER 27  ? 1_555 79.5  ? 
20 OD2 ? A ASP 46 ? A ASP 25  ? 1_555 NA ? D NA  . ? A NA  102 ? 1_555 O   ? A SER 48 ? A SER 27  ? 1_555 121.8 ? 
21 NE2 ? A HIS 40 ? A HIS 19  ? 1_555 FE ? C HEC . ? A HEC 101 ? 1_555 NA  ? C HEC .  ? A HEC 101 ? 1_555 90.2  ? 
22 NE2 ? A HIS 40 ? A HIS 19  ? 1_555 FE ? C HEC . ? A HEC 101 ? 1_555 NB  ? C HEC .  ? A HEC 101 ? 1_555 85.4  ? 
23 NA  ? C HEC .  ? A HEC 101 ? 1_555 FE ? C HEC . ? A HEC 101 ? 1_555 NB  ? C HEC .  ? A HEC 101 ? 1_555 91.8  ? 
24 NE2 ? A HIS 40 ? A HIS 19  ? 1_555 FE ? C HEC . ? A HEC 101 ? 1_555 NC  ? C HEC .  ? A HEC 101 ? 1_555 85.9  ? 
25 NA  ? C HEC .  ? A HEC 101 ? 1_555 FE ? C HEC . ? A HEC 101 ? 1_555 NC  ? C HEC .  ? A HEC 101 ? 1_555 176.1 ? 
26 NB  ? C HEC .  ? A HEC 101 ? 1_555 FE ? C HEC . ? A HEC 101 ? 1_555 NC  ? C HEC .  ? A HEC 101 ? 1_555 87.9  ? 
27 NE2 ? A HIS 40 ? A HIS 19  ? 1_555 FE ? C HEC . ? A HEC 101 ? 1_555 ND  ? C HEC .  ? A HEC 101 ? 1_555 91.2  ? 
28 NA  ? C HEC .  ? A HEC 101 ? 1_555 FE ? C HEC . ? A HEC 101 ? 1_555 ND  ? C HEC .  ? A HEC 101 ? 1_555 88.8  ? 
29 NB  ? C HEC .  ? A HEC 101 ? 1_555 FE ? C HEC . ? A HEC 101 ? 1_555 ND  ? C HEC .  ? A HEC 101 ? 1_555 176.6 ? 
30 NC  ? C HEC .  ? A HEC 101 ? 1_555 FE ? C HEC . ? A HEC 101 ? 1_555 ND  ? C HEC .  ? A HEC 101 ? 1_555 91.2  ? 
31 NE2 ? A HIS 40 ? A HIS 19  ? 1_555 FE ? C HEC . ? A HEC 101 ? 1_555 NE2 ? A HIS 72 ? A HIS 51  ? 1_555 177.2 ? 
32 NA  ? C HEC .  ? A HEC 101 ? 1_555 FE ? C HEC . ? A HEC 101 ? 1_555 NE2 ? A HIS 72 ? A HIS 51  ? 1_555 87.4  ? 
33 NB  ? C HEC .  ? A HEC 101 ? 1_555 FE ? C HEC . ? A HEC 101 ? 1_555 NE2 ? A HIS 72 ? A HIS 51  ? 1_555 96.1  ? 
34 NC  ? C HEC .  ? A HEC 101 ? 1_555 FE ? C HEC . ? A HEC 101 ? 1_555 NE2 ? A HIS 72 ? A HIS 51  ? 1_555 96.6  ? 
35 ND  ? C HEC .  ? A HEC 101 ? 1_555 FE ? C HEC . ? A HEC 101 ? 1_555 NE2 ? A HIS 72 ? A HIS 51  ? 1_555 87.3  ? 
36 O   ? A ASP 62 ? A ASP 41  ? 1_555 NA ? E NA  . ? A NA  103 ? 1_555 O   ? A PHE 65 ? A PHE 44  ? 1_555 79.8  ? 
37 O   ? A ASP 62 ? A ASP 41  ? 1_555 NA ? E NA  . ? A NA  103 ? 1_555 O   ? J HOH .  ? A HOH 218 ? 1_555 79.9  ? 
38 O   ? A PHE 65 ? A PHE 44  ? 1_555 NA ? E NA  . ? A NA  103 ? 1_555 O   ? J HOH .  ? A HOH 218 ? 1_555 73.4  ? 
39 O   ? A ASP 62 ? A ASP 41  ? 1_555 NA ? E NA  . ? A NA  103 ? 1_555 O   ? J HOH .  ? A HOH 232 ? 1_555 108.2 ? 
40 O   ? A PHE 65 ? A PHE 44  ? 1_555 NA ? E NA  . ? A NA  103 ? 1_555 O   ? J HOH .  ? A HOH 232 ? 1_555 91.1  ? 
41 O   ? J HOH .  ? A HOH 218 ? 1_555 NA ? E NA  . ? A NA  103 ? 1_555 O   ? J HOH .  ? A HOH 232 ? 1_555 161.3 ? 
42 O   ? A ASP 62 ? A ASP 41  ? 1_555 NA ? E NA  . ? A NA  103 ? 1_555 O   ? J HOH .  ? A HOH 262 ? 1_555 173.1 ? 
43 O   ? A PHE 65 ? A PHE 44  ? 1_555 NA ? E NA  . ? A NA  103 ? 1_555 O   ? J HOH .  ? A HOH 262 ? 1_555 93.9  ? 
44 O   ? J HOH .  ? A HOH 218 ? 1_555 NA ? E NA  . ? A NA  103 ? 1_555 O   ? J HOH .  ? A HOH 262 ? 1_555 101.2 ? 
45 O   ? J HOH .  ? A HOH 232 ? 1_555 NA ? E NA  . ? A NA  103 ? 1_555 O   ? J HOH .  ? A HOH 262 ? 1_555 68.7  ? 
46 O   ? A ASP 62 ? A ASP 41  ? 1_555 NA ? E NA  . ? A NA  103 ? 1_555 O   ? B SER 34 ? C SER 13  ? 1_555 91.8  ? 
47 O   ? A PHE 65 ? A PHE 44  ? 1_555 NA ? E NA  . ? A NA  103 ? 1_555 O   ? B SER 34 ? C SER 13  ? 1_555 13.7  ? 
48 O   ? J HOH .  ? A HOH 218 ? 1_555 NA ? E NA  . ? A NA  103 ? 1_555 O   ? B SER 34 ? C SER 13  ? 1_555 82.0  ? 
49 O   ? J HOH .  ? A HOH 232 ? 1_555 NA ? E NA  . ? A NA  103 ? 1_555 O   ? B SER 34 ? C SER 13  ? 1_555 80.9  ? 
50 O   ? J HOH .  ? A HOH 262 ? 1_555 NA ? E NA  . ? A NA  103 ? 1_555 O   ? B SER 34 ? C SER 13  ? 1_555 81.6  ? 
51 O   ? B ALA 37 ? C ALA 16  ? 1_555 NA ? G NA  . ? C NA  102 ? 1_555 O   ? B HIS 40 ? C HIS 19  ? 1_555 97.1  ? 
52 O   ? B ALA 37 ? C ALA 16  ? 1_555 NA ? G NA  . ? C NA  102 ? 1_555 OD1 ? B ASP 46 ? C ASP 25  ? 1_555 140.3 ? 
53 O   ? B HIS 40 ? C HIS 19  ? 1_555 NA ? G NA  . ? C NA  102 ? 1_555 OD1 ? B ASP 46 ? C ASP 25  ? 1_555 109.8 ? 
54 O   ? B ALA 37 ? C ALA 16  ? 1_555 NA ? G NA  . ? C NA  102 ? 1_555 OD2 ? B ASP 46 ? C ASP 25  ? 1_555 102.9 ? 
55 O   ? B HIS 40 ? C HIS 19  ? 1_555 NA ? G NA  . ? C NA  102 ? 1_555 OD2 ? B ASP 46 ? C ASP 25  ? 1_555 90.8  ? 
56 OD1 ? B ASP 46 ? C ASP 25  ? 1_555 NA ? G NA  . ? C NA  102 ? 1_555 OD2 ? B ASP 46 ? C ASP 25  ? 1_555 50.0  ? 
57 O   ? B ALA 37 ? C ALA 16  ? 1_555 NA ? G NA  . ? C NA  102 ? 1_555 O   ? B SER 48 ? C SER 27  ? 1_555 136.5 ? 
58 O   ? B HIS 40 ? C HIS 19  ? 1_555 NA ? G NA  . ? C NA  102 ? 1_555 O   ? B SER 48 ? C SER 27  ? 1_555 88.9  ? 
59 OD1 ? B ASP 46 ? C ASP 25  ? 1_555 NA ? G NA  . ? C NA  102 ? 1_555 O   ? B SER 48 ? C SER 27  ? 1_555 74.2  ? 
60 OD2 ? B ASP 46 ? C ASP 25  ? 1_555 NA ? G NA  . ? C NA  102 ? 1_555 O   ? B SER 48 ? C SER 27  ? 1_555 120.1 ? 
61 O   ? B ALA 37 ? C ALA 16  ? 1_555 NA ? G NA  . ? C NA  102 ? 1_555 O   ? K HOH .  ? C HOH 216 ? 1_555 98.0  ? 
62 O   ? B HIS 40 ? C HIS 19  ? 1_555 NA ? G NA  . ? C NA  102 ? 1_555 O   ? K HOH .  ? C HOH 216 ? 1_555 162.6 ? 
63 OD1 ? B ASP 46 ? C ASP 25  ? 1_555 NA ? G NA  . ? C NA  102 ? 1_555 O   ? K HOH .  ? C HOH 216 ? 1_555 62.2  ? 
64 OD2 ? B ASP 46 ? C ASP 25  ? 1_555 NA ? G NA  . ? C NA  102 ? 1_555 O   ? K HOH .  ? C HOH 216 ? 1_555 94.3  ? 
65 O   ? B SER 48 ? C SER 27  ? 1_555 NA ? G NA  . ? C NA  102 ? 1_555 O   ? K HOH .  ? C HOH 216 ? 1_555 74.1  ? 
66 NE2 ? B HIS 40 ? C HIS 19  ? 1_555 FE ? F HEC . ? C HEC 101 ? 1_555 NA  ? F HEC .  ? C HEC 101 ? 1_555 95.2  ? 
67 NE2 ? B HIS 40 ? C HIS 19  ? 1_555 FE ? F HEC . ? C HEC 101 ? 1_555 NB  ? F HEC .  ? C HEC 101 ? 1_555 85.5  ? 
68 NA  ? F HEC .  ? C HEC 101 ? 1_555 FE ? F HEC . ? C HEC 101 ? 1_555 NB  ? F HEC .  ? C HEC 101 ? 1_555 91.6  ? 
69 NE2 ? B HIS 40 ? C HIS 19  ? 1_555 FE ? F HEC . ? C HEC 101 ? 1_555 NC  ? F HEC .  ? C HEC 101 ? 1_555 86.3  ? 
70 NA  ? F HEC .  ? C HEC 101 ? 1_555 FE ? F HEC . ? C HEC 101 ? 1_555 NC  ? F HEC .  ? C HEC 101 ? 1_555 178.4 ? 
71 NB  ? F HEC .  ? C HEC 101 ? 1_555 FE ? F HEC . ? C HEC 101 ? 1_555 NC  ? F HEC .  ? C HEC 101 ? 1_555 87.9  ? 
72 NE2 ? B HIS 40 ? C HIS 19  ? 1_555 FE ? F HEC . ? C HEC 101 ? 1_555 ND  ? F HEC .  ? C HEC 101 ? 1_555 95.6  ? 
73 NA  ? F HEC .  ? C HEC 101 ? 1_555 FE ? F HEC . ? C HEC 101 ? 1_555 ND  ? F HEC .  ? C HEC 101 ? 1_555 90.9  ? 
74 NB  ? F HEC .  ? C HEC 101 ? 1_555 FE ? F HEC . ? C HEC 101 ? 1_555 ND  ? F HEC .  ? C HEC 101 ? 1_555 177.2 ? 
75 NC  ? F HEC .  ? C HEC 101 ? 1_555 FE ? F HEC . ? C HEC 101 ? 1_555 ND  ? F HEC .  ? C HEC 101 ? 1_555 89.6  ? 
76 NE2 ? B HIS 40 ? C HIS 19  ? 1_555 FE ? F HEC . ? C HEC 101 ? 1_555 NE2 ? B HIS 72 ? C HIS 51  ? 1_555 176.2 ? 
77 NA  ? F HEC .  ? C HEC 101 ? 1_555 FE ? F HEC . ? C HEC 101 ? 1_555 NE2 ? B HIS 72 ? C HIS 51  ? 1_555 87.8  ? 
78 NB  ? F HEC .  ? C HEC 101 ? 1_555 FE ? F HEC . ? C HEC 101 ? 1_555 NE2 ? B HIS 72 ? C HIS 51  ? 1_555 96.9  ? 
79 NC  ? F HEC .  ? C HEC 101 ? 1_555 FE ? F HEC . ? C HEC 101 ? 1_555 NE2 ? B HIS 72 ? C HIS 51  ? 1_555 90.8  ? 
80 ND  ? F HEC .  ? C HEC 101 ? 1_555 FE ? F HEC . ? C HEC 101 ? 1_555 NE2 ? B HIS 72 ? C HIS 51  ? 1_555 81.9  ? 
# 
loop_
_pdbx_modification_feature.ordinal 
_pdbx_modification_feature.label_comp_id 
_pdbx_modification_feature.label_asym_id 
_pdbx_modification_feature.label_seq_id 
_pdbx_modification_feature.label_alt_id 
_pdbx_modification_feature.modified_residue_label_comp_id 
_pdbx_modification_feature.modified_residue_label_asym_id 
_pdbx_modification_feature.modified_residue_label_seq_id 
_pdbx_modification_feature.modified_residue_label_alt_id 
_pdbx_modification_feature.auth_comp_id 
_pdbx_modification_feature.auth_asym_id 
_pdbx_modification_feature.auth_seq_id 
_pdbx_modification_feature.PDB_ins_code 
_pdbx_modification_feature.symmetry 
_pdbx_modification_feature.modified_residue_auth_comp_id 
_pdbx_modification_feature.modified_residue_auth_asym_id 
_pdbx_modification_feature.modified_residue_auth_seq_id 
_pdbx_modification_feature.modified_residue_PDB_ins_code 
_pdbx_modification_feature.modified_residue_symmetry 
_pdbx_modification_feature.comp_id_linking_atom 
_pdbx_modification_feature.modified_residue_id_linking_atom 
_pdbx_modification_feature.modified_residue_id 
_pdbx_modification_feature.ref_pcm_id 
_pdbx_modification_feature.ref_comp_id 
_pdbx_modification_feature.type 
_pdbx_modification_feature.category 
1 HEC C . ? CYS A 36 ? HEC A 101 ? 1_555 CYS A 15 ? 1_555 CAB SG CYS 2 HEC None Heme/heme-like 
2 HEC C . ? CYS A 39 ? HEC A 101 ? 1_555 CYS A 18 ? 1_555 CAC SG CYS 3 HEC None Heme/heme-like 
3 HEC F . ? CYS B 36 ? HEC C 101 ? 1_555 CYS C 15 ? 1_555 CAB SG CYS 2 HEC None Heme/heme-like 
4 HEC F . ? CYS B 39 ? HEC C 101 ? 1_555 CYS C 18 ? 1_555 CAC SG CYS 3 HEC None Heme/heme-like 
# 
_pdbx_entry_details.entry_id                   8QK0 
_pdbx_entry_details.has_ligand_of_interest     Y 
_pdbx_entry_details.compound_details           ? 
_pdbx_entry_details.source_details             ? 
_pdbx_entry_details.nonpolymer_details         ? 
_pdbx_entry_details.sequence_details           ? 
_pdbx_entry_details.has_protein_modification   Y 
# 
loop_
_pdbx_validate_close_contact.id 
_pdbx_validate_close_contact.PDB_model_num 
_pdbx_validate_close_contact.auth_atom_id_1 
_pdbx_validate_close_contact.auth_asym_id_1 
_pdbx_validate_close_contact.auth_comp_id_1 
_pdbx_validate_close_contact.auth_seq_id_1 
_pdbx_validate_close_contact.PDB_ins_code_1 
_pdbx_validate_close_contact.label_alt_id_1 
_pdbx_validate_close_contact.auth_atom_id_2 
_pdbx_validate_close_contact.auth_asym_id_2 
_pdbx_validate_close_contact.auth_comp_id_2 
_pdbx_validate_close_contact.auth_seq_id_2 
_pdbx_validate_close_contact.PDB_ins_code_2 
_pdbx_validate_close_contact.label_alt_id_2 
_pdbx_validate_close_contact.dist 
1  1 O  C HOH 252 ? ? O C HOH 263 ? ? 1.93 
2  1 O  A HOH 280 ? ? O A HOH 285 ? ? 2.00 
3  1 O  C HOH 222 ? ? O C HOH 255 ? ? 2.02 
4  1 O  A HOH 205 ? ? O A HOH 245 ? ? 2.03 
5  1 O3 C GOL 104 ? ? O C HOH 201 ? ? 2.04 
6  1 N  A GLY 3   ? ? O A HOH 201 ? ? 2.07 
7  1 O  C HOH 255 ? ? O C HOH 257 ? ? 2.09 
8  1 O  C HOH 283 ? ? O C HOH 290 ? ? 2.11 
9  1 O  A HOH 241 ? ? O A HOH 264 ? ? 2.11 
10 1 O  C HOH 277 ? ? O C HOH 286 ? ? 2.13 
11 1 O  A HOH 247 ? ? O A HOH 283 ? ? 2.17 
12 1 O  C HOH 272 ? ? O C HOH 284 ? ? 2.18 
# 
_pdbx_validate_symm_contact.id                1 
_pdbx_validate_symm_contact.PDB_model_num     1 
_pdbx_validate_symm_contact.auth_atom_id_1    O 
_pdbx_validate_symm_contact.auth_asym_id_1    C 
_pdbx_validate_symm_contact.auth_comp_id_1    HOH 
_pdbx_validate_symm_contact.auth_seq_id_1     240 
_pdbx_validate_symm_contact.PDB_ins_code_1    ? 
_pdbx_validate_symm_contact.label_alt_id_1    ? 
_pdbx_validate_symm_contact.site_symmetry_1   1_555 
_pdbx_validate_symm_contact.auth_atom_id_2    O 
_pdbx_validate_symm_contact.auth_asym_id_2    C 
_pdbx_validate_symm_contact.auth_comp_id_2    HOH 
_pdbx_validate_symm_contact.auth_seq_id_2     245 
_pdbx_validate_symm_contact.PDB_ins_code_2    ? 
_pdbx_validate_symm_contact.label_alt_id_2    ? 
_pdbx_validate_symm_contact.site_symmetry_2   4_545 
_pdbx_validate_symm_contact.dist              2.17 
# 
_pdbx_validate_planes.id              1 
_pdbx_validate_planes.PDB_model_num   1 
_pdbx_validate_planes.auth_comp_id    ARG 
_pdbx_validate_planes.auth_asym_id    C 
_pdbx_validate_planes.auth_seq_id     35 
_pdbx_validate_planes.PDB_ins_code    ? 
_pdbx_validate_planes.label_alt_id    ? 
_pdbx_validate_planes.rmsd            0.119 
_pdbx_validate_planes.type            'SIDE CHAIN' 
# 
_pdbx_validate_main_chain_plane.id                       1 
_pdbx_validate_main_chain_plane.PDB_model_num            1 
_pdbx_validate_main_chain_plane.auth_comp_id             ASN 
_pdbx_validate_main_chain_plane.auth_asym_id             C 
_pdbx_validate_main_chain_plane.auth_seq_id              71 
_pdbx_validate_main_chain_plane.PDB_ins_code             ? 
_pdbx_validate_main_chain_plane.label_alt_id             ? 
_pdbx_validate_main_chain_plane.improper_torsion_angle   -13.81 
# 
loop_
_pdbx_unobs_or_zero_occ_residues.id 
_pdbx_unobs_or_zero_occ_residues.PDB_model_num 
_pdbx_unobs_or_zero_occ_residues.polymer_flag 
_pdbx_unobs_or_zero_occ_residues.occupancy_flag 
_pdbx_unobs_or_zero_occ_residues.auth_asym_id 
_pdbx_unobs_or_zero_occ_residues.auth_comp_id 
_pdbx_unobs_or_zero_occ_residues.auth_seq_id 
_pdbx_unobs_or_zero_occ_residues.PDB_ins_code 
_pdbx_unobs_or_zero_occ_residues.label_asym_id 
_pdbx_unobs_or_zero_occ_residues.label_comp_id 
_pdbx_unobs_or_zero_occ_residues.label_seq_id 
1  1 Y 1 A MET -20 ? A MET 1   
2  1 Y 1 A LYS -19 ? A LYS 2   
3  1 Y 1 A PHE -18 ? A PHE 3   
4  1 Y 1 A LYS -17 ? A LYS 4   
5  1 Y 1 A LEU -16 ? A LEU 5   
6  1 Y 1 A ASN -15 ? A ASN 6   
7  1 Y 1 A LEU -14 ? A LEU 7   
8  1 Y 1 A ILE -13 ? A ILE 8   
9  1 Y 1 A THR -12 ? A THR 9   
10 1 Y 1 A LEU -11 ? A LEU 10  
11 1 Y 1 A ALA -10 ? A ALA 11  
12 1 Y 1 A LEU -9  ? A LEU 12  
13 1 Y 1 A LEU -8  ? A LEU 13  
14 1 Y 1 A ALA -7  ? A ALA 14  
15 1 Y 1 A ASN -6  ? A ASN 15  
16 1 Y 1 A THR -5  ? A THR 16  
17 1 Y 1 A GLY -4  ? A GLY 17  
18 1 Y 1 A LEU -3  ? A LEU 18  
19 1 Y 1 A ALA -2  ? A ALA 19  
20 1 Y 1 A VAL -1  ? A VAL 20  
21 1 Y 1 A ALA 0   ? A ALA 21  
22 1 Y 1 A ALA 1   ? A ALA 22  
23 1 Y 1 A ASP 2   ? A ASP 23  
24 1 Y 1 A SER 73  ? A SER 94  
25 1 Y 1 A GLY 74  ? A GLY 95  
26 1 Y 1 A TRP 75  ? A TRP 96  
27 1 Y 1 A GLU 81  ? A GLU 102 
28 1 Y 1 A LYS 82  ? A LYS 103 
29 1 Y 1 C MET -20 ? B MET 1   
30 1 Y 1 C LYS -19 ? B LYS 2   
31 1 Y 1 C PHE -18 ? B PHE 3   
32 1 Y 1 C LYS -17 ? B LYS 4   
33 1 Y 1 C LEU -16 ? B LEU 5   
34 1 Y 1 C ASN -15 ? B ASN 6   
35 1 Y 1 C LEU -14 ? B LEU 7   
36 1 Y 1 C ILE -13 ? B ILE 8   
37 1 Y 1 C THR -12 ? B THR 9   
38 1 Y 1 C LEU -11 ? B LEU 10  
39 1 Y 1 C ALA -10 ? B ALA 11  
40 1 Y 1 C LEU -9  ? B LEU 12  
41 1 Y 1 C LEU -8  ? B LEU 13  
42 1 Y 1 C ALA -7  ? B ALA 14  
43 1 Y 1 C ASN -6  ? B ASN 15  
44 1 Y 1 C THR -5  ? B THR 16  
45 1 Y 1 C GLY -4  ? B GLY 17  
46 1 Y 1 C LEU -3  ? B LEU 18  
47 1 Y 1 C ALA -2  ? B ALA 19  
48 1 Y 1 C VAL -1  ? B VAL 20  
49 1 Y 1 C ALA 0   ? B ALA 21  
50 1 Y 1 C ALA 1   ? B ALA 22  
51 1 Y 1 C ASP 2   ? B ASP 23  
52 1 Y 1 C SER 73  ? B SER 94  
53 1 Y 1 C GLY 74  ? B GLY 95  
54 1 Y 1 C TRP 75  ? B TRP 96  
55 1 Y 1 C SER 76  ? B SER 97  
56 1 Y 1 C HIS 77  ? B HIS 98  
57 1 Y 1 C PRO 78  ? B PRO 99  
58 1 Y 1 C GLN 79  ? B GLN 100 
59 1 Y 1 C PHE 80  ? B PHE 101 
60 1 Y 1 C GLU 81  ? B GLU 102 
61 1 Y 1 C LYS 82  ? B LYS 103 
# 
loop_
_chem_comp_atom.comp_id 
_chem_comp_atom.atom_id 
_chem_comp_atom.type_symbol 
_chem_comp_atom.pdbx_aromatic_flag 
_chem_comp_atom.pdbx_stereo_config 
_chem_comp_atom.pdbx_ordinal 
ALA N    N  N N 1   
ALA CA   C  N S 2   
ALA C    C  N N 3   
ALA O    O  N N 4   
ALA CB   C  N N 5   
ALA OXT  O  N N 6   
ALA H    H  N N 7   
ALA H2   H  N N 8   
ALA HA   H  N N 9   
ALA HB1  H  N N 10  
ALA HB2  H  N N 11  
ALA HB3  H  N N 12  
ALA HXT  H  N N 13  
ARG N    N  N N 14  
ARG CA   C  N S 15  
ARG C    C  N N 16  
ARG O    O  N N 17  
ARG CB   C  N N 18  
ARG CG   C  N N 19  
ARG CD   C  N N 20  
ARG NE   N  N N 21  
ARG CZ   C  N N 22  
ARG NH1  N  N N 23  
ARG NH2  N  N N 24  
ARG OXT  O  N N 25  
ARG H    H  N N 26  
ARG H2   H  N N 27  
ARG HA   H  N N 28  
ARG HB2  H  N N 29  
ARG HB3  H  N N 30  
ARG HG2  H  N N 31  
ARG HG3  H  N N 32  
ARG HD2  H  N N 33  
ARG HD3  H  N N 34  
ARG HE   H  N N 35  
ARG HH11 H  N N 36  
ARG HH12 H  N N 37  
ARG HH21 H  N N 38  
ARG HH22 H  N N 39  
ARG HXT  H  N N 40  
ASN N    N  N N 41  
ASN CA   C  N S 42  
ASN C    C  N N 43  
ASN O    O  N N 44  
ASN CB   C  N N 45  
ASN CG   C  N N 46  
ASN OD1  O  N N 47  
ASN ND2  N  N N 48  
ASN OXT  O  N N 49  
ASN H    H  N N 50  
ASN H2   H  N N 51  
ASN HA   H  N N 52  
ASN HB2  H  N N 53  
ASN HB3  H  N N 54  
ASN HD21 H  N N 55  
ASN HD22 H  N N 56  
ASN HXT  H  N N 57  
ASP N    N  N N 58  
ASP CA   C  N S 59  
ASP C    C  N N 60  
ASP O    O  N N 61  
ASP CB   C  N N 62  
ASP CG   C  N N 63  
ASP OD1  O  N N 64  
ASP OD2  O  N N 65  
ASP OXT  O  N N 66  
ASP H    H  N N 67  
ASP H2   H  N N 68  
ASP HA   H  N N 69  
ASP HB2  H  N N 70  
ASP HB3  H  N N 71  
ASP HD2  H  N N 72  
ASP HXT  H  N N 73  
CYS N    N  N N 74  
CYS CA   C  N R 75  
CYS C    C  N N 76  
CYS O    O  N N 77  
CYS CB   C  N N 78  
CYS SG   S  N N 79  
CYS OXT  O  N N 80  
CYS H    H  N N 81  
CYS H2   H  N N 82  
CYS HA   H  N N 83  
CYS HB2  H  N N 84  
CYS HB3  H  N N 85  
CYS HG   H  N N 86  
CYS HXT  H  N N 87  
GLN N    N  N N 88  
GLN CA   C  N S 89  
GLN C    C  N N 90  
GLN O    O  N N 91  
GLN CB   C  N N 92  
GLN CG   C  N N 93  
GLN CD   C  N N 94  
GLN OE1  O  N N 95  
GLN NE2  N  N N 96  
GLN OXT  O  N N 97  
GLN H    H  N N 98  
GLN H2   H  N N 99  
GLN HA   H  N N 100 
GLN HB2  H  N N 101 
GLN HB3  H  N N 102 
GLN HG2  H  N N 103 
GLN HG3  H  N N 104 
GLN HE21 H  N N 105 
GLN HE22 H  N N 106 
GLN HXT  H  N N 107 
GLU N    N  N N 108 
GLU CA   C  N S 109 
GLU C    C  N N 110 
GLU O    O  N N 111 
GLU CB   C  N N 112 
GLU CG   C  N N 113 
GLU CD   C  N N 114 
GLU OE1  O  N N 115 
GLU OE2  O  N N 116 
GLU OXT  O  N N 117 
GLU H    H  N N 118 
GLU H2   H  N N 119 
GLU HA   H  N N 120 
GLU HB2  H  N N 121 
GLU HB3  H  N N 122 
GLU HG2  H  N N 123 
GLU HG3  H  N N 124 
GLU HE2  H  N N 125 
GLU HXT  H  N N 126 
GLY N    N  N N 127 
GLY CA   C  N N 128 
GLY C    C  N N 129 
GLY O    O  N N 130 
GLY OXT  O  N N 131 
GLY H    H  N N 132 
GLY H2   H  N N 133 
GLY HA2  H  N N 134 
GLY HA3  H  N N 135 
GLY HXT  H  N N 136 
GOL C1   C  N N 137 
GOL O1   O  N N 138 
GOL C2   C  N N 139 
GOL O2   O  N N 140 
GOL C3   C  N N 141 
GOL O3   O  N N 142 
GOL H11  H  N N 143 
GOL H12  H  N N 144 
GOL HO1  H  N N 145 
GOL H2   H  N N 146 
GOL HO2  H  N N 147 
GOL H31  H  N N 148 
GOL H32  H  N N 149 
GOL HO3  H  N N 150 
HEC FE   FE N N 151 
HEC CHA  C  N N 152 
HEC CHB  C  N N 153 
HEC CHC  C  N N 154 
HEC CHD  C  N N 155 
HEC NA   N  Y N 156 
HEC C1A  C  Y N 157 
HEC C2A  C  Y N 158 
HEC C3A  C  Y N 159 
HEC C4A  C  Y N 160 
HEC CMA  C  N N 161 
HEC CAA  C  N N 162 
HEC CBA  C  N N 163 
HEC CGA  C  N N 164 
HEC O1A  O  N N 165 
HEC O2A  O  N N 166 
HEC NB   N  Y N 167 
HEC C1B  C  Y N 168 
HEC C2B  C  Y N 169 
HEC C3B  C  Y N 170 
HEC C4B  C  Y N 171 
HEC CMB  C  N N 172 
HEC CAB  C  N N 173 
HEC CBB  C  N N 174 
HEC NC   N  Y N 175 
HEC C1C  C  Y N 176 
HEC C2C  C  Y N 177 
HEC C3C  C  Y N 178 
HEC C4C  C  Y N 179 
HEC CMC  C  N N 180 
HEC CAC  C  N N 181 
HEC CBC  C  N N 182 
HEC ND   N  Y N 183 
HEC C1D  C  Y N 184 
HEC C2D  C  Y N 185 
HEC C3D  C  Y N 186 
HEC C4D  C  Y N 187 
HEC CMD  C  N N 188 
HEC CAD  C  N N 189 
HEC CBD  C  N N 190 
HEC CGD  C  N N 191 
HEC O1D  O  N N 192 
HEC O2D  O  N N 193 
HEC HHA  H  N N 194 
HEC HHB  H  N N 195 
HEC HHC  H  N N 196 
HEC HHD  H  N N 197 
HEC HMA1 H  N N 198 
HEC HMA2 H  N N 199 
HEC HMA3 H  N N 200 
HEC HAA1 H  N N 201 
HEC HAA2 H  N N 202 
HEC HBA1 H  N N 203 
HEC HBA2 H  N N 204 
HEC H2A  H  N N 205 
HEC HMB1 H  N N 206 
HEC HMB2 H  N N 207 
HEC HMB3 H  N N 208 
HEC HAB  H  N N 209 
HEC HBB1 H  N N 210 
HEC HBB2 H  N N 211 
HEC HBB3 H  N N 212 
HEC HMC1 H  N N 213 
HEC HMC2 H  N N 214 
HEC HMC3 H  N N 215 
HEC HAC  H  N N 216 
HEC HBC1 H  N N 217 
HEC HBC2 H  N N 218 
HEC HBC3 H  N N 219 
HEC HMD1 H  N N 220 
HEC HMD2 H  N N 221 
HEC HMD3 H  N N 222 
HEC HAD1 H  N N 223 
HEC HAD2 H  N N 224 
HEC HBD1 H  N N 225 
HEC HBD2 H  N N 226 
HEC H2D  H  N N 227 
HIS N    N  N N 228 
HIS CA   C  N S 229 
HIS C    C  N N 230 
HIS O    O  N N 231 
HIS CB   C  N N 232 
HIS CG   C  Y N 233 
HIS ND1  N  Y N 234 
HIS CD2  C  Y N 235 
HIS CE1  C  Y N 236 
HIS NE2  N  Y N 237 
HIS OXT  O  N N 238 
HIS H    H  N N 239 
HIS H2   H  N N 240 
HIS HA   H  N N 241 
HIS HB2  H  N N 242 
HIS HB3  H  N N 243 
HIS HD1  H  N N 244 
HIS HD2  H  N N 245 
HIS HE1  H  N N 246 
HIS HE2  H  N N 247 
HIS HXT  H  N N 248 
HOH O    O  N N 249 
HOH H1   H  N N 250 
HOH H2   H  N N 251 
ILE N    N  N N 252 
ILE CA   C  N S 253 
ILE C    C  N N 254 
ILE O    O  N N 255 
ILE CB   C  N S 256 
ILE CG1  C  N N 257 
ILE CG2  C  N N 258 
ILE CD1  C  N N 259 
ILE OXT  O  N N 260 
ILE H    H  N N 261 
ILE H2   H  N N 262 
ILE HA   H  N N 263 
ILE HB   H  N N 264 
ILE HG12 H  N N 265 
ILE HG13 H  N N 266 
ILE HG21 H  N N 267 
ILE HG22 H  N N 268 
ILE HG23 H  N N 269 
ILE HD11 H  N N 270 
ILE HD12 H  N N 271 
ILE HD13 H  N N 272 
ILE HXT  H  N N 273 
LEU N    N  N N 274 
LEU CA   C  N S 275 
LEU C    C  N N 276 
LEU O    O  N N 277 
LEU CB   C  N N 278 
LEU CG   C  N N 279 
LEU CD1  C  N N 280 
LEU CD2  C  N N 281 
LEU OXT  O  N N 282 
LEU H    H  N N 283 
LEU H2   H  N N 284 
LEU HA   H  N N 285 
LEU HB2  H  N N 286 
LEU HB3  H  N N 287 
LEU HG   H  N N 288 
LEU HD11 H  N N 289 
LEU HD12 H  N N 290 
LEU HD13 H  N N 291 
LEU HD21 H  N N 292 
LEU HD22 H  N N 293 
LEU HD23 H  N N 294 
LEU HXT  H  N N 295 
LYS N    N  N N 296 
LYS CA   C  N S 297 
LYS C    C  N N 298 
LYS O    O  N N 299 
LYS CB   C  N N 300 
LYS CG   C  N N 301 
LYS CD   C  N N 302 
LYS CE   C  N N 303 
LYS NZ   N  N N 304 
LYS OXT  O  N N 305 
LYS H    H  N N 306 
LYS H2   H  N N 307 
LYS HA   H  N N 308 
LYS HB2  H  N N 309 
LYS HB3  H  N N 310 
LYS HG2  H  N N 311 
LYS HG3  H  N N 312 
LYS HD2  H  N N 313 
LYS HD3  H  N N 314 
LYS HE2  H  N N 315 
LYS HE3  H  N N 316 
LYS HZ1  H  N N 317 
LYS HZ2  H  N N 318 
LYS HZ3  H  N N 319 
LYS HXT  H  N N 320 
MET N    N  N N 321 
MET CA   C  N S 322 
MET C    C  N N 323 
MET O    O  N N 324 
MET CB   C  N N 325 
MET CG   C  N N 326 
MET SD   S  N N 327 
MET CE   C  N N 328 
MET OXT  O  N N 329 
MET H    H  N N 330 
MET H2   H  N N 331 
MET HA   H  N N 332 
MET HB2  H  N N 333 
MET HB3  H  N N 334 
MET HG2  H  N N 335 
MET HG3  H  N N 336 
MET HE1  H  N N 337 
MET HE2  H  N N 338 
MET HE3  H  N N 339 
MET HXT  H  N N 340 
NA  NA   NA N N 341 
PHE N    N  N N 342 
PHE CA   C  N S 343 
PHE C    C  N N 344 
PHE O    O  N N 345 
PHE CB   C  N N 346 
PHE CG   C  Y N 347 
PHE CD1  C  Y N 348 
PHE CD2  C  Y N 349 
PHE CE1  C  Y N 350 
PHE CE2  C  Y N 351 
PHE CZ   C  Y N 352 
PHE OXT  O  N N 353 
PHE H    H  N N 354 
PHE H2   H  N N 355 
PHE HA   H  N N 356 
PHE HB2  H  N N 357 
PHE HB3  H  N N 358 
PHE HD1  H  N N 359 
PHE HD2  H  N N 360 
PHE HE1  H  N N 361 
PHE HE2  H  N N 362 
PHE HZ   H  N N 363 
PHE HXT  H  N N 364 
PRO N    N  N N 365 
PRO CA   C  N S 366 
PRO C    C  N N 367 
PRO O    O  N N 368 
PRO CB   C  N N 369 
PRO CG   C  N N 370 
PRO CD   C  N N 371 
PRO OXT  O  N N 372 
PRO H    H  N N 373 
PRO HA   H  N N 374 
PRO HB2  H  N N 375 
PRO HB3  H  N N 376 
PRO HG2  H  N N 377 
PRO HG3  H  N N 378 
PRO HD2  H  N N 379 
PRO HD3  H  N N 380 
PRO HXT  H  N N 381 
SER N    N  N N 382 
SER CA   C  N S 383 
SER C    C  N N 384 
SER O    O  N N 385 
SER CB   C  N N 386 
SER OG   O  N N 387 
SER OXT  O  N N 388 
SER H    H  N N 389 
SER H2   H  N N 390 
SER HA   H  N N 391 
SER HB2  H  N N 392 
SER HB3  H  N N 393 
SER HG   H  N N 394 
SER HXT  H  N N 395 
THR N    N  N N 396 
THR CA   C  N S 397 
THR C    C  N N 398 
THR O    O  N N 399 
THR CB   C  N R 400 
THR OG1  O  N N 401 
THR CG2  C  N N 402 
THR OXT  O  N N 403 
THR H    H  N N 404 
THR H2   H  N N 405 
THR HA   H  N N 406 
THR HB   H  N N 407 
THR HG1  H  N N 408 
THR HG21 H  N N 409 
THR HG22 H  N N 410 
THR HG23 H  N N 411 
THR HXT  H  N N 412 
TRP N    N  N N 413 
TRP CA   C  N S 414 
TRP C    C  N N 415 
TRP O    O  N N 416 
TRP CB   C  N N 417 
TRP CG   C  Y N 418 
TRP CD1  C  Y N 419 
TRP CD2  C  Y N 420 
TRP NE1  N  Y N 421 
TRP CE2  C  Y N 422 
TRP CE3  C  Y N 423 
TRP CZ2  C  Y N 424 
TRP CZ3  C  Y N 425 
TRP CH2  C  Y N 426 
TRP OXT  O  N N 427 
TRP H    H  N N 428 
TRP H2   H  N N 429 
TRP HA   H  N N 430 
TRP HB2  H  N N 431 
TRP HB3  H  N N 432 
TRP HD1  H  N N 433 
TRP HE1  H  N N 434 
TRP HE3  H  N N 435 
TRP HZ2  H  N N 436 
TRP HZ3  H  N N 437 
TRP HH2  H  N N 438 
TRP HXT  H  N N 439 
TYR N    N  N N 440 
TYR CA   C  N S 441 
TYR C    C  N N 442 
TYR O    O  N N 443 
TYR CB   C  N N 444 
TYR CG   C  Y N 445 
TYR CD1  C  Y N 446 
TYR CD2  C  Y N 447 
TYR CE1  C  Y N 448 
TYR CE2  C  Y N 449 
TYR CZ   C  Y N 450 
TYR OH   O  N N 451 
TYR OXT  O  N N 452 
TYR H    H  N N 453 
TYR H2   H  N N 454 
TYR HA   H  N N 455 
TYR HB2  H  N N 456 
TYR HB3  H  N N 457 
TYR HD1  H  N N 458 
TYR HD2  H  N N 459 
TYR HE1  H  N N 460 
TYR HE2  H  N N 461 
TYR HH   H  N N 462 
TYR HXT  H  N N 463 
VAL N    N  N N 464 
VAL CA   C  N S 465 
VAL C    C  N N 466 
VAL O    O  N N 467 
VAL CB   C  N N 468 
VAL CG1  C  N N 469 
VAL CG2  C  N N 470 
VAL OXT  O  N N 471 
VAL H    H  N N 472 
VAL H2   H  N N 473 
VAL HA   H  N N 474 
VAL HB   H  N N 475 
VAL HG11 H  N N 476 
VAL HG12 H  N N 477 
VAL HG13 H  N N 478 
VAL HG21 H  N N 479 
VAL HG22 H  N N 480 
VAL HG23 H  N N 481 
VAL HXT  H  N N 482 
# 
loop_
_chem_comp_bond.comp_id 
_chem_comp_bond.atom_id_1 
_chem_comp_bond.atom_id_2 
_chem_comp_bond.value_order 
_chem_comp_bond.pdbx_aromatic_flag 
_chem_comp_bond.pdbx_stereo_config 
_chem_comp_bond.pdbx_ordinal 
ALA N   CA   sing N N 1   
ALA N   H    sing N N 2   
ALA N   H2   sing N N 3   
ALA CA  C    sing N N 4   
ALA CA  CB   sing N N 5   
ALA CA  HA   sing N N 6   
ALA C   O    doub N N 7   
ALA C   OXT  sing N N 8   
ALA CB  HB1  sing N N 9   
ALA CB  HB2  sing N N 10  
ALA CB  HB3  sing N N 11  
ALA OXT HXT  sing N N 12  
ARG N   CA   sing N N 13  
ARG N   H    sing N N 14  
ARG N   H2   sing N N 15  
ARG CA  C    sing N N 16  
ARG CA  CB   sing N N 17  
ARG CA  HA   sing N N 18  
ARG C   O    doub N N 19  
ARG C   OXT  sing N N 20  
ARG CB  CG   sing N N 21  
ARG CB  HB2  sing N N 22  
ARG CB  HB3  sing N N 23  
ARG CG  CD   sing N N 24  
ARG CG  HG2  sing N N 25  
ARG CG  HG3  sing N N 26  
ARG CD  NE   sing N N 27  
ARG CD  HD2  sing N N 28  
ARG CD  HD3  sing N N 29  
ARG NE  CZ   sing N N 30  
ARG NE  HE   sing N N 31  
ARG CZ  NH1  sing N N 32  
ARG CZ  NH2  doub N N 33  
ARG NH1 HH11 sing N N 34  
ARG NH1 HH12 sing N N 35  
ARG NH2 HH21 sing N N 36  
ARG NH2 HH22 sing N N 37  
ARG OXT HXT  sing N N 38  
ASN N   CA   sing N N 39  
ASN N   H    sing N N 40  
ASN N   H2   sing N N 41  
ASN CA  C    sing N N 42  
ASN CA  CB   sing N N 43  
ASN CA  HA   sing N N 44  
ASN C   O    doub N N 45  
ASN C   OXT  sing N N 46  
ASN CB  CG   sing N N 47  
ASN CB  HB2  sing N N 48  
ASN CB  HB3  sing N N 49  
ASN CG  OD1  doub N N 50  
ASN CG  ND2  sing N N 51  
ASN ND2 HD21 sing N N 52  
ASN ND2 HD22 sing N N 53  
ASN OXT HXT  sing N N 54  
ASP N   CA   sing N N 55  
ASP N   H    sing N N 56  
ASP N   H2   sing N N 57  
ASP CA  C    sing N N 58  
ASP CA  CB   sing N N 59  
ASP CA  HA   sing N N 60  
ASP C   O    doub N N 61  
ASP C   OXT  sing N N 62  
ASP CB  CG   sing N N 63  
ASP CB  HB2  sing N N 64  
ASP CB  HB3  sing N N 65  
ASP CG  OD1  doub N N 66  
ASP CG  OD2  sing N N 67  
ASP OD2 HD2  sing N N 68  
ASP OXT HXT  sing N N 69  
CYS N   CA   sing N N 70  
CYS N   H    sing N N 71  
CYS N   H2   sing N N 72  
CYS CA  C    sing N N 73  
CYS CA  CB   sing N N 74  
CYS CA  HA   sing N N 75  
CYS C   O    doub N N 76  
CYS C   OXT  sing N N 77  
CYS CB  SG   sing N N 78  
CYS CB  HB2  sing N N 79  
CYS CB  HB3  sing N N 80  
CYS SG  HG   sing N N 81  
CYS OXT HXT  sing N N 82  
GLN N   CA   sing N N 83  
GLN N   H    sing N N 84  
GLN N   H2   sing N N 85  
GLN CA  C    sing N N 86  
GLN CA  CB   sing N N 87  
GLN CA  HA   sing N N 88  
GLN C   O    doub N N 89  
GLN C   OXT  sing N N 90  
GLN CB  CG   sing N N 91  
GLN CB  HB2  sing N N 92  
GLN CB  HB3  sing N N 93  
GLN CG  CD   sing N N 94  
GLN CG  HG2  sing N N 95  
GLN CG  HG3  sing N N 96  
GLN CD  OE1  doub N N 97  
GLN CD  NE2  sing N N 98  
GLN NE2 HE21 sing N N 99  
GLN NE2 HE22 sing N N 100 
GLN OXT HXT  sing N N 101 
GLU N   CA   sing N N 102 
GLU N   H    sing N N 103 
GLU N   H2   sing N N 104 
GLU CA  C    sing N N 105 
GLU CA  CB   sing N N 106 
GLU CA  HA   sing N N 107 
GLU C   O    doub N N 108 
GLU C   OXT  sing N N 109 
GLU CB  CG   sing N N 110 
GLU CB  HB2  sing N N 111 
GLU CB  HB3  sing N N 112 
GLU CG  CD   sing N N 113 
GLU CG  HG2  sing N N 114 
GLU CG  HG3  sing N N 115 
GLU CD  OE1  doub N N 116 
GLU CD  OE2  sing N N 117 
GLU OE2 HE2  sing N N 118 
GLU OXT HXT  sing N N 119 
GLY N   CA   sing N N 120 
GLY N   H    sing N N 121 
GLY N   H2   sing N N 122 
GLY CA  C    sing N N 123 
GLY CA  HA2  sing N N 124 
GLY CA  HA3  sing N N 125 
GLY C   O    doub N N 126 
GLY C   OXT  sing N N 127 
GLY OXT HXT  sing N N 128 
GOL C1  O1   sing N N 129 
GOL C1  C2   sing N N 130 
GOL C1  H11  sing N N 131 
GOL C1  H12  sing N N 132 
GOL O1  HO1  sing N N 133 
GOL C2  O2   sing N N 134 
GOL C2  C3   sing N N 135 
GOL C2  H2   sing N N 136 
GOL O2  HO2  sing N N 137 
GOL C3  O3   sing N N 138 
GOL C3  H31  sing N N 139 
GOL C3  H32  sing N N 140 
GOL O3  HO3  sing N N 141 
HEC FE  NA   sing N N 142 
HEC FE  NB   sing N N 143 
HEC FE  NC   sing N N 144 
HEC FE  ND   sing N N 145 
HEC CHA C1A  doub N N 146 
HEC CHA C4D  sing N N 147 
HEC CHA HHA  sing N N 148 
HEC CHB C4A  doub N N 149 
HEC CHB C1B  sing N N 150 
HEC CHB HHB  sing N N 151 
HEC CHC C4B  doub N N 152 
HEC CHC C1C  sing N N 153 
HEC CHC HHC  sing N N 154 
HEC CHD C4C  doub N N 155 
HEC CHD C1D  sing N N 156 
HEC CHD HHD  sing N N 157 
HEC NA  C1A  sing Y N 158 
HEC NA  C4A  sing Y N 159 
HEC C1A C2A  sing Y N 160 
HEC C2A C3A  doub Y N 161 
HEC C2A CAA  sing N N 162 
HEC C3A C4A  sing Y N 163 
HEC C3A CMA  sing N N 164 
HEC CMA HMA1 sing N N 165 
HEC CMA HMA2 sing N N 166 
HEC CMA HMA3 sing N N 167 
HEC CAA CBA  sing N N 168 
HEC CAA HAA1 sing N N 169 
HEC CAA HAA2 sing N N 170 
HEC CBA CGA  sing N N 171 
HEC CBA HBA1 sing N N 172 
HEC CBA HBA2 sing N N 173 
HEC CGA O1A  doub N N 174 
HEC CGA O2A  sing N N 175 
HEC O2A H2A  sing N N 176 
HEC NB  C1B  sing Y N 177 
HEC NB  C4B  sing Y N 178 
HEC C1B C2B  doub Y N 179 
HEC C2B C3B  sing Y N 180 
HEC C2B CMB  sing N N 181 
HEC C3B C4B  sing Y N 182 
HEC C3B CAB  doub N E 183 
HEC CMB HMB1 sing N N 184 
HEC CMB HMB2 sing N N 185 
HEC CMB HMB3 sing N N 186 
HEC CAB CBB  sing N N 187 
HEC CAB HAB  sing N N 188 
HEC CBB HBB1 sing N N 189 
HEC CBB HBB2 sing N N 190 
HEC CBB HBB3 sing N N 191 
HEC NC  C1C  sing Y N 192 
HEC NC  C4C  sing Y N 193 
HEC C1C C2C  doub Y N 194 
HEC C2C C3C  sing Y N 195 
HEC C2C CMC  sing N N 196 
HEC C3C C4C  sing Y N 197 
HEC C3C CAC  doub N E 198 
HEC CMC HMC1 sing N N 199 
HEC CMC HMC2 sing N N 200 
HEC CMC HMC3 sing N N 201 
HEC CAC CBC  sing N N 202 
HEC CAC HAC  sing N N 203 
HEC CBC HBC1 sing N N 204 
HEC CBC HBC2 sing N N 205 
HEC CBC HBC3 sing N N 206 
HEC ND  C1D  sing Y N 207 
HEC ND  C4D  sing Y N 208 
HEC C1D C2D  doub Y N 209 
HEC C2D C3D  sing Y N 210 
HEC C2D CMD  sing N N 211 
HEC C3D C4D  doub Y N 212 
HEC C3D CAD  sing N N 213 
HEC CMD HMD1 sing N N 214 
HEC CMD HMD2 sing N N 215 
HEC CMD HMD3 sing N N 216 
HEC CAD CBD  sing N N 217 
HEC CAD HAD1 sing N N 218 
HEC CAD HAD2 sing N N 219 
HEC CBD CGD  sing N N 220 
HEC CBD HBD1 sing N N 221 
HEC CBD HBD2 sing N N 222 
HEC CGD O1D  doub N N 223 
HEC CGD O2D  sing N N 224 
HEC O2D H2D  sing N N 225 
HIS N   CA   sing N N 226 
HIS N   H    sing N N 227 
HIS N   H2   sing N N 228 
HIS CA  C    sing N N 229 
HIS CA  CB   sing N N 230 
HIS CA  HA   sing N N 231 
HIS C   O    doub N N 232 
HIS C   OXT  sing N N 233 
HIS CB  CG   sing N N 234 
HIS CB  HB2  sing N N 235 
HIS CB  HB3  sing N N 236 
HIS CG  ND1  sing Y N 237 
HIS CG  CD2  doub Y N 238 
HIS ND1 CE1  doub Y N 239 
HIS ND1 HD1  sing N N 240 
HIS CD2 NE2  sing Y N 241 
HIS CD2 HD2  sing N N 242 
HIS CE1 NE2  sing Y N 243 
HIS CE1 HE1  sing N N 244 
HIS NE2 HE2  sing N N 245 
HIS OXT HXT  sing N N 246 
HOH O   H1   sing N N 247 
HOH O   H2   sing N N 248 
ILE N   CA   sing N N 249 
ILE N   H    sing N N 250 
ILE N   H2   sing N N 251 
ILE CA  C    sing N N 252 
ILE CA  CB   sing N N 253 
ILE CA  HA   sing N N 254 
ILE C   O    doub N N 255 
ILE C   OXT  sing N N 256 
ILE CB  CG1  sing N N 257 
ILE CB  CG2  sing N N 258 
ILE CB  HB   sing N N 259 
ILE CG1 CD1  sing N N 260 
ILE CG1 HG12 sing N N 261 
ILE CG1 HG13 sing N N 262 
ILE CG2 HG21 sing N N 263 
ILE CG2 HG22 sing N N 264 
ILE CG2 HG23 sing N N 265 
ILE CD1 HD11 sing N N 266 
ILE CD1 HD12 sing N N 267 
ILE CD1 HD13 sing N N 268 
ILE OXT HXT  sing N N 269 
LEU N   CA   sing N N 270 
LEU N   H    sing N N 271 
LEU N   H2   sing N N 272 
LEU CA  C    sing N N 273 
LEU CA  CB   sing N N 274 
LEU CA  HA   sing N N 275 
LEU C   O    doub N N 276 
LEU C   OXT  sing N N 277 
LEU CB  CG   sing N N 278 
LEU CB  HB2  sing N N 279 
LEU CB  HB3  sing N N 280 
LEU CG  CD1  sing N N 281 
LEU CG  CD2  sing N N 282 
LEU CG  HG   sing N N 283 
LEU CD1 HD11 sing N N 284 
LEU CD1 HD12 sing N N 285 
LEU CD1 HD13 sing N N 286 
LEU CD2 HD21 sing N N 287 
LEU CD2 HD22 sing N N 288 
LEU CD2 HD23 sing N N 289 
LEU OXT HXT  sing N N 290 
LYS N   CA   sing N N 291 
LYS N   H    sing N N 292 
LYS N   H2   sing N N 293 
LYS CA  C    sing N N 294 
LYS CA  CB   sing N N 295 
LYS CA  HA   sing N N 296 
LYS C   O    doub N N 297 
LYS C   OXT  sing N N 298 
LYS CB  CG   sing N N 299 
LYS CB  HB2  sing N N 300 
LYS CB  HB3  sing N N 301 
LYS CG  CD   sing N N 302 
LYS CG  HG2  sing N N 303 
LYS CG  HG3  sing N N 304 
LYS CD  CE   sing N N 305 
LYS CD  HD2  sing N N 306 
LYS CD  HD3  sing N N 307 
LYS CE  NZ   sing N N 308 
LYS CE  HE2  sing N N 309 
LYS CE  HE3  sing N N 310 
LYS NZ  HZ1  sing N N 311 
LYS NZ  HZ2  sing N N 312 
LYS NZ  HZ3  sing N N 313 
LYS OXT HXT  sing N N 314 
MET N   CA   sing N N 315 
MET N   H    sing N N 316 
MET N   H2   sing N N 317 
MET CA  C    sing N N 318 
MET CA  CB   sing N N 319 
MET CA  HA   sing N N 320 
MET C   O    doub N N 321 
MET C   OXT  sing N N 322 
MET CB  CG   sing N N 323 
MET CB  HB2  sing N N 324 
MET CB  HB3  sing N N 325 
MET CG  SD   sing N N 326 
MET CG  HG2  sing N N 327 
MET CG  HG3  sing N N 328 
MET SD  CE   sing N N 329 
MET CE  HE1  sing N N 330 
MET CE  HE2  sing N N 331 
MET CE  HE3  sing N N 332 
MET OXT HXT  sing N N 333 
PHE N   CA   sing N N 334 
PHE N   H    sing N N 335 
PHE N   H2   sing N N 336 
PHE CA  C    sing N N 337 
PHE CA  CB   sing N N 338 
PHE CA  HA   sing N N 339 
PHE C   O    doub N N 340 
PHE C   OXT  sing N N 341 
PHE CB  CG   sing N N 342 
PHE CB  HB2  sing N N 343 
PHE CB  HB3  sing N N 344 
PHE CG  CD1  doub Y N 345 
PHE CG  CD2  sing Y N 346 
PHE CD1 CE1  sing Y N 347 
PHE CD1 HD1  sing N N 348 
PHE CD2 CE2  doub Y N 349 
PHE CD2 HD2  sing N N 350 
PHE CE1 CZ   doub Y N 351 
PHE CE1 HE1  sing N N 352 
PHE CE2 CZ   sing Y N 353 
PHE CE2 HE2  sing N N 354 
PHE CZ  HZ   sing N N 355 
PHE OXT HXT  sing N N 356 
PRO N   CA   sing N N 357 
PRO N   CD   sing N N 358 
PRO N   H    sing N N 359 
PRO CA  C    sing N N 360 
PRO CA  CB   sing N N 361 
PRO CA  HA   sing N N 362 
PRO C   O    doub N N 363 
PRO C   OXT  sing N N 364 
PRO CB  CG   sing N N 365 
PRO CB  HB2  sing N N 366 
PRO CB  HB3  sing N N 367 
PRO CG  CD   sing N N 368 
PRO CG  HG2  sing N N 369 
PRO CG  HG3  sing N N 370 
PRO CD  HD2  sing N N 371 
PRO CD  HD3  sing N N 372 
PRO OXT HXT  sing N N 373 
SER N   CA   sing N N 374 
SER N   H    sing N N 375 
SER N   H2   sing N N 376 
SER CA  C    sing N N 377 
SER CA  CB   sing N N 378 
SER CA  HA   sing N N 379 
SER C   O    doub N N 380 
SER C   OXT  sing N N 381 
SER CB  OG   sing N N 382 
SER CB  HB2  sing N N 383 
SER CB  HB3  sing N N 384 
SER OG  HG   sing N N 385 
SER OXT HXT  sing N N 386 
THR N   CA   sing N N 387 
THR N   H    sing N N 388 
THR N   H2   sing N N 389 
THR CA  C    sing N N 390 
THR CA  CB   sing N N 391 
THR CA  HA   sing N N 392 
THR C   O    doub N N 393 
THR C   OXT  sing N N 394 
THR CB  OG1  sing N N 395 
THR CB  CG2  sing N N 396 
THR CB  HB   sing N N 397 
THR OG1 HG1  sing N N 398 
THR CG2 HG21 sing N N 399 
THR CG2 HG22 sing N N 400 
THR CG2 HG23 sing N N 401 
THR OXT HXT  sing N N 402 
TRP N   CA   sing N N 403 
TRP N   H    sing N N 404 
TRP N   H2   sing N N 405 
TRP CA  C    sing N N 406 
TRP CA  CB   sing N N 407 
TRP CA  HA   sing N N 408 
TRP C   O    doub N N 409 
TRP C   OXT  sing N N 410 
TRP CB  CG   sing N N 411 
TRP CB  HB2  sing N N 412 
TRP CB  HB3  sing N N 413 
TRP CG  CD1  doub Y N 414 
TRP CG  CD2  sing Y N 415 
TRP CD1 NE1  sing Y N 416 
TRP CD1 HD1  sing N N 417 
TRP CD2 CE2  doub Y N 418 
TRP CD2 CE3  sing Y N 419 
TRP NE1 CE2  sing Y N 420 
TRP NE1 HE1  sing N N 421 
TRP CE2 CZ2  sing Y N 422 
TRP CE3 CZ3  doub Y N 423 
TRP CE3 HE3  sing N N 424 
TRP CZ2 CH2  doub Y N 425 
TRP CZ2 HZ2  sing N N 426 
TRP CZ3 CH2  sing Y N 427 
TRP CZ3 HZ3  sing N N 428 
TRP CH2 HH2  sing N N 429 
TRP OXT HXT  sing N N 430 
TYR N   CA   sing N N 431 
TYR N   H    sing N N 432 
TYR N   H2   sing N N 433 
TYR CA  C    sing N N 434 
TYR CA  CB   sing N N 435 
TYR CA  HA   sing N N 436 
TYR C   O    doub N N 437 
TYR C   OXT  sing N N 438 
TYR CB  CG   sing N N 439 
TYR CB  HB2  sing N N 440 
TYR CB  HB3  sing N N 441 
TYR CG  CD1  doub Y N 442 
TYR CG  CD2  sing Y N 443 
TYR CD1 CE1  sing Y N 444 
TYR CD1 HD1  sing N N 445 
TYR CD2 CE2  doub Y N 446 
TYR CD2 HD2  sing N N 447 
TYR CE1 CZ   doub Y N 448 
TYR CE1 HE1  sing N N 449 
TYR CE2 CZ   sing Y N 450 
TYR CE2 HE2  sing N N 451 
TYR CZ  OH   sing N N 452 
TYR OH  HH   sing N N 453 
TYR OXT HXT  sing N N 454 
VAL N   CA   sing N N 455 
VAL N   H    sing N N 456 
VAL N   H2   sing N N 457 
VAL CA  C    sing N N 458 
VAL CA  CB   sing N N 459 
VAL CA  HA   sing N N 460 
VAL C   O    doub N N 461 
VAL C   OXT  sing N N 462 
VAL CB  CG1  sing N N 463 
VAL CB  CG2  sing N N 464 
VAL CB  HB   sing N N 465 
VAL CG1 HG11 sing N N 466 
VAL CG1 HG12 sing N N 467 
VAL CG1 HG13 sing N N 468 
VAL CG2 HG21 sing N N 469 
VAL CG2 HG22 sing N N 470 
VAL CG2 HG23 sing N N 471 
VAL OXT HXT  sing N N 472 
# 
_pdbx_audit_support.funding_organization   'Biotechnology and Biological Sciences Research Council (BBSRC)' 
_pdbx_audit_support.country                'United Kingdom' 
_pdbx_audit_support.grant_number           BB/T008717/1 
_pdbx_audit_support.ordinal                1 
# 
_atom_sites.entry_id                    8QK0 
_atom_sites.Cartn_transf_matrix[1][1]   ? 
_atom_sites.Cartn_transf_matrix[1][2]   ? 
_atom_sites.Cartn_transf_matrix[1][3]   ? 
_atom_sites.Cartn_transf_matrix[2][1]   ? 
_atom_sites.Cartn_transf_matrix[2][2]   ? 
_atom_sites.Cartn_transf_matrix[2][3]   ? 
_atom_sites.Cartn_transf_matrix[3][1]   ? 
_atom_sites.Cartn_transf_matrix[3][2]   ? 
_atom_sites.Cartn_transf_matrix[3][3]   ? 
_atom_sites.Cartn_transf_vector[1]      ? 
_atom_sites.Cartn_transf_vector[2]      ? 
_atom_sites.Cartn_transf_vector[3]      ? 
_atom_sites.Cartn_transform_axes        ? 
_atom_sites.fract_transf_matrix[1][1]   0.00433168 
_atom_sites.fract_transf_matrix[1][2]   -0.00388840 
_atom_sites.fract_transf_matrix[1][3]   -0.01208104 
_atom_sites.fract_transf_matrix[2][1]   0.01668922 
_atom_sites.fract_transf_matrix[2][2]   0.00591719 
_atom_sites.fract_transf_matrix[2][3]   0.00407944 
_atom_sites.fract_transf_matrix[3][1]   0.00750648 
_atom_sites.fract_transf_matrix[3][2]   -0.02529449 
_atom_sites.fract_transf_matrix[3][3]   0.00598000 
_atom_sites.fract_transf_vector[1]      0.244215 
_atom_sites.fract_transf_vector[2]      -0.035914 
_atom_sites.fract_transf_vector[3]      0.264716 
_atom_sites.solution_primary            ? 
_atom_sites.solution_secondary          ? 
_atom_sites.solution_hydrogens          ? 
_atom_sites.special_details             ? 
# 
loop_
_atom_type.symbol 
C  
FE 
N  
NA 
O  
S  
# 
loop_
_atom_site.group_PDB 
_atom_site.id 
_atom_site.type_symbol 
_atom_site.label_atom_id 
_atom_site.label_alt_id 
_atom_site.label_comp_id 
_atom_site.label_asym_id 
_atom_site.label_entity_id 
_atom_site.label_seq_id 
_atom_site.pdbx_PDB_ins_code 
_atom_site.Cartn_x 
_atom_site.Cartn_y 
_atom_site.Cartn_z 
_atom_site.occupancy 
_atom_site.B_iso_or_equiv 
_atom_site.pdbx_formal_charge 
_atom_site.auth_seq_id 
_atom_site.auth_comp_id 
_atom_site.auth_asym_id 
_atom_site.auth_atom_id 
_atom_site.pdbx_PDB_model_num 
ATOM   1    N  N   . GLY A 1 24  ? 16.128  -11.035 3.134   1.00 32.10 ?  3   GLY A N   1 
ATOM   2    C  CA  . GLY A 1 24  ? 14.720  -10.697 3.147   1.00 25.31 ?  3   GLY A CA  1 
ATOM   3    C  C   . GLY A 1 24  ? 14.409  -9.453  3.946   1.00 26.76 ?  3   GLY A C   1 
ATOM   4    O  O   . GLY A 1 24  ? 13.384  -8.808  3.719   1.00 22.10 ?  3   GLY A O   1 
ATOM   5    N  N   . VAL A 1 25  ? 15.318  -9.086  4.854   1.00 22.29 ?  4   VAL A N   1 
ATOM   6    C  CA  . VAL A 1 25  ? 15.001  -8.069  5.850   1.00 22.48 ?  4   VAL A CA  1 
ATOM   7    C  C   . VAL A 1 25  ? 14.826  -6.690  5.200   1.00 25.30 ?  4   VAL A C   1 
ATOM   8    O  O   . VAL A 1 25  ? 13.891  -5.952  5.532   1.00 22.06 ?  4   VAL A O   1 
ATOM   9    C  CB  . VAL A 1 25  ? 16.082  -8.039  6.940   1.00 20.43 ?  4   VAL A CB  1 
ATOM   10   C  CG1 . VAL A 1 25  ? 15.681  -7.079  7.984   1.00 19.98 ?  4   VAL A CG1 1 
ATOM   11   C  CG2 . VAL A 1 25  ? 16.328  -9.430  7.543   1.00 28.54 ?  4   VAL A CG2 1 
ATOM   12   N  N   . ASP A 1 26  ? 15.721  -6.316  4.271   1.00 22.31 ?  5   ASP A N   1 
ATOM   13   C  CA  . ASP A 1 26  ? 15.647  -4.987  3.666   1.00 24.98 ?  5   ASP A CA  1 
ATOM   14   C  C   . ASP A 1 26  ? 14.468  -4.825  2.707   1.00 23.39 ?  5   ASP A C   1 
ATOM   15   O  O   . ASP A 1 26  ? 13.768  -3.801  2.796   1.00 22.29 ?  5   ASP A O   1 
ATOM   16   C  CB  . ASP A 1 26  ? 16.977  -4.646  2.988   1.00 28.69 ?  5   ASP A CB  1 
ATOM   17   C  CG  . ASP A 1 26  ? 18.089  -4.422  3.984   1.00 32.33 ?  5   ASP A CG  1 
ATOM   18   O  OD1 . ASP A 1 26  ? 17.807  -3.800  5.035   1.00 29.05 ?  5   ASP A OD1 1 
ATOM   19   O  OD2 . ASP A 1 26  ? 19.229  -4.898  3.736   1.00 36.77 -1 5   ASP A OD2 1 
ATOM   20   N  N   . PRO A 1 27  ? 14.201  -5.757  1.775   1.00 24.13 ?  6   PRO A N   1 
ATOM   21   C  CA  . PRO A 1 27  ? 12.974  -5.618  0.967   1.00 20.92 ?  6   PRO A CA  1 
ATOM   22   C  C   . PRO A 1 27  ? 11.722  -5.707  1.807   1.00 15.48 ?  6   PRO A C   1 
ATOM   23   O  O   . PRO A 1 27  ? 10.692  -5.122  1.443   1.00 15.35 ?  6   PRO A O   1 
ATOM   24   C  CB  . PRO A 1 27  ? 13.046  -6.780  -0.036  1.00 21.52 ?  6   PRO A CB  1 
ATOM   25   C  CG  . PRO A 1 27  ? 14.192  -7.636  0.366   1.00 25.74 ?  6   PRO A CG  1 
ATOM   26   C  CD  . PRO A 1 27  ? 14.990  -6.952  1.423   1.00 24.38 ?  6   PRO A CD  1 
ATOM   27   N  N   . GLY A 1 28  ? 11.769  -6.453  2.911   1.00 17.84 ?  7   GLY A N   1 
ATOM   28   C  CA  . GLY A 1 28  ? 10.641  -6.467  3.825   1.00 18.05 ?  7   GLY A CA  1 
ATOM   29   C  C   . GLY A 1 28  ? 10.377  -5.102  4.433   1.00 14.38 ?  7   GLY A C   1 
ATOM   30   O  O   . GLY A 1 28  ? 9.226   -4.718  4.642   1.00 14.82 ?  7   GLY A O   1 
ATOM   31   N  N   . LYS A 1 29  ? 11.438  -4.349  4.727   1.00 13.73 ?  8   LYS A N   1 
ATOM   32   C  CA  . LYS A 1 29  ? 11.246  -2.988  5.220   1.00 13.89 ?  8   LYS A CA  1 
ATOM   33   C  C   . LYS A 1 29  ? 10.517  -2.123  4.195   1.00 13.82 ?  8   LYS A C   1 
ATOM   34   O  O   . LYS A 1 29  ? 9.610   -1.359  4.547   1.00 10.74 ?  8   LYS A O   1 
ATOM   35   C  CB  . LYS A 1 29  ? 12.598  -2.375  5.590   1.00 16.67 ?  8   LYS A CB  1 
ATOM   36   C  CG  . LYS A 1 29  ? 12.535  -0.924  6.037   1.00 18.60 ?  8   LYS A CG  1 
ATOM   37   C  CD  . LYS A 1 29  ? 13.948  -0.401  6.304   1.00 14.01 ?  8   LYS A CD  1 
ATOM   38   C  CE  . LYS A 1 29  ? 13.930  0.821   7.186   1.00 14.25 ?  8   LYS A CE  1 
ATOM   39   N  NZ  . LYS A 1 29  ? 13.209  1.947   6.510   1.00 21.49 ?  8   LYS A NZ  1 
ATOM   40   N  N   . THR A 1 30  ? 10.882  -2.248  2.920   1.00 14.89 ?  9   THR A N   1 
ATOM   41   C  CA  . THR A 1 30  ? 10.194  -1.477  1.895   1.00 14.09 ?  9   THR A CA  1 
ATOM   42   C  C   . THR A 1 30  ? 8.715   -1.840  1.858   1.00 14.13 ?  9   THR A C   1 
ATOM   43   O  O   . THR A 1 30  ? 7.848   -0.960  1.787   1.00 11.78 ?  9   THR A O   1 
ATOM   44   C  CB  . THR A 1 30  ? 10.846  -1.711  0.531   1.00 15.75 ?  9   THR A CB  1 
ATOM   45   O  OG1 . THR A 1 30  ? 12.223  -1.311  0.581   1.00 18.05 ?  9   THR A OG1 1 
ATOM   46   C  CG2 . THR A 1 30  ? 10.120  -0.880  -0.535  1.00 22.31 ?  9   THR A CG2 1 
ATOM   47   N  N   . VAL A 1 31  ? 8.408   -3.137  1.965   1.00 12.09 ?  10  VAL A N   1 
ATOM   48   C  CA  . VAL A 1 31  ? 7.017   -3.575  2.021   1.00 14.20 ?  10  VAL A CA  1 
ATOM   49   C  C   . VAL A 1 31  ? 6.293   -2.932  3.199   1.00 12.98 ?  10  VAL A C   1 
ATOM   50   O  O   . VAL A 1 31  ? 5.205   -2.361  3.045   1.00 13.39 ?  10  VAL A O   1 
ATOM   51   C  CB  . VAL A 1 31  ? 6.937   -5.108  2.105   1.00 11.26 ?  10  VAL A CB  1 
ATOM   52   C  CG1 . VAL A 1 31  ? 5.519   -5.505  2.454   1.00 13.36 ?  10  VAL A CG1 1 
ATOM   53   C  CG2 . VAL A 1 31  ? 7.364   -5.745  0.779   1.00 12.67 ?  10  VAL A CG2 1 
ATOM   54   N  N   . TYR A 1 32  ? 6.864   -3.053  4.399   1.00 8.40  ?  11  TYR A N   1 
ATOM   55   C  CA  . TYR A 1 32  ? 6.211   -2.507  5.581   1.00 9.40  ?  11  TYR A CA  1 
ATOM   56   C  C   . TYR A 1 32  ? 6.040   -1.000  5.448   1.00 13.77 ?  11  TYR A C   1 
ATOM   57   O  O   . TYR A 1 32  ? 4.964   -0.450  5.710   1.00 14.86 ?  11  TYR A O   1 
ATOM   58   C  CB  . TYR A 1 32  ? 7.015   -2.802  6.851   1.00 11.58 ?  11  TYR A CB  1 
ATOM   59   C  CG  . TYR A 1 32  ? 6.322   -2.182  8.040   1.00 10.06 ?  11  TYR A CG  1 
ATOM   60   C  CD1 . TYR A 1 32  ? 5.164   -2.753  8.572   1.00 14.25 ?  11  TYR A CD1 1 
ATOM   61   C  CD2 . TYR A 1 32  ? 6.716   -0.947  8.523   1.00 13.88 ?  11  TYR A CD2 1 
ATOM   62   C  CE1 . TYR A 1 32  ? 4.477   -2.147  9.625   1.00 15.71 ?  11  TYR A CE1 1 
ATOM   63   C  CE2 . TYR A 1 32  ? 6.032   -0.330  9.566   1.00 12.92 ?  11  TYR A CE2 1 
ATOM   64   C  CZ  . TYR A 1 32  ? 4.908   -0.917  10.097  1.00 12.21 ?  11  TYR A CZ  1 
ATOM   65   O  OH  . TYR A 1 32  ? 4.251   -0.295  11.139  1.00 14.35 ?  11  TYR A OH  1 
ATOM   66   N  N   . ASP A 1 33  ? 7.113   -0.327  5.047   1.00 11.75 ?  12  ASP A N   1 
ATOM   67   C  CA  . ASP A 1 33  ? 7.164   1.123   5.070   1.00 15.89 ?  12  ASP A CA  1 
ATOM   68   C  C   . ASP A 1 33  ? 6.122   1.715   4.149   1.00 13.89 ?  12  ASP A C   1 
ATOM   69   O  O   . ASP A 1 33  ? 5.354   2.581   4.556   1.00 12.84 ?  12  ASP A O   1 
ATOM   70   C  CB  . ASP A 1 33  ? 8.549   1.602   4.655   1.00 15.48 ?  12  ASP A CB  1 
ATOM   71   C  CG  . ASP A 1 33  ? 9.540   1.584   5.802   1.00 14.16 ?  12  ASP A CG  1 
ATOM   72   O  OD1 . ASP A 1 33  ? 9.149   1.336   6.962   1.00 13.21 ?  12  ASP A OD1 1 
ATOM   73   O  OD2 . ASP A 1 33  ? 10.708  1.883   5.533   1.00 22.40 -1 12  ASP A OD2 1 
ATOM   74   N  N   . SER A 1 34  ? 6.082   1.252   2.902   1.00 15.81 ?  13  SER A N   1 
ATOM   75   C  CA  . SER A 1 34  ? 5.214   1.865   1.913   1.00 15.43 ?  13  SER A CA  1 
ATOM   76   C  C   . SER A 1 34  ? 3.799   1.309   1.932   1.00 19.56 ?  13  SER A C   1 
ATOM   77   O  O   . SER A 1 34  ? 2.888   1.973   1.420   1.00 16.85 ?  13  SER A O   1 
ATOM   78   C  CB  . SER A 1 34  ? 5.809   1.705   0.503   1.00 17.00 ?  13  SER A CB  1 
ATOM   79   O  OG  . SER A 1 34  ? 6.077   0.356   0.197   1.00 27.07 ?  13  SER A OG  1 
ATOM   80   N  N   . ARG A 1 35  ? 3.581   0.122   2.515   1.00 16.97 ?  14  ARG A N   1 
ATOM   81   C  CA  . ARG A 1 35  ? 2.293   -0.550  2.361   1.00 16.99 ?  14  ARG A CA  1 
ATOM   82   C  C   . ARG A 1 35  ? 1.482   -0.755  3.638   1.00 16.35 ?  14  ARG A C   1 
ATOM   83   O  O   . ARG A 1 35  ? 0.247   -0.857  3.544   1.00 12.90 ?  14  ARG A O   1 
ATOM   84   C  CB  . ARG A 1 35  ? 2.486   -1.897  1.656   1.00 16.81 ?  14  ARG A CB  1 
ATOM   85   C  CG  . ARG A 1 35  ? 3.303   -1.689  0.379   1.00 19.01 ?  14  ARG A CG  1 
ATOM   86   C  CD  . ARG A 1 35  ? 2.895   -2.631  -0.699  1.00 18.21 ?  14  ARG A CD  1 
ATOM   87   N  NE  . ARG A 1 35  ? 1.613   -2.249  -1.285  1.00 14.36 ?  14  ARG A NE  1 
ATOM   88   C  CZ  . ARG A 1 35  ? 0.940   -3.013  -2.133  1.00 18.06 ?  14  ARG A CZ  1 
ATOM   89   N  NH1 . ARG A 1 35  ? 1.404   -4.200  -2.504  1.00 17.98 ?  14  ARG A NH1 1 
ATOM   90   N  NH2 . ARG A 1 35  ? -0.223  -2.578  -2.624  1.00 15.67 ?  14  ARG A NH2 1 
ATOM   91   N  N   . CYS A 1 36  ? 2.095   -0.765  4.811   1.00 13.88 ?  15  CYS A N   1 
ATOM   92   C  CA  . CYS A 1 36  ? 1.344   -0.974  6.050   1.00 14.20 ?  15  CYS A CA  1 
ATOM   93   C  C   . CYS A 1 36  ? 1.529   0.121   7.078   1.00 13.33 ?  15  CYS A C   1 
ATOM   94   O  O   . CYS A 1 36  ? 0.641   0.313   7.912   1.00 16.65 ?  15  CYS A O   1 
ATOM   95   C  CB  . CYS A 1 36  ? 1.719   -2.327  6.720   1.00 14.77 ?  15  CYS A CB  1 
ATOM   96   S  SG  . CYS A 1 36  ? 2.259   -3.657  5.628   1.00 15.67 ?  15  CYS A SG  1 
ATOM   97   N  N   . ALA A 1 37  ? 2.657   0.838   7.045   1.00 17.47 ?  16  ALA A N   1 
ATOM   98   C  CA  . ALA A 1 37  ? 2.990   1.786   8.101   1.00 16.55 ?  16  ALA A CA  1 
ATOM   99   C  C   . ALA A 1 37  ? 2.004   2.942   8.179   1.00 18.39 ?  16  ALA A C   1 
ATOM   100  O  O   . ALA A 1 37  ? 1.795   3.488   9.268   1.00 21.15 ?  16  ALA A O   1 
ATOM   101  C  CB  . ALA A 1 37  ? 4.396   2.332   7.895   1.00 14.41 ?  16  ALA A CB  1 
ATOM   102  N  N   . SER A 1 38  ? 1.405   3.341   7.050   1.00 18.97 ?  17  SER A N   1 
ATOM   103  C  CA  . SER A 1 38  ? 0.450   4.450   7.079   1.00 20.36 ?  17  SER A CA  1 
ATOM   104  C  C   . SER A 1 38  ? -0.655  4.218   8.102   1.00 20.14 ?  17  SER A C   1 
ATOM   105  O  O   . SER A 1 38  ? -1.216  5.182   8.634   1.00 20.16 ?  17  SER A O   1 
ATOM   106  C  CB  . SER A 1 38  ? -0.151  4.673   5.688   1.00 22.84 ?  17  SER A CB  1 
ATOM   107  O  OG  . SER A 1 38  ? -0.996  3.597   5.329   1.00 26.07 ?  17  SER A OG  1 
ATOM   108  N  N   . CYS A 1 39  ? -0.957  2.953   8.413   1.00 15.84 ?  18  CYS A N   1 
ATOM   109  C  CA  . CYS A 1 39  ? -1.988  2.595   9.385   1.00 15.14 ?  18  CYS A CA  1 
ATOM   110  C  C   . CYS A 1 39  ? -1.459  1.835   10.588  1.00 16.17 ?  18  CYS A C   1 
ATOM   111  O  O   . CYS A 1 39  ? -1.868  2.115   11.721  1.00 15.47 ?  18  CYS A O   1 
ATOM   112  C  CB  . CYS A 1 39  ? -3.087  1.758   8.720   1.00 19.07 ?  18  CYS A CB  1 
ATOM   113  S  SG  . CYS A 1 39  ? -3.889  2.576   7.317   1.00 15.04 ?  18  CYS A SG  1 
ATOM   114  N  N   . HIS A 1 40  ? -0.563  0.879   10.375  1.00 13.86 ?  19  HIS A N   1 
ATOM   115  C  CA  . HIS A 1 40  ? -0.165  -0.024  11.441  1.00 14.55 ?  19  HIS A CA  1 
ATOM   116  C  C   . HIS A 1 40  ? 1.014   0.528   12.236  1.00 17.54 ?  19  HIS A C   1 
ATOM   117  O  O   . HIS A 1 40  ? 1.658   1.511   11.863  1.00 12.14 ?  19  HIS A O   1 
ATOM   118  C  CB  . HIS A 1 40  ? 0.178   -1.396  10.867  1.00 14.59 ?  19  HIS A CB  1 
ATOM   119  C  CG  . HIS A 1 40  ? -1.021  -2.220  10.516  1.00 16.08 ?  19  HIS A CG  1 
ATOM   120  N  ND1 . HIS A 1 40  ? -1.738  -2.922  11.461  1.00 17.00 ?  19  HIS A ND1 1 
ATOM   121  C  CD2 . HIS A 1 40  ? -1.611  -2.486  9.324   1.00 15.16 ?  19  HIS A CD2 1 
ATOM   122  C  CE1 . HIS A 1 40  ? -2.732  -3.562  10.871  1.00 17.34 ?  19  HIS A CE1 1 
ATOM   123  N  NE2 . HIS A 1 40  ? -2.668  -3.324  9.577   1.00 14.29 ?  19  HIS A NE2 1 
ATOM   124  N  N   . ARG A 1 41  ? 1.261   -0.110  13.372  1.00 12.74 ?  20  ARG A N   1 
ATOM   125  C  CA  . ARG A 1 41  ? 2.459   0.105   14.160  1.00 17.85 ?  20  ARG A CA  1 
ATOM   126  C  C   . ARG A 1 41  ? 3.277   -1.175  14.136  1.00 15.13 ?  20  ARG A C   1 
ATOM   127  O  O   . ARG A 1 41  ? 2.783   -2.248  13.769  1.00 16.03 ?  20  ARG A O   1 
ATOM   128  C  CB  . ARG A 1 41  ? 2.119   0.513   15.604  1.00 17.18 ?  20  ARG A CB  1 
ATOM   129  C  CG  . ARG A 1 41  ? 0.958   1.510   15.727  1.00 23.20 ?  20  ARG A CG  1 
ATOM   130  C  CD  . ARG A 1 41  ? 0.771   1.965   17.164  1.00 23.89 ?  20  ARG A CD  1 
ATOM   131  N  NE  . ARG A 1 41  ? 0.083   0.961   17.967  1.00 29.96 ?  20  ARG A NE  1 
ATOM   132  C  CZ  . ARG A 1 41  ? -1.198  0.635   17.842  1.00 33.80 ?  20  ARG A CZ  1 
ATOM   133  N  NH1 . ARG A 1 41  ? -2.004  1.284   17.007  1.00 28.06 ?  20  ARG A NH1 1 
ATOM   134  N  NH2 . ARG A 1 41  ? -1.691  -0.351  18.593  1.00 30.74 ?  20  ARG A NH2 1 
ATOM   135  N  N   . LEU A 1 42  ? 4.540   -1.053  14.533  1.00 18.56 ?  21  LEU A N   1 
ATOM   136  C  CA  . LEU A 1 42  ? 5.444   -2.200  14.546  1.00 18.80 ?  21  LEU A CA  1 
ATOM   137  C  C   . LEU A 1 42  ? 6.455   -1.962  15.655  1.00 17.37 ?  21  LEU A C   1 
ATOM   138  O  O   . LEU A 1 42  ? 7.301   -1.067  15.532  1.00 16.17 ?  21  LEU A O   1 
ATOM   139  C  CB  . LEU A 1 42  ? 6.139   -2.361  13.197  1.00 17.14 ?  21  LEU A CB  1 
ATOM   140  C  CG  . LEU A 1 42  ? 7.159   -3.503  13.131  1.00 14.40 ?  21  LEU A CG  1 
ATOM   141  C  CD1 . LEU A 1 42  ? 6.451   -4.855  13.386  1.00 14.78 ?  21  LEU A CD1 1 
ATOM   142  C  CD2 . LEU A 1 42  ? 7.946   -3.527  11.826  1.00 12.54 ?  21  LEU A CD2 1 
ATOM   143  N  N   . GLY A 1 43  ? 6.349   -2.736  16.736  1.00 20.15 ?  22  GLY A N   1 
ATOM   144  C  CA  . GLY A 1 43  ? 7.201   -2.573  17.904  1.00 19.39 ?  22  GLY A CA  1 
ATOM   145  C  C   . GLY A 1 43  ? 7.438   -1.115  18.245  1.00 22.37 ?  22  GLY A C   1 
ATOM   146  O  O   . GLY A 1 43  ? 6.503   -0.308  18.232  1.00 20.91 ?  22  GLY A O   1 
ATOM   147  N  N   . THR A 1 44  ? 8.687   -0.756  18.526  1.00 18.66 ?  23  THR A N   1 
ATOM   148  C  CA  . THR A 1 44  ? 9.049   0.639   18.705  1.00 21.38 ?  23  THR A CA  1 
ATOM   149  C  C   . THR A 1 44  ? 9.649   1.242   17.443  1.00 21.66 ?  23  THR A C   1 
ATOM   150  O  O   . THR A 1 44  ? 9.979   2.437   17.431  1.00 22.90 ?  23  THR A O   1 
ATOM   151  C  CB  . THR A 1 44  ? 10.005  0.783   19.903  1.00 30.11 ?  23  THR A CB  1 
ATOM   152  O  OG1 . THR A 1 44  ? 11.266  0.162   19.612  1.00 28.52 ?  23  THR A OG1 1 
ATOM   153  C  CG2 . THR A 1 44  ? 9.405   0.118   21.137  1.00 30.21 ?  23  THR A CG2 1 
ATOM   154  N  N   . TYR A 1 45  ? 9.743   0.460   16.362  1.00 19.54 ?  24  TYR A N   1 
ATOM   155  C  CA  . TYR A 1 45  ? 10.228  0.992   15.092  1.00 17.97 ?  24  TYR A CA  1 
ATOM   156  C  C   . TYR A 1 45  ? 9.259   2.024   14.528  1.00 19.80 ?  24  TYR A C   1 
ATOM   157  O  O   . TYR A 1 45  ? 9.673   3.062   13.999  1.00 17.54 ?  24  TYR A O   1 
ATOM   158  C  CB  . TYR A 1 45  ? 10.449  -0.161  14.098  1.00 17.02 ?  24  TYR A CB  1 
ATOM   159  C  CG  . TYR A 1 45  ? 10.631  0.285   12.657  1.00 18.51 ?  24  TYR A CG  1 
ATOM   160  C  CD1 . TYR A 1 45  ? 11.894  0.595   12.159  1.00 15.40 ?  24  TYR A CD1 1 
ATOM   161  C  CD2 . TYR A 1 45  ? 9.544   0.362   11.776  1.00 18.49 ?  24  TYR A CD2 1 
ATOM   162  C  CE1 . TYR A 1 45  ? 12.073  1.008   10.826  1.00 15.84 ?  24  TYR A CE1 1 
ATOM   163  C  CE2 . TYR A 1 45  ? 9.718   0.762   10.444  1.00 13.26 ?  24  TYR A CE2 1 
ATOM   164  C  CZ  . TYR A 1 45  ? 10.971  1.093   9.982   1.00 15.87 ?  24  TYR A CZ  1 
ATOM   165  O  OH  . TYR A 1 45  ? 11.124  1.478   8.664   1.00 15.29 ?  24  TYR A OH  1 
ATOM   166  N  N   . ASP A 1 46  ? 7.965   1.755   14.650  1.00 18.66 ?  25  ASP A N   1 
ATOM   167  C  CA  . ASP A 1 46  ? 6.905   2.611   14.112  1.00 14.98 ?  25  ASP A CA  1 
ATOM   168  C  C   . ASP A 1 46  ? 5.812   2.622   15.170  1.00 18.28 ?  25  ASP A C   1 
ATOM   169  O  O   . ASP A 1 46  ? 5.069   1.646   15.296  1.00 17.86 ?  25  ASP A O   1 
ATOM   170  C  CB  . ASP A 1 46  ? 6.399   2.058   12.783  1.00 16.65 ?  25  ASP A CB  1 
ATOM   171  C  CG  . ASP A 1 46  ? 5.232   2.856   12.208  1.00 19.91 ?  25  ASP A CG  1 
ATOM   172  O  OD1 . ASP A 1 46  ? 4.941   3.983   12.695  1.00 18.14 ?  25  ASP A OD1 1 
ATOM   173  O  OD2 . ASP A 1 46  ? 4.591   2.310   11.283  1.00 16.40 -1 25  ASP A OD2 1 
ATOM   174  N  N   . ALA A 1 47  ? 5.718   3.704   15.941  1.00 19.49 ?  26  ALA A N   1 
ATOM   175  C  CA  . ALA A 1 47  ? 4.738   3.779   17.018  1.00 25.39 ?  26  ALA A CA  1 
ATOM   176  C  C   . ALA A 1 47  ? 3.566   4.694   16.679  1.00 21.60 ?  26  ALA A C   1 
ATOM   177  O  O   . ALA A 1 47  ? 2.854   5.146   17.585  1.00 27.92 ?  26  ALA A O   1 
ATOM   178  C  CB  . ALA A 1 47  ? 5.406   4.233   18.317  1.00 24.52 ?  26  ALA A CB  1 
ATOM   179  N  N   . SER A 1 48  ? 3.362   4.997   15.402  1.00 25.42 ?  27  SER A N   1 
ATOM   180  C  CA  . SER A 1 48  ? 2.279   5.873   14.978  1.00 22.81 ?  27  SER A CA  1 
ATOM   181  C  C   . SER A 1 48  ? 1.358   5.134   14.023  1.00 22.12 ?  27  SER A C   1 
ATOM   182  O  O   . SER A 1 48  ? 1.822   4.506   13.064  1.00 17.74 ?  27  SER A O   1 
ATOM   183  C  CB  . SER A 1 48  ? 2.814   7.147   14.316  1.00 29.81 ?  27  SER A CB  1 
ATOM   184  O  OG  . SER A 1 48  ? 3.918   6.859   13.472  1.00 39.13 ?  27  SER A OG  1 
ATOM   185  N  N   . GLY A 1 49  ? 0.062   5.247   14.270  1.00 24.53 ?  28  GLY A N   1 
ATOM   186  C  CA  . GLY A 1 49  ? -0.954  4.536   13.516  1.00 24.95 ?  28  GLY A CA  1 
ATOM   187  C  C   . GLY A 1 49  ? -2.053  4.018   14.426  1.00 25.96 ?  28  GLY A C   1 
ATOM   188  O  O   . GLY A 1 49  ? -1.859  3.775   15.619  1.00 24.67 ?  28  GLY A O   1 
ATOM   189  N  N   . SER A 1 50  ? -3.246  3.846   13.855  1.00 23.81 ?  29  SER A N   1 
ATOM   190  C  CA  . SER A 1 50  ? -4.402  3.431   14.632  1.00 24.28 ?  29  SER A CA  1 
ATOM   191  C  C   . SER A 1 50  ? -4.678  1.933   14.554  1.00 22.17 ?  29  SER A C   1 
ATOM   192  O  O   . SER A 1 50  ? -5.411  1.413   15.403  1.00 23.84 ?  29  SER A O   1 
ATOM   193  C  CB  . SER A 1 50  ? -5.637  4.228   14.174  1.00 27.36 ?  29  SER A CB  1 
ATOM   194  O  OG  . SER A 1 50  ? -6.844  3.525   14.423  1.00 36.88 ?  29  SER A OG  1 
ATOM   195  N  N   . ALA A 1 51  ? -4.108  1.231   13.576  1.00 20.97 ?  30  ALA A N   1 
ATOM   196  C  CA  . ALA A 1 51  ? -4.323  -0.202  13.392  1.00 19.56 ?  30  ALA A CA  1 
ATOM   197  C  C   . ALA A 1 51  ? -3.377  -0.996  14.290  1.00 18.62 ?  30  ALA A C   1 
ATOM   198  O  O   . ALA A 1 51  ? -2.423  -0.452  14.840  1.00 18.83 ?  30  ALA A O   1 
ATOM   199  C  CB  . ALA A 1 51  ? -4.127  -0.561  11.919  1.00 16.53 ?  30  ALA A CB  1 
ATOM   200  N  N   . PRO A 1 52  ? -3.632  -2.299  14.481  1.00 18.53 ?  31  PRO A N   1 
ATOM   201  C  CA  . PRO A 1 52  ? -2.838  -3.075  15.444  1.00 17.23 ?  31  PRO A CA  1 
ATOM   202  C  C   . PRO A 1 52  ? -1.338  -3.037  15.199  1.00 18.93 ?  31  PRO A C   1 
ATOM   203  O  O   . PRO A 1 52  ? -0.855  -2.961  14.064  1.00 17.23 ?  31  PRO A O   1 
ATOM   204  C  CB  . PRO A 1 52  ? -3.380  -4.498  15.280  1.00 18.39 ?  31  PRO A CB  1 
ATOM   205  C  CG  . PRO A 1 52  ? -4.809  -4.286  14.898  1.00 18.63 ?  31  PRO A CG  1 
ATOM   206  C  CD  . PRO A 1 52  ? -4.821  -3.049  14.038  1.00 16.60 ?  31  PRO A CD  1 
ATOM   207  N  N   . ASN A 1 53  ? -0.600  -3.117  16.300  1.00 15.91 ?  32  ASN A N   1 
ATOM   208  C  CA  . ASN A 1 53  ? 0.827   -3.368  16.221  1.00 19.08 ?  32  ASN A CA  1 
ATOM   209  C  C   . ASN A 1 53  ? 1.068   -4.750  15.624  1.00 15.86 ?  32  ASN A C   1 
ATOM   210  O  O   . ASN A 1 53  ? 0.518   -5.753  16.096  1.00 19.05 ?  32  ASN A O   1 
ATOM   211  C  CB  . ASN A 1 53  ? 1.450   -3.260  17.614  1.00 19.62 ?  32  ASN A CB  1 
ATOM   212  C  CG  . ASN A 1 53  ? 2.928   -2.965  17.555  1.00 21.71 ?  32  ASN A CG  1 
ATOM   213  O  OD1 . ASN A 1 53  ? 3.682   -3.697  16.928  1.00 21.14 ?  32  ASN A OD1 1 
ATOM   214  N  ND2 . ASN A 1 53  ? 3.348   -1.866  18.188  1.00 28.34 ?  32  ASN A ND2 1 
ATOM   215  N  N   . LEU A 1 54  ? 1.861   -4.807  14.557  1.00 15.29 ?  33  LEU A N   1 
ATOM   216  C  CA  . LEU A 1 54  ? 2.135   -6.068  13.878  1.00 17.31 ?  33  LEU A CA  1 
ATOM   217  C  C   . LEU A 1 54  ? 3.313   -6.848  14.476  1.00 20.38 ?  33  LEU A C   1 
ATOM   218  O  O   . LEU A 1 54  ? 3.779   -7.810  13.856  1.00 17.13 ?  33  LEU A O   1 
ATOM   219  C  CB  . LEU A 1 54  ? 2.365   -5.830  12.385  1.00 13.93 ?  33  LEU A CB  1 
ATOM   220  C  CG  . LEU A 1 54  ? 1.088   -5.411  11.648  1.00 17.22 ?  33  LEU A CG  1 
ATOM   221  C  CD1 . LEU A 1 54  ? 1.358   -5.028  10.214  1.00 20.96 ?  33  LEU A CD1 1 
ATOM   222  C  CD2 . LEU A 1 54  ? 0.051   -6.518  11.690  1.00 20.12 ?  33  LEU A CD2 1 
ATOM   223  N  N   . SER A 1 55  ? 3.797   -6.460  15.655  1.00 20.47 ?  34  SER A N   1 
ATOM   224  C  CA  . SER A 1 55  ? 4.804   -7.264  16.349  1.00 17.27 ?  34  SER A CA  1 
ATOM   225  C  C   . SER A 1 55  ? 4.261   -8.668  16.619  1.00 24.47 ?  34  SER A C   1 
ATOM   226  O  O   . SER A 1 55  ? 3.183   -8.822  17.195  1.00 26.94 ?  34  SER A O   1 
ATOM   227  C  CB  . SER A 1 55  ? 5.180   -6.589  17.665  1.00 18.74 ?  34  SER A CB  1 
ATOM   228  O  OG  . SER A 1 55  ? 6.215   -5.632  17.463  1.00 26.81 ?  34  SER A OG  1 
ATOM   229  N  N   . ARG A 1 56  ? 5.012   -9.691  16.203  1.00 25.44 ?  35  ARG A N   1 
ATOM   230  C  CA  . ARG A 1 56  ? 4.643   -11.098 16.356  1.00 30.03 ?  35  ARG A CA  1 
ATOM   231  C  C   . ARG A 1 56  ? 3.415   -11.484 15.542  1.00 29.68 ?  35  ARG A C   1 
ATOM   232  O  O   . ARG A 1 56  ? 2.724   -12.441 15.901  1.00 29.42 ?  35  ARG A O   1 
ATOM   233  C  CB  . ARG A 1 56  ? 4.392   -11.474 17.825  1.00 27.42 ?  35  ARG A CB  1 
ATOM   234  C  CG  . ARG A 1 56  ? 5.514   -11.153 18.770  1.00 25.71 ?  35  ARG A CG  1 
ATOM   235  C  CD  . ARG A 1 56  ? 4.963   -10.527 20.048  1.00 34.66 ?  35  ARG A CD  1 
ATOM   236  N  NE  . ARG A 1 56  ? 3.801   -11.229 20.582  1.00 40.44 ?  35  ARG A NE  1 
ATOM   237  C  CZ  . ARG A 1 56  ? 2.911   -10.678 21.398  1.00 42.94 ?  35  ARG A CZ  1 
ATOM   238  N  NH1 . ARG A 1 56  ? 2.984   -9.399  21.737  1.00 35.89 ?  35  ARG A NH1 1 
ATOM   239  N  NH2 . ARG A 1 56  ? 1.918   -11.424 21.878  1.00 40.72 ?  35  ARG A NH2 1 
ATOM   240  N  N   . ALA A 1 57  ? 3.109   -10.769 14.454  1.00 25.98 ?  36  ALA A N   1 
ATOM   241  C  CA  . ALA A 1 57  ? 1.899   -11.030 13.680  1.00 27.38 ?  36  ALA A CA  1 
ATOM   242  C  C   . ALA A 1 57  ? 2.157   -11.858 12.418  1.00 19.78 ?  36  ALA A C   1 
ATOM   243  O  O   . ALA A 1 57  ? 1.305   -11.898 11.528  1.00 20.82 ?  36  ALA A O   1 
ATOM   244  C  CB  . ALA A 1 57  ? 1.202   -9.711  13.323  1.00 20.96 ?  36  ALA A CB  1 
ATOM   245  N  N   . GLY A 1 58  ? 3.294   -12.548 12.336  1.00 26.23 ?  37  GLY A N   1 
ATOM   246  C  CA  . GLY A 1 58  ? 3.553   -13.396 11.177  1.00 22.91 ?  37  GLY A CA  1 
ATOM   247  C  C   . GLY A 1 58  ? 2.412   -14.349 10.844  1.00 22.78 ?  37  GLY A C   1 
ATOM   248  O  O   . GLY A 1 58  ? 2.001   -14.468 9.689   1.00 19.50 ?  37  GLY A O   1 
ATOM   249  N  N   . THR A 1 59  ? 1.868   -15.036 11.845  1.00 22.79 ?  38  THR A N   1 
ATOM   250  C  CA  . THR A 1 59  ? 0.819   -15.991 11.509  1.00 21.95 ?  38  THR A CA  1 
ATOM   251  C  C   . THR A 1 59  ? -0.464  -15.272 11.126  1.00 23.83 ?  38  THR A C   1 
ATOM   252  O  O   . THR A 1 59  ? -1.180  -15.718 10.224  1.00 21.57 ?  38  THR A O   1 
ATOM   253  C  CB  . THR A 1 59  ? 0.564   -16.967 12.653  1.00 23.37 ?  38  THR A CB  1 
ATOM   254  O  OG1 . THR A 1 59  ? -0.370  -16.383 13.570  1.00 37.29 ?  38  THR A OG1 1 
ATOM   255  C  CG2 . THR A 1 59  ? 1.851   -17.277 13.377  1.00 25.05 ?  38  THR A CG2 1 
ATOM   256  N  N   . LYS A 1 60  ? -0.755  -14.137 11.770  1.00 26.06 ?  39  LYS A N   1 
ATOM   257  C  CA  . LYS A 1 60  ? -1.917  -13.344 11.368  1.00 23.80 ?  39  LYS A CA  1 
ATOM   258  C  C   . LYS A 1 60  ? -1.736  -12.739 9.977   1.00 21.07 ?  39  LYS A C   1 
ATOM   259  O  O   . LYS A 1 60  ? -2.707  -12.616 9.222   1.00 15.28 ?  39  LYS A O   1 
ATOM   260  C  CB  . LYS A 1 60  ? -2.188  -12.253 12.396  1.00 22.67 ?  39  LYS A CB  1 
ATOM   261  C  CG  . LYS A 1 60  ? -3.177  -12.665 13.468  1.00 23.95 ?  39  LYS A CG  1 
ATOM   262  C  CD  . LYS A 1 60  ? -3.154  -11.688 14.625  1.00 33.71 ?  39  LYS A CD  1 
ATOM   263  C  CE  . LYS A 1 60  ? -3.330  -12.388 15.952  1.00 37.87 ?  39  LYS A CE  1 
ATOM   264  N  NZ  . LYS A 1 60  ? -2.322  -11.917 16.952  1.00 42.48 ?  39  LYS A NZ  1 
ATOM   265  N  N   . ILE A 1 61  ? -0.509  -12.342 9.626   1.00 19.88 ?  40  ILE A N   1 
ATOM   266  C  CA  . ILE A 1 61  ? -0.248  -11.816 8.286   1.00 16.23 ?  40  ILE A CA  1 
ATOM   267  C  C   . ILE A 1 61  ? -0.531  -12.887 7.233   1.00 17.83 ?  40  ILE A C   1 
ATOM   268  O  O   . ILE A 1 61  ? -1.200  -12.630 6.227   1.00 15.46 ?  40  ILE A O   1 
ATOM   269  C  CB  . ILE A 1 61  ? 1.197   -11.295 8.187   1.00 19.35 ?  40  ILE A CB  1 
ATOM   270  C  CG1 . ILE A 1 61  ? 1.350   -9.991  8.977   1.00 17.57 ?  40  ILE A CG1 1 
ATOM   271  C  CG2 . ILE A 1 61  ? 1.587   -11.057 6.704   1.00 14.29 ?  40  ILE A CG2 1 
ATOM   272  C  CD1 . ILE A 1 61  ? 2.818   -9.528  9.140   1.00 18.82 ?  40  ILE A CD1 1 
ATOM   273  N  N   . ASP A 1 62  ? -0.045  -14.116 7.462   1.00 13.98 ?  41  ASP A N   1 
ATOM   274  C  CA  . ASP A 1 62  ? -0.220  -15.188 6.483   1.00 14.78 ?  41  ASP A CA  1 
ATOM   275  C  C   . ASP A 1 62  ? -1.676  -15.659 6.408   1.00 14.77 ?  41  ASP A C   1 
ATOM   276  O  O   . ASP A 1 62  ? -2.111  -16.181 5.374   1.00 11.18 ?  41  ASP A O   1 
ATOM   277  C  CB  . ASP A 1 62  ? 0.724   -16.364 6.814   1.00 16.04 ?  41  ASP A CB  1 
ATOM   278  C  CG  . ASP A 1 62  ? 2.154   -16.116 6.348   1.00 15.38 ?  41  ASP A CG  1 
ATOM   279  O  OD1 . ASP A 1 62  ? 2.352   -15.215 5.507   1.00 16.42 ?  41  ASP A OD1 1 
ATOM   280  O  OD2 . ASP A 1 62  ? 3.085   -16.830 6.805   1.00 18.73 -1 41  ASP A OD2 1 
ATOM   281  N  N   . GLY A 1 63  ? -2.443  -15.476 7.484   1.00 16.26 ?  42  GLY A N   1 
ATOM   282  C  CA  . GLY A 1 63  ? -3.873  -15.716 7.403   1.00 15.43 ?  42  GLY A CA  1 
ATOM   283  C  C   . GLY A 1 63  ? -4.634  -14.576 6.765   1.00 17.59 ?  42  GLY A C   1 
ATOM   284  O  O   . GLY A 1 63  ? -5.703  -14.794 6.191   1.00 25.85 ?  42  GLY A O   1 
ATOM   285  N  N   . LYS A 1 64  ? -4.099  -13.351 6.850   1.00 13.95 ?  43  LYS A N   1 
ATOM   286  C  CA  . LYS A 1 64  ? -4.787  -12.167 6.333   1.00 18.49 ?  43  LYS A CA  1 
ATOM   287  C  C   . LYS A 1 64  ? -4.562  -11.980 4.837   1.00 24.13 ?  43  LYS A C   1 
ATOM   288  O  O   . LYS A 1 64  ? -5.400  -11.371 4.151   1.00 24.86 ?  43  LYS A O   1 
ATOM   289  C  CB  . LYS A 1 64  ? -4.320  -10.921 7.101   1.00 18.95 ?  43  LYS A CB  1 
ATOM   290  C  CG  . LYS A 1 64  ? -4.876  -9.574  6.605   1.00 20.49 ?  43  LYS A CG  1 
ATOM   291  C  CD  . LYS A 1 64  ? -6.393  -9.487  6.750   1.00 26.83 ?  43  LYS A CD  1 
ATOM   292  C  CE  . LYS A 1 64  ? -6.828  -9.284  8.197   1.00 27.18 ?  43  LYS A CE  1 
ATOM   293  N  NZ  . LYS A 1 64  ? -8.017  -8.363  8.240   1.00 26.04 ?  43  LYS A NZ  1 
ATOM   294  N  N   . PHE A 1 65  ? -3.460  -12.503 4.316   1.00 17.24 ?  44  PHE A N   1 
ATOM   295  C  CA  . PHE A 1 65  ? -3.056  -12.285 2.938   1.00 14.65 ?  44  PHE A CA  1 
ATOM   296  C  C   . PHE A 1 65  ? -2.796  -13.599 2.238   1.00 16.91 ?  44  PHE A C   1 
ATOM   297  O  O   . PHE A 1 65  ? -2.139  -14.490 2.792   1.00 15.70 ?  44  PHE A O   1 
ATOM   298  C  CB  . PHE A 1 65  ? -1.769  -11.441 2.848   1.00 17.06 ?  44  PHE A CB  1 
ATOM   299  C  CG  . PHE A 1 65  ? -1.990  -9.978  3.064   1.00 15.57 ?  44  PHE A CG  1 
ATOM   300  C  CD1 . PHE A 1 65  ? -2.449  -9.177  2.032   1.00 18.69 ?  44  PHE A CD1 1 
ATOM   301  C  CD2 . PHE A 1 65  ? -1.725  -9.393  4.288   1.00 18.80 ?  44  PHE A CD2 1 
ATOM   302  C  CE1 . PHE A 1 65  ? -2.652  -7.833  2.229   1.00 14.10 ?  44  PHE A CE1 1 
ATOM   303  C  CE2 . PHE A 1 65  ? -1.940  -8.032  4.477   1.00 18.96 ?  44  PHE A CE2 1 
ATOM   304  C  CZ  . PHE A 1 65  ? -2.406  -7.271  3.456   1.00 15.74 ?  44  PHE A CZ  1 
ATOM   305  N  N   . THR A 1 66  ? -3.242  -13.680 0.990   1.00 17.85 ?  45  THR A N   1 
ATOM   306  C  CA  . THR A 1 66  ? -2.860  -14.763 0.102   1.00 20.16 ?  45  THR A CA  1 
ATOM   307  C  C   . THR A 1 66  ? -2.005  -14.196 -1.023  1.00 15.63 ?  45  THR A C   1 
ATOM   308  O  O   . THR A 1 66  ? -2.318  -13.129 -1.567  1.00 13.60 ?  45  THR A O   1 
ATOM   309  C  CB  . THR A 1 66  ? -4.096  -15.468 -0.437  1.00 14.67 ?  45  THR A CB  1 
ATOM   310  O  OG1 . THR A 1 66  ? -4.767  -16.085 0.668   1.00 15.98 ?  45  THR A OG1 1 
ATOM   311  C  CG2 . THR A 1 66  ? -3.706  -16.528 -1.446  1.00 14.61 ?  45  THR A CG2 1 
ATOM   312  N  N   . ALA A 1 67  ? -0.901  -14.883 -1.324  1.00 17.16 ?  46  ALA A N   1 
ATOM   313  C  CA  . ALA A 1 67  ? 0.041   -14.406 -2.337  1.00 17.54 ?  46  ALA A CA  1 
ATOM   314  C  C   . ALA A 1 67  ? -0.661  -14.177 -3.673  1.00 17.45 ?  46  ALA A C   1 
ATOM   315  O  O   . ALA A 1 67  ? -1.237  -15.105 -4.256  1.00 13.78 ?  46  ALA A O   1 
ATOM   316  C  CB  . ALA A 1 67  ? 1.181   -15.408 -2.506  1.00 16.72 ?  46  ALA A CB  1 
ATOM   317  N  N   . GLY A 1 68  ? -0.617  -12.930 -4.149  1.00 18.02 ?  47  GLY A N   1 
ATOM   318  C  CA  . GLY A 1 68  ? -1.132  -12.595 -5.457  1.00 17.94 ?  47  GLY A CA  1 
ATOM   319  C  C   . GLY A 1 68  ? -2.616  -12.337 -5.510  1.00 14.95 ?  47  GLY A C   1 
ATOM   320  O  O   . GLY A 1 68  ? -3.158  -12.152 -6.601  1.00 13.58 ?  47  GLY A O   1 
ATOM   321  N  N   . VAL A 1 69  ? -3.290  -12.326 -4.369  1.00 14.08 ?  48  VAL A N   1 
ATOM   322  C  CA  . VAL A 1 69  ? -4.735  -12.170 -4.303  1.00 18.86 ?  48  VAL A CA  1 
ATOM   323  C  C   . VAL A 1 69  ? -5.005  -10.834 -3.653  1.00 16.26 ?  48  VAL A C   1 
ATOM   324  O  O   . VAL A 1 69  ? -4.516  -10.566 -2.549  1.00 13.76 ?  48  VAL A O   1 
ATOM   325  C  CB  . VAL A 1 69  ? -5.393  -13.311 -3.517  1.00 13.43 ?  48  VAL A CB  1 
ATOM   326  C  CG1 . VAL A 1 69  ? -6.917  -13.184 -3.531  1.00 15.42 ?  48  VAL A CG1 1 
ATOM   327  C  CG2 . VAL A 1 69  ? -4.954  -14.637 -4.092  1.00 15.16 ?  48  VAL A CG2 1 
ATOM   328  N  N   . SER A 1 70  ? -5.769  -9.994  -4.337  1.00 14.08 ?  49  SER A N   1 
ATOM   329  C  CA  . SER A 1 70  ? -6.006  -8.655  -3.830  1.00 15.46 ?  49  SER A CA  1 
ATOM   330  C  C   . SER A 1 70  ? -6.907  -8.776  -2.612  1.00 17.83 ?  49  SER A C   1 
ATOM   331  O  O   . SER A 1 70  ? -7.900  -9.510  -2.631  1.00 15.99 ?  49  SER A O   1 
ATOM   332  C  CB  . SER A 1 70  ? -6.657  -7.780  -4.906  1.00 16.57 ?  49  SER A CB  1 
ATOM   333  O  OG  . SER A 1 70  ? -5.761  -7.473  -5.953  1.00 19.88 ?  49  SER A OG  1 
ATOM   334  N  N   . GLY A 1 71  ? -6.555  -8.095  -1.540  1.00 16.26 ?  50  GLY A N   1 
ATOM   335  C  CA  . GLY A 1 71  ? -7.409  -8.218  -0.381  1.00 19.48 ?  50  GLY A CA  1 
ATOM   336  C  C   . GLY A 1 71  ? -7.404  -7.003  0.509   1.00 16.42 ?  50  GLY A C   1 
ATOM   337  O  O   . GLY A 1 71  ? -7.823  -5.909  0.110   1.00 14.76 ?  50  GLY A O   1 
ATOM   338  N  N   . HIS A 1 72  ? -6.916  -7.217  1.720   1.00 17.64 ?  51  HIS A N   1 
ATOM   339  C  CA  . HIS A 1 72  ? -6.908  -6.268  2.822   1.00 14.11 ?  51  HIS A CA  1 
ATOM   340  C  C   . HIS A 1 72  ? -6.485  -4.869  2.382   1.00 14.22 ?  51  HIS A C   1 
ATOM   341  O  O   . HIS A 1 72  ? -5.373  -4.677  1.880   1.00 14.44 ?  51  HIS A O   1 
ATOM   342  C  CB  . HIS A 1 72  ? -5.951  -6.813  3.884   1.00 16.59 ?  51  HIS A CB  1 
ATOM   343  C  CG  . HIS A 1 72  ? -5.933  -6.027  5.154   1.00 14.08 ?  51  HIS A CG  1 
ATOM   344  N  ND1 . HIS A 1 72  ? -7.025  -5.949  5.990   1.00 18.14 ?  51  HIS A ND1 1 
ATOM   345  C  CD2 . HIS A 1 72  ? -4.943  -5.335  5.759   1.00 12.80 ?  51  HIS A CD2 1 
ATOM   346  C  CE1 . HIS A 1 72  ? -6.717  -5.226  7.048   1.00 17.12 ?  51  HIS A CE1 1 
ATOM   347  N  NE2 . HIS A 1 72  ? -5.466  -4.827  6.919   1.00 17.02 ?  51  HIS A NE2 1 
ATOM   348  N  N   . LYS A 1 73  ? -7.394  -3.894  2.551   1.00 13.26 ?  52  LYS A N   1 
ATOM   349  C  CA  . LYS A 1 73  ? -7.144  -2.480  2.237   1.00 12.87 ?  52  LYS A CA  1 
ATOM   350  C  C   . LYS A 1 73  ? -6.673  -2.293  0.799   1.00 10.62 ?  52  LYS A C   1 
ATOM   351  O  O   . LYS A 1 73  ? -5.869  -1.406  0.507   1.00 17.63 ?  52  LYS A O   1 
ATOM   352  C  CB  . LYS A 1 73  ? -6.129  -1.852  3.210   1.00 12.60 ?  52  LYS A CB  1 
ATOM   353  C  CG  . LYS A 1 73  ? -6.513  -1.926  4.687   1.00 13.52 ?  52  LYS A CG  1 
ATOM   354  C  CD  . LYS A 1 73  ? -7.967  -1.507  4.898   1.00 15.12 ?  52  LYS A CD  1 
ATOM   355  C  CE  . LYS A 1 73  ? -8.423  -1.778  6.310   1.00 20.24 ?  52  LYS A CE  1 
ATOM   356  N  NZ  . LYS A 1 73  ? -9.391  -0.751  6.762   1.00 23.59 ?  52  LYS A NZ  1 
ATOM   357  N  N   . GLY A 1 74  ? -7.163  -3.117  -0.119  1.00 12.14 ?  53  GLY A N   1 
ATOM   358  C  CA  . GLY A 1 74  ? -6.769  -3.020  -1.505  1.00 12.97 ?  53  GLY A CA  1 
ATOM   359  C  C   . GLY A 1 74  ? -5.370  -3.474  -1.818  1.00 14.70 ?  53  GLY A C   1 
ATOM   360  O  O   . GLY A 1 74  ? -4.946  -3.364  -2.975  1.00 14.82 ?  53  GLY A O   1 
ATOM   361  N  N   . ILE A 1 75  ? -4.663  -4.034  -0.848  1.00 17.81 ?  54  ILE A N   1 
ATOM   362  C  CA  . ILE A 1 75  ? -3.280  -4.459  -1.031  1.00 17.69 ?  54  ILE A CA  1 
ATOM   363  C  C   . ILE A 1 75  ? -3.243  -5.827  -1.697  1.00 17.08 ?  54  ILE A C   1 
ATOM   364  O  O   . ILE A 1 75  ? -4.036  -6.709  -1.369  1.00 14.56 ?  54  ILE A O   1 
ATOM   365  C  CB  . ILE A 1 75  ? -2.564  -4.482  0.329   1.00 14.51 ?  54  ILE A CB  1 
ATOM   366  C  CG1 . ILE A 1 75  ? -2.483  -3.064  0.925   1.00 15.30 ?  54  ILE A CG1 1 
ATOM   367  C  CG2 . ILE A 1 75  ? -1.167  -5.138  0.217   1.00 13.94 ?  54  ILE A CG2 1 
ATOM   368  C  CD1 . ILE A 1 75  ? -2.447  -3.036  2.462   1.00 12.09 ?  54  ILE A CD1 1 
ATOM   369  N  N   . THR A 1 76  ? -2.319  -6.003  -2.644  1.00 13.71 ?  55  THR A N   1 
ATOM   370  C  CA  . THR A 1 76  ? -1.924  -7.319  -3.143  1.00 13.17 ?  55  THR A CA  1 
ATOM   371  C  C   . THR A 1 76  ? -0.436  -7.523  -2.873  1.00 18.02 ?  55  THR A C   1 
ATOM   372  O  O   . THR A 1 76  ? 0.379   -6.637  -3.173  1.00 13.04 ?  55  THR A O   1 
ATOM   373  C  CB  . THR A 1 76  ? -2.192  -7.464  -4.642  1.00 17.55 ?  55  THR A CB  1 
ATOM   374  O  OG1 . THR A 1 76  ? -3.544  -7.079  -4.933  1.00 16.49 ?  55  THR A OG1 1 
ATOM   375  C  CG2 . THR A 1 76  ? -1.943  -8.924  -5.096  1.00 16.00 ?  55  THR A CG2 1 
ATOM   376  N  N   . LEU A 1 77  ? -0.087  -8.691  -2.315  1.00 16.03 ?  56  LEU A N   1 
ATOM   377  C  CA  . LEU A 1 77  ? 1.288   -9.021  -1.946  1.00 15.90 ?  56  LEU A CA  1 
ATOM   378  C  C   . LEU A 1 77  ? 1.730   -10.263 -2.714  1.00 17.20 ?  56  LEU A C   1 
ATOM   379  O  O   . LEU A 1 77  ? 0.978   -11.248 -2.792  1.00 16.17 ?  56  LEU A O   1 
ATOM   380  C  CB  . LEU A 1 77  ? 1.418   -9.271  -0.435  1.00 12.26 ?  56  LEU A CB  1 
ATOM   381  C  CG  . LEU A 1 77  ? 1.089   -8.148  0.544   1.00 14.17 ?  56  LEU A CG  1 
ATOM   382  C  CD1 . LEU A 1 77  ? 1.492   -8.514  1.969   1.00 13.72 ?  56  LEU A CD1 1 
ATOM   383  C  CD2 . LEU A 1 77  ? 1.758   -6.843  0.101   1.00 11.66 ?  56  LEU A CD2 1 
ATOM   384  N  N   . THR A 1 78  ? 2.939   -10.219 -3.279  1.00 14.92 ?  57  THR A N   1 
ATOM   385  C  CA  . THR A 1 78  ? 3.502   -11.425 -3.865  1.00 14.47 ?  57  THR A CA  1 
ATOM   386  C  C   . THR A 1 78  ? 4.008   -12.342 -2.760  1.00 16.44 ?  57  THR A C   1 
ATOM   387  O  O   . THR A 1 78  ? 4.126   -11.955 -1.589  1.00 14.17 ?  57  THR A O   1 
ATOM   388  C  CB  . THR A 1 78  ? 4.669   -11.115 -4.806  1.00 19.19 ?  57  THR A CB  1 
ATOM   389  O  OG1 . THR A 1 78  ? 5.768   -10.560 -4.056  1.00 16.07 ?  57  THR A OG1 1 
ATOM   390  C  CG2 . THR A 1 78  ? 4.231   -10.145 -5.897  1.00 20.17 ?  57  THR A CG2 1 
ATOM   391  N  N   . ALA A 1 79  ? 4.301   -13.582 -3.153  1.00 12.34 ?  58  ALA A N   1 
ATOM   392  C  CA  . ALA A 1 79  ? 4.882   -14.512 -2.202  1.00 16.47 ?  58  ALA A CA  1 
ATOM   393  C  C   . ALA A 1 79  ? 6.179   -13.947 -1.658  1.00 16.40 ?  58  ALA A C   1 
ATOM   394  O  O   . ALA A 1 79  ? 6.429   -13.997 -0.448  1.00 15.17 ?  58  ALA A O   1 
ATOM   395  C  CB  . ALA A 1 79  ? 5.114   -15.867 -2.864  1.00 13.68 ?  58  ALA A CB  1 
ATOM   396  N  N   . ALA A 1 80  ? 6.996   -13.358 -2.533  1.00 5.74  ?  59  ALA A N   1 
ATOM   397  C  CA  . ALA A 1 80  ? 8.265   -12.836 -2.034  1.00 16.86 ?  59  ALA A CA  1 
ATOM   398  C  C   . ALA A 1 80  ? 8.028   -11.683 -1.068  1.00 12.96 ?  59  ALA A C   1 
ATOM   399  O  O   . ALA A 1 80  ? 8.715   -11.568 -0.049  1.00 12.42 ?  59  ALA A O   1 
ATOM   400  C  CB  . ALA A 1 80  ? 9.169   -12.420 -3.196  1.00 16.51 ?  59  ALA A CB  1 
ATOM   401  N  N   . ASP A 1 81  ? 7.057   -10.825 -1.370  1.00 12.71 ?  60  ASP A N   1 
ATOM   402  C  CA  . ASP A 1 81  ? 6.667   -9.752  -0.459  1.00 14.69 ?  60  ASP A CA  1 
ATOM   403  C  C   . ASP A 1 81  ? 6.334   -10.286 0.925   1.00 13.42 ?  60  ASP A C   1 
ATOM   404  O  O   . ASP A 1 81  ? 6.711   -9.696  1.947   1.00 13.35 ?  60  ASP A O   1 
ATOM   405  C  CB  . ASP A 1 81  ? 5.433   -9.041  -1.002  1.00 13.83 ?  60  ASP A CB  1 
ATOM   406  C  CG  . ASP A 1 81  ? 5.730   -8.149  -2.171  1.00 17.52 ?  60  ASP A CG  1 
ATOM   407  O  OD1 . ASP A 1 81  ? 6.885   -7.723  -2.332  1.00 16.14 ?  60  ASP A OD1 1 
ATOM   408  O  OD2 . ASP A 1 81  ? 4.769   -7.799  -2.896  1.00 19.17 -1 60  ASP A OD2 1 
ATOM   409  N  N   . LEU A 1 82  ? 5.533   -11.357 0.970   1.00 11.05 ?  61  LEU A N   1 
ATOM   410  C  CA  . LEU A 1 82  ? 5.030   -11.863 2.241   1.00 14.35 ?  61  LEU A CA  1 
ATOM   411  C  C   . LEU A 1 82  ? 6.156   -12.439 3.077   1.00 10.93 ?  61  LEU A C   1 
ATOM   412  O  O   . LEU A 1 82  ? 6.207   -12.226 4.291   1.00 11.51 ?  61  LEU A O   1 
ATOM   413  C  CB  . LEU A 1 82  ? 3.956   -12.928 2.005   1.00 12.68 ?  61  LEU A CB  1 
ATOM   414  C  CG  . LEU A 1 82  ? 2.598   -12.332 1.658   1.00 13.17 ?  61  LEU A CG  1 
ATOM   415  C  CD1 . LEU A 1 82  ? 1.766   -13.301 0.829   1.00 17.44 ?  61  LEU A CD1 1 
ATOM   416  C  CD2 . LEU A 1 82  ? 1.930   -11.922 2.957   1.00 13.65 ?  61  LEU A CD2 1 
ATOM   417  N  N   . ALA A 1 83  ? 7.074   -13.148 2.432   1.00 13.42 ?  62  ALA A N   1 
ATOM   418  C  CA  . ALA A 1 83  ? 8.228   -13.705 3.140   1.00 11.52 ?  62  ALA A CA  1 
ATOM   419  C  C   . ALA A 1 83  ? 9.141   -12.592 3.637   1.00 13.89 ?  62  ALA A C   1 
ATOM   420  O  O   . ALA A 1 83  ? 9.527   -12.565 4.814   1.00 15.53 ?  62  ALA A O   1 
ATOM   421  C  CB  . ALA A 1 83  ? 8.988   -14.652 2.216   1.00 9.69  ?  62  ALA A CB  1 
ATOM   422  N  N   . ASN A 1 84  ? 9.473   -11.644 2.750   1.00 13.97 ?  63  ASN A N   1 
ATOM   423  C  CA  . ASN A 1 84  ? 10.360  -10.545 3.125   1.00 13.17 ?  63  ASN A CA  1 
ATOM   424  C  C   . ASN A 1 84  ? 9.759   -9.725  4.266   1.00 13.36 ?  63  ASN A C   1 
ATOM   425  O  O   . ASN A 1 84  ? 10.442  -9.404  5.243   1.00 12.81 ?  63  ASN A O   1 
ATOM   426  C  CB  . ASN A 1 84  ? 10.641  -9.665  1.899   1.00 13.80 ?  63  ASN A CB  1 
ATOM   427  C  CG  . ASN A 1 84  ? 11.484  -10.382 0.846   1.00 12.92 ?  63  ASN A CG  1 
ATOM   428  O  OD1 . ASN A 1 84  ? 12.339  -11.191 1.180   1.00 16.49 ?  63  ASN A OD1 1 
ATOM   429  N  ND2 . ASN A 1 84  ? 11.264  -10.063 -0.420  1.00 15.11 ?  63  ASN A ND2 1 
ATOM   430  N  N   . LEU A 1 85  ? 8.469   -9.396  4.176   1.00 13.64 ?  64  LEU A N   1 
ATOM   431  C  CA  . LEU A 1 85  ? 7.855   -8.582  5.221   1.00 13.09 ?  64  LEU A CA  1 
ATOM   432  C  C   . LEU A 1 85  ? 7.915   -9.282  6.579   1.00 11.81 ?  64  LEU A C   1 
ATOM   433  O  O   . LEU A 1 85  ? 8.270   -8.670  7.592   1.00 13.47 ?  64  LEU A O   1 
ATOM   434  C  CB  . LEU A 1 85  ? 6.411   -8.243  4.840   1.00 15.42 ?  64  LEU A CB  1 
ATOM   435  C  CG  . LEU A 1 85  ? 5.459   -7.788  5.945   1.00 15.08 ?  64  LEU A CG  1 
ATOM   436  C  CD1 . LEU A 1 85  ? 5.897   -6.427  6.382   1.00 12.89 ?  64  LEU A CD1 1 
ATOM   437  C  CD2 . LEU A 1 85  ? 4.004   -7.730  5.434   1.00 15.05 ?  64  LEU A CD2 1 
ATOM   438  N  N   . LYS A 1 86  ? 7.558   -10.571 6.626   1.00 12.22 ?  65  LYS A N   1 
ATOM   439  C  CA  . LYS A 1 86  ? 7.670   -11.308 7.881   1.00 14.04 ?  65  LYS A CA  1 
ATOM   440  C  C   . LYS A 1 86  ? 9.103   -11.317 8.418   1.00 12.21 ?  65  LYS A C   1 
ATOM   441  O  O   . LYS A 1 86  ? 9.316   -11.166 9.624   1.00 12.91 ?  65  LYS A O   1 
ATOM   442  C  CB  . LYS A 1 86  ? 7.156   -12.741 7.713   1.00 10.92 ?  65  LYS A CB  1 
ATOM   443  C  CG  . LYS A 1 86  ? 5.621   -12.814 7.550   1.00 11.43 ?  65  LYS A CG  1 
ATOM   444  C  CD  . LYS A 1 86  ? 5.130   -14.259 7.818   1.00 12.66 ?  65  LYS A CD  1 
ATOM   445  C  CE  . LYS A 1 86  ? 5.675   -15.236 6.795   1.00 12.65 ?  65  LYS A CE  1 
ATOM   446  N  NZ  . LYS A 1 86  ? 5.159   -14.926 5.431   1.00 14.13 ?  65  LYS A NZ  1 
ATOM   447  N  N   . THR A 1 87  ? 10.096  -11.524 7.555   1.00 11.06 ?  66  THR A N   1 
ATOM   448  C  CA  . THR A 1 87  ? 11.478  -11.466 8.048   1.00 15.58 ?  66  THR A CA  1 
ATOM   449  C  C   . THR A 1 87  ? 11.785  -10.095 8.637   1.00 13.80 ?  66  THR A C   1 
ATOM   450  O  O   . THR A 1 87  ? 12.442  -9.985  9.682   1.00 15.14 ?  66  THR A O   1 
ATOM   451  C  CB  . THR A 1 87  ? 12.468  -11.827 6.929   1.00 18.52 ?  66  THR A CB  1 
ATOM   452  O  OG1 . THR A 1 87  ? 12.212  -13.166 6.488   1.00 22.09 ?  66  THR A OG1 1 
ATOM   453  C  CG2 . THR A 1 87  ? 13.888  -11.773 7.419   1.00 26.15 ?  66  THR A CG2 1 
ATOM   454  N  N   . PHE A 1 88  ? 11.284  -9.032  7.999   1.00 11.33 ?  67  PHE A N   1 
ATOM   455  C  CA  . PHE A 1 88  ? 11.462  -7.687  8.552   1.00 13.60 ?  67  PHE A CA  1 
ATOM   456  C  C   . PHE A 1 88  ? 10.744  -7.524  9.883   1.00 15.62 ?  67  PHE A C   1 
ATOM   457  O  O   . PHE A 1 88  ? 11.300  -6.946  10.829  1.00 13.80 ?  67  PHE A O   1 
ATOM   458  C  CB  . PHE A 1 88  ? 10.966  -6.629  7.571   1.00 14.00 ?  67  PHE A CB  1 
ATOM   459  C  CG  . PHE A 1 88  ? 11.074  -5.222  8.105   1.00 15.46 ?  67  PHE A CG  1 
ATOM   460  C  CD1 . PHE A 1 88  ? 12.318  -4.627  8.305   1.00 15.47 ?  67  PHE A CD1 1 
ATOM   461  C  CD2 . PHE A 1 88  ? 9.944   -4.519  8.448   1.00 13.70 ?  67  PHE A CD2 1 
ATOM   462  C  CE1 . PHE A 1 88  ? 12.416  -3.345  8.817   1.00 14.49 ?  67  PHE A CE1 1 
ATOM   463  C  CE2 . PHE A 1 88  ? 10.031  -3.212  8.950   1.00 15.94 ?  67  PHE A CE2 1 
ATOM   464  C  CZ  . PHE A 1 88  ? 11.270  -2.634  9.146   1.00 14.18 ?  67  PHE A CZ  1 
ATOM   465  N  N   . VAL A 1 89  ? 9.503   -8.021  9.974   1.00 14.81 ?  68  VAL A N   1 
ATOM   466  C  CA  . VAL A 1 89  ? 8.751   -7.905  11.217  1.00 11.66 ?  68  VAL A CA  1 
ATOM   467  C  C   . VAL A 1 89  ? 9.462   -8.661  12.335  1.00 17.02 ?  68  VAL A C   1 
ATOM   468  O  O   . VAL A 1 89  ? 9.511   -8.201  13.481  1.00 19.81 ?  68  VAL A O   1 
ATOM   469  C  CB  . VAL A 1 89  ? 7.312   -8.403  11.008  1.00 15.22 ?  68  VAL A CB  1 
ATOM   470  C  CG1 . VAL A 1 89  ? 6.671   -8.817  12.346  1.00 13.96 ?  68  VAL A CG1 1 
ATOM   471  C  CG2 . VAL A 1 89  ? 6.481   -7.330  10.255  1.00 12.88 ?  68  VAL A CG2 1 
ATOM   472  N  N   . ASN A 1 90  ? 10.061  -9.805  12.014  1.00 15.11 ?  69  ASN A N   1 
ATOM   473  C  CA  . ASN A 1 90  ? 10.748  -10.587 13.039  1.00 16.66 ?  69  ASN A CA  1 
ATOM   474  C  C   . ASN A 1 90  ? 12.023  -9.895  13.515  1.00 17.02 ?  69  ASN A C   1 
ATOM   475  O  O   . ASN A 1 90  ? 12.363  -9.949  14.703  1.00 17.56 ?  69  ASN A O   1 
ATOM   476  C  CB  . ASN A 1 90  ? 11.064  -11.986 12.510  1.00 14.96 ?  69  ASN A CB  1 
ATOM   477  C  CG  . ASN A 1 90  ? 9.818   -12.799 12.272  1.00 20.53 ?  69  ASN A CG  1 
ATOM   478  O  OD1 . ASN A 1 90  ? 8.838   -12.621 12.978  1.00 19.30 ?  69  ASN A OD1 1 
ATOM   479  N  ND2 . ASN A 1 90  ? 9.858   -13.716 11.300  1.00 18.52 ?  69  ASN A ND2 1 
ATOM   480  N  N   . ALA A 1 91  ? 12.739  -9.239  12.611  1.00 14.57 ?  70  ALA A N   1 
ATOM   481  C  CA  . ALA A 1 91  ? 14.032  -8.659  12.950  1.00 16.40 ?  70  ALA A CA  1 
ATOM   482  C  C   . ALA A 1 91  ? 13.952  -7.248  13.516  1.00 21.03 ?  70  ALA A C   1 
ATOM   483  O  O   . ALA A 1 91  ? 14.928  -6.784  14.121  1.00 19.06 ?  70  ALA A O   1 
ATOM   484  C  CB  . ALA A 1 91  ? 14.933  -8.639  11.715  1.00 15.07 ?  70  ALA A CB  1 
ATOM   485  N  N   . ASN A 1 92  ? 12.836  -6.537  13.328  1.00 19.16 ?  71  ASN A N   1 
ATOM   486  C  CA  . ASN A 1 92  ? 12.771  -5.147  13.770  1.00 23.31 ?  71  ASN A CA  1 
ATOM   487  C  C   . ASN A 1 92  ? 11.554  -4.820  14.623  1.00 21.30 ?  71  ASN A C   1 
ATOM   488  O  O   . ASN A 1 92  ? 11.406  -3.664  15.041  1.00 21.54 ?  71  ASN A O   1 
ATOM   489  C  CB  . ASN A 1 92  ? 12.839  -4.214  12.562  1.00 16.39 ?  71  ASN A CB  1 
ATOM   490  C  CG  . ASN A 1 92  ? 14.226  -4.203  11.933  1.00 20.08 ?  71  ASN A CG  1 
ATOM   491  O  OD1 . ASN A 1 92  ? 14.459  -4.782  10.867  1.00 20.63 ?  71  ASN A OD1 1 
ATOM   492  N  ND2 . ASN A 1 92  ? 15.163  -3.576  12.621  1.00 16.34 ?  71  ASN A ND2 1 
ATOM   493  N  N   . GLY A 1 93  ? 10.712  -5.801  14.926  1.00 17.12 ?  72  GLY A N   1 
ATOM   494  C  CA  . GLY A 1 93  ? 9.505   -5.568  15.692  1.00 19.25 ?  72  GLY A CA  1 
ATOM   495  C  C   . GLY A 1 93  ? 9.476   -6.141  17.096  1.00 23.97 ?  72  GLY A C   1 
ATOM   496  O  O   . GLY A 1 93  ? 8.419   -6.162  17.735  1.00 25.76 ?  72  GLY A O   1 
ATOM   497  N  N   . SER A 1 97  ? 13.927  -0.547  19.418  1.00 24.87 ?  76  SER A N   1 
ATOM   498  C  CA  . SER A 1 97  ? 14.208  0.102   18.144  1.00 25.16 ?  76  SER A CA  1 
ATOM   499  C  C   . SER A 1 97  ? 14.421  1.606   18.328  1.00 23.19 ?  76  SER A C   1 
ATOM   500  O  O   . SER A 1 97  ? 13.468  2.329   18.584  1.00 22.17 ?  76  SER A O   1 
ATOM   501  C  CB  . SER A 1 97  ? 13.059  -0.143  17.162  1.00 23.55 ?  76  SER A CB  1 
ATOM   502  O  OG  . SER A 1 97  ? 13.509  -0.152  15.822  1.00 28.66 ?  76  SER A OG  1 
ATOM   503  N  N   . HIS A 1 98  ? 15.664  2.075   18.209  1.00 24.06 ?  77  HIS A N   1 
ATOM   504  C  CA  . HIS A 1 98  ? 15.933  3.512   18.246  1.00 21.48 ?  77  HIS A CA  1 
ATOM   505  C  C   . HIS A 1 98  ? 17.230  3.780   17.505  1.00 21.77 ?  77  HIS A C   1 
ATOM   506  O  O   . HIS A 1 98  ? 18.148  2.950   17.545  1.00 17.04 ?  77  HIS A O   1 
ATOM   507  C  CB  . HIS A 1 98  ? 16.014  4.050   19.689  1.00 21.56 ?  77  HIS A CB  1 
ATOM   508  C  CG  . HIS A 1 98  ? 16.342  5.512   19.778  1.00 25.37 ?  77  HIS A CG  1 
ATOM   509  N  ND1 . HIS A 1 98  ? 15.381  6.485   19.962  1.00 27.75 ?  77  HIS A ND1 1 
ATOM   510  C  CD2 . HIS A 1 98  ? 17.527  6.165   19.725  1.00 23.44 ?  77  HIS A CD2 1 
ATOM   511  C  CE1 . HIS A 1 98  ? 15.958  7.673   20.006  1.00 27.06 ?  77  HIS A CE1 1 
ATOM   512  N  NE2 . HIS A 1 98  ? 17.261  7.508   19.862  1.00 29.40 ?  77  HIS A NE2 1 
ATOM   513  N  N   . PRO A 1 99  ? 17.342  4.929   16.824  1.00 18.79 ?  78  PRO A N   1 
ATOM   514  C  CA  . PRO A 1 99  ? 18.547  5.214   16.021  1.00 18.97 ?  78  PRO A CA  1 
ATOM   515  C  C   . PRO A 1 99  ? 19.848  5.235   16.809  1.00 17.94 ?  78  PRO A C   1 
ATOM   516  O  O   . PRO A 1 99  ? 20.920  5.181   16.199  1.00 16.83 ?  78  PRO A O   1 
ATOM   517  C  CB  . PRO A 1 99  ? 18.269  6.607   15.426  1.00 20.33 ?  78  PRO A CB  1 
ATOM   518  C  CG  . PRO A 1 99  ? 16.919  7.036   15.933  1.00 20.72 ?  78  PRO A CG  1 
ATOM   519  C  CD  . PRO A 1 99  ? 16.231  5.855   16.516  1.00 17.91 ?  78  PRO A CD  1 
ATOM   520  N  N   . GLN A 1 100 ? 19.771  5.351   18.118  1.00 18.53 ?  79  GLN A N   1 
ATOM   521  C  CA  . GLN A 1 100 ? 20.958  5.475   18.951  1.00 23.15 ?  79  GLN A CA  1 
ATOM   522  C  C   . GLN A 1 100 ? 21.209  4.245   19.846  1.00 25.60 ?  79  GLN A C   1 
ATOM   523  O  O   . GLN A 1 100 ? 22.103  4.260   20.665  1.00 26.41 ?  79  GLN A O   1 
ATOM   524  C  CB  . GLN A 1 100 ? 20.860  6.737   19.782  1.00 23.96 ?  79  GLN A CB  1 
ATOM   525  C  CG  . GLN A 1 100 ? 21.084  7.987   18.963  1.00 28.21 ?  79  GLN A CG  1 
ATOM   526  C  CD  . GLN A 1 100 ? 20.791  9.237   19.742  1.00 31.60 ?  79  GLN A CD  1 
ATOM   527  O  OE1 . GLN A 1 100 ? 19.639  9.598   19.926  1.00 34.97 ?  79  GLN A OE1 1 
ATOM   528  N  NE2 . GLN A 1 100 ? 21.834  9.906   20.202  1.00 32.38 ?  79  GLN A NE2 1 
ATOM   529  N  N   . PHE A 1 101 ? 20.403  3.217   19.686  1.00 22.65 ?  80  PHE A N   1 
ATOM   530  C  CA  . PHE A 1 101 ? 20.555  2.027   20.481  1.00 29.11 ?  80  PHE A CA  1 
ATOM   531  C  C   . PHE A 1 101 ? 21.374  0.928   19.787  1.00 32.77 ?  80  PHE A C   1 
ATOM   532  O  O   . PHE A 1 101 ? 22.321  0.436   20.351  1.00 32.91 ?  80  PHE A O   1 
ATOM   533  N  N   . GLY B 1 24  ? -14.113 1.908   0.060   1.00 26.07 ?  3   GLY C N   1 
ATOM   534  C  CA  . GLY B 1 24  ? -13.844 0.909   -0.948  1.00 20.36 ?  3   GLY C CA  1 
ATOM   535  C  C   . GLY B 1 24  ? -13.851 1.421   -2.376  1.00 22.86 ?  3   GLY C C   1 
ATOM   536  O  O   . GLY B 1 24  ? -13.184 2.404   -2.710  1.00 19.96 ?  3   GLY C O   1 
ATOM   537  N  N   . VAL B 1 25  ? -14.643 0.752   -3.216  1.00 19.50 ?  4   VAL C N   1 
ATOM   538  C  CA  . VAL B 1 25  ? -14.530 0.929   -4.658  1.00 21.84 ?  4   VAL C CA  1 
ATOM   539  C  C   . VAL B 1 25  ? -15.121 2.271   -5.091  1.00 21.74 ?  4   VAL C C   1 
ATOM   540  O  O   . VAL B 1 25  ? -14.569 2.959   -5.956  1.00 20.57 ?  4   VAL C O   1 
ATOM   541  C  CB  . VAL B 1 25  ? -15.193 -0.267  -5.362  1.00 17.77 ?  4   VAL C CB  1 
ATOM   542  C  CG1 . VAL B 1 25  ? -15.345 -0.011  -6.836  1.00 21.51 ?  4   VAL C CG1 1 
ATOM   543  C  CG2 . VAL B 1 25  ? -14.368 -1.543  -5.103  1.00 22.88 ?  4   VAL C CG2 1 
ATOM   544  N  N   . ASP B 1 26  ? -16.229 2.688   -4.478  1.00 19.71 ?  5   ASP C N   1 
ATOM   545  C  CA  . ASP B 1 26  ? -16.836 3.945   -4.909  1.00 20.81 ?  5   ASP C CA  1 
ATOM   546  C  C   . ASP B 1 26  ? -16.001 5.159   -4.513  1.00 21.98 ?  5   ASP C C   1 
ATOM   547  O  O   . ASP B 1 26  ? -15.717 5.996   -5.390  1.00 20.14 ?  5   ASP C O   1 
ATOM   548  C  CB  . ASP B 1 26  ? -18.276 4.040   -4.402  1.00 23.43 ?  5   ASP C CB  1 
ATOM   549  C  CG  . ASP B 1 26  ? -19.192 3.020   -5.056  1.00 30.81 ?  5   ASP C CG  1 
ATOM   550  O  OD1 . ASP B 1 26  ? -19.050 2.791   -6.286  1.00 29.46 -1 5   ASP C OD1 1 
ATOM   551  O  OD2 . ASP B 1 26  ? -20.070 2.472   -4.346  1.00 32.39 ?  5   ASP C OD2 1 
ATOM   552  N  N   . PRO B 1 27  ? -15.572 5.329   -3.251  1.00 21.08 ?  6   PRO C N   1 
ATOM   553  C  CA  . PRO B 1 27  ? -14.649 6.441   -2.958  1.00 21.87 ?  6   PRO C CA  1 
ATOM   554  C  C   . PRO B 1 27  ? -13.324 6.314   -3.684  1.00 17.87 ?  6   PRO C C   1 
ATOM   555  O  O   . PRO B 1 27  ? -12.717 7.334   -4.036  1.00 18.29 ?  6   PRO C O   1 
ATOM   556  C  CB  . PRO B 1 27  ? -14.459 6.383   -1.435  1.00 21.62 ?  6   PRO C CB  1 
ATOM   557  C  CG  . PRO B 1 27  ? -15.133 5.158   -0.959  1.00 22.80 ?  6   PRO C CG  1 
ATOM   558  C  CD  . PRO B 1 27  ? -15.961 4.572   -2.042  1.00 24.82 ?  6   PRO C CD  1 
ATOM   559  N  N   . GLY B 1 28  ? -12.840 5.091   -3.902  1.00 16.81 ?  7   GLY C N   1 
ATOM   560  C  CA  . GLY B 1 28  ? -11.648 4.929   -4.715  1.00 16.71 ?  7   GLY C CA  1 
ATOM   561  C  C   . GLY B 1 28  ? -11.845 5.468   -6.120  1.00 15.39 ?  7   GLY C C   1 
ATOM   562  O  O   . GLY B 1 28  ? -10.941 6.072   -6.694  1.00 16.13 ?  7   GLY C O   1 
ATOM   563  N  N   . LYS B 1 29  ? -13.039 5.261   -6.688  1.00 14.08 ?  8   LYS C N   1 
ATOM   564  C  CA  . LYS B 1 29  ? -13.325 5.815   -8.004  1.00 13.26 ?  8   LYS C CA  1 
ATOM   565  C  C   . LYS B 1 29  ? -13.252 7.335   -7.994  1.00 14.52 ?  8   LYS C C   1 
ATOM   566  O  O   . LYS B 1 29  ? -12.728 7.936   -8.934  1.00 13.05 ?  8   LYS C O   1 
ATOM   567  C  CB  . LYS B 1 29  ? -14.696 5.343   -8.495  1.00 15.45 ?  8   LYS C CB  1 
ATOM   568  C  CG  . LYS B 1 29  ? -15.088 5.899   -9.847  1.00 17.63 ?  8   LYS C CG  1 
ATOM   569  C  CD  . LYS B 1 29  ? -16.550 5.621   -10.119 1.00 16.09 ?  8   LYS C CD  1 
ATOM   570  C  CE  . LYS B 1 29  ? -16.869 5.835   -11.574 1.00 18.34 ?  8   LYS C CE  1 
ATOM   571  N  NZ  . LYS B 1 29  ? -16.813 7.318   -11.891 1.00 22.26 ?  8   LYS C NZ  1 
ATOM   572  N  N   . THR B 1 30  ? -13.767 7.972   -6.940  1.00 14.51 ?  9   THR C N   1 
ATOM   573  C  CA  . THR B 1 30  ? -13.663 9.423   -6.847  1.00 15.88 ?  9   THR C CA  1 
ATOM   574  C  C   . THR B 1 30  ? -12.212 9.866   -6.758  1.00 14.84 ?  9   THR C C   1 
ATOM   575  O  O   . THR B 1 30  ? -11.826 10.879  -7.361  1.00 12.96 ?  9   THR C O   1 
ATOM   576  C  CB  . THR B 1 30  ? -14.462 9.952   -5.654  1.00 20.21 ?  9   THR C CB  1 
ATOM   577  O  OG1 . THR B 1 30  ? -15.812 9.462   -5.713  1.00 19.16 ?  9   THR C OG1 1 
ATOM   578  C  CG2 . THR B 1 30  ? -14.462 11.480  -5.649  1.00 21.99 ?  9   THR C CG2 1 
ATOM   579  N  N   . VAL B 1 31  ? -11.383 9.115   -6.028  1.00 13.51 ?  10  VAL C N   1 
ATOM   580  C  CA  . VAL B 1 31  ? -9.958  9.447   -5.964  1.00 13.41 ?  10  VAL C CA  1 
ATOM   581  C  C   . VAL B 1 31  ? -9.342  9.402   -7.357  1.00 12.49 ?  10  VAL C C   1 
ATOM   582  O  O   . VAL B 1 31  ? -8.680  10.351  -7.797  1.00 12.57 ?  10  VAL C O   1 
ATOM   583  C  CB  . VAL B 1 31  ? -9.222  8.501   -4.996  1.00 11.53 ?  10  VAL C CB  1 
ATOM   584  C  CG1 . VAL B 1 31  ? -7.709  8.707   -5.132  1.00 11.48 ?  10  VAL C CG1 1 
ATOM   585  C  CG2 . VAL B 1 31  ? -9.635  8.776   -3.551  1.00 10.93 ?  10  VAL C CG2 1 
ATOM   586  N  N   . TYR B 1 32  ? -9.563  8.302   -8.075  1.00 10.95 ?  11  TYR C N   1 
ATOM   587  C  CA  . TYR B 1 32  ? -8.966  8.147   -9.395  1.00 12.24 ?  11  TYR C CA  1 
ATOM   588  C  C   . TYR B 1 32  ? -9.438  9.249   -10.317 1.00 15.46 ?  11  TYR C C   1 
ATOM   589  O  O   . TYR B 1 32  ? -8.639  9.892   -11.011 1.00 13.91 ?  11  TYR C O   1 
ATOM   590  C  CB  . TYR B 1 32  ? -9.333  6.800   -10.018 1.00 11.84 ?  11  TYR C CB  1 
ATOM   591  C  CG  . TYR B 1 32  ? -8.737  6.691   -11.405 1.00 14.97 ?  11  TYR C CG  1 
ATOM   592  C  CD1 . TYR B 1 32  ? -7.381  6.422   -11.583 1.00 13.86 ?  11  TYR C CD1 1 
ATOM   593  C  CD2 . TYR B 1 32  ? -9.498  6.960   -12.529 1.00 15.92 ?  11  TYR C CD2 1 
ATOM   594  C  CE1 . TYR B 1 32  ? -6.820  6.364   -12.859 1.00 14.26 ?  11  TYR C CE1 1 
ATOM   595  C  CE2 . TYR B 1 32  ? -8.947  6.909   -13.794 1.00 15.50 ?  11  TYR C CE2 1 
ATOM   596  C  CZ  . TYR B 1 32  ? -7.613  6.630   -13.954 1.00 14.80 ?  11  TYR C CZ  1 
ATOM   597  O  OH  . TYR B 1 32  ? -7.096  6.590   -15.233 1.00 16.69 ?  11  TYR C OH  1 
ATOM   598  N  N   . ASP B 1 33  ? -10.752 9.456   -10.337 1.00 11.42 ?  12  ASP C N   1 
ATOM   599  C  CA  . ASP B 1 33  ? -11.383 10.353  -11.292 1.00 15.57 ?  12  ASP C CA  1 
ATOM   600  C  C   . ASP B 1 33  ? -10.868 11.773  -11.139 1.00 16.04 ?  12  ASP C C   1 
ATOM   601  O  O   . ASP B 1 33  ? -10.497 12.418  -12.125 1.00 12.44 ?  12  ASP C O   1 
ATOM   602  C  CB  . ASP B 1 33  ? -12.892 10.334  -11.083 1.00 18.95 ?  12  ASP C CB  1 
ATOM   603  C  CG  . ASP B 1 33  ? -13.571 9.186   -11.797 1.00 17.11 ?  12  ASP C CG  1 
ATOM   604  O  OD1 . ASP B 1 33  ? -12.920 8.463   -12.589 1.00 15.19 ?  12  ASP C OD1 1 
ATOM   605  O  OD2 . ASP B 1 33  ? -14.790 9.060   -11.607 1.00 20.80 -1 12  ASP C OD2 1 
ATOM   606  N  N   . SER B 1 34  ? -10.854 12.284  -9.908  1.00 15.78 ?  13  SER C N   1 
ATOM   607  C  CA  . SER B 1 34  ? -10.562 13.696  -9.712  1.00 13.24 ?  13  SER C CA  1 
ATOM   608  C  C   . SER B 1 34  ? -9.068  13.985  -9.642  1.00 16.37 ?  13  SER C C   1 
ATOM   609  O  O   . SER B 1 34  ? -8.664  15.142  -9.813  1.00 16.83 ?  13  SER C O   1 
ATOM   610  C  CB  . SER B 1 34  ? -11.201 14.203  -8.419  1.00 18.22 ?  13  SER C CB  1 
ATOM   611  O  OG  . SER B 1 34  ? -10.895 13.328  -7.356  1.00 22.73 ?  13  SER C OG  1 
ATOM   612  N  N   . ARG B 1 35  ? -8.236  12.977  -9.379  1.00 14.00 ?  14  ARG C N   1 
ATOM   613  C  CA  . ARG B 1 35  ? -6.840  13.245  -9.053  1.00 15.58 ?  14  ARG C CA  1 
ATOM   614  C  C   . ARG B 1 35  ? -5.816  12.587  -9.968  1.00 15.40 ?  14  ARG C C   1 
ATOM   615  O  O   . ARG B 1 35  ? -4.666  13.046  -9.994  1.00 13.56 ?  14  ARG C O   1 
ATOM   616  C  CB  . ARG B 1 35  ? -6.567  12.838  -7.600  1.00 18.46 ?  14  ARG C CB  1 
ATOM   617  C  CG  . ARG B 1 35  ? -7.655  13.384  -6.663  1.00 19.38 ?  14  ARG C CG  1 
ATOM   618  C  CD  . ARG B 1 35  ? -7.131  13.778  -5.312  1.00 22.44 ?  14  ARG C CD  1 
ATOM   619  N  NE  . ARG B 1 35  ? -6.207  14.907  -5.345  1.00 19.97 ?  14  ARG C NE  1 
ATOM   620  C  CZ  . ARG B 1 35  ? -5.451  15.265  -4.316  1.00 18.11 ?  14  ARG C CZ  1 
ATOM   621  N  NH1 . ARG B 1 35  ? -5.502  14.611  -3.166  1.00 20.22 ?  14  ARG C NH1 1 
ATOM   622  N  NH2 . ARG B 1 35  ? -4.632  16.313  -4.438  1.00 19.83 ?  14  ARG C NH2 1 
ATOM   623  N  N   . CYS B 1 36  ? -6.187  11.556  -10.730 1.00 14.84 ?  15  CYS C N   1 
ATOM   624  C  CA  . CYS B 1 36  ? -5.214  10.852  -11.567 1.00 12.92 ?  15  CYS C CA  1 
ATOM   625  C  C   . CYS B 1 36  ? -5.638  10.741  -13.025 1.00 12.48 ?  15  CYS C C   1 
ATOM   626  O  O   . CYS B 1 36  ? -4.779  10.615  -13.900 1.00 13.95 ?  15  CYS C O   1 
ATOM   627  C  CB  . CYS B 1 36  ? -4.947  9.431   -11.029 1.00 13.42 ?  15  CYS C CB  1 
ATOM   628  S  SG  . CYS B 1 36  ? -5.047  9.217   -9.247  1.00 14.48 ?  15  CYS C SG  1 
ATOM   629  N  N   . ALA B 1 37  ? -6.952  10.731  -13.291 1.00 17.06 ?  16  ALA C N   1 
ATOM   630  C  CA  . ALA B 1 37  ? -7.446  10.434  -14.637 1.00 18.28 ?  16  ALA C CA  1 
ATOM   631  C  C   . ALA B 1 37  ? -7.063  11.497  -15.665 1.00 16.89 ?  16  ALA C C   1 
ATOM   632  O  O   . ALA B 1 37  ? -6.980  11.194  -16.860 1.00 15.20 ?  16  ALA C O   1 
ATOM   633  C  CB  . ALA B 1 37  ? -8.958  10.271  -14.613 1.00 12.52 ?  16  ALA C CB  1 
ATOM   634  N  N   . SER B 1 38  ? -6.859  12.747  -15.246 1.00 20.54 ?  17  SER C N   1 
ATOM   635  C  CA  . SER B 1 38  ? -6.455  13.766  -16.217 1.00 20.05 ?  17  SER C CA  1 
ATOM   636  C  C   . SER B 1 38  ? -5.228  13.335  -17.016 1.00 21.05 ?  17  SER C C   1 
ATOM   637  O  O   . SER B 1 38  ? -5.127  13.636  -18.210 1.00 21.56 ?  17  SER C O   1 
ATOM   638  C  CB  . SER B 1 38  ? -6.178  15.085  -15.511 1.00 21.82 ?  17  SER C CB  1 
ATOM   639  O  OG  . SER B 1 38  ? -5.253  14.907  -14.461 1.00 26.93 ?  17  SER C OG  1 
ATOM   640  N  N   . CYS B 1 39  ? -4.319  12.585  -16.386 1.00 17.82 ?  18  CYS C N   1 
ATOM   641  C  CA  . CYS B 1 39  ? -3.055  12.156  -16.978 1.00 14.30 ?  18  CYS C CA  1 
ATOM   642  C  C   . CYS B 1 39  ? -2.976  10.657  -17.228 1.00 16.61 ?  18  CYS C C   1 
ATOM   643  O  O   . CYS B 1 39  ? -2.431  10.222  -18.251 1.00 16.42 ?  18  CYS C O   1 
ATOM   644  C  CB  . CYS B 1 39  ? -1.891  12.555  -16.063 1.00 17.42 ?  18  CYS C CB  1 
ATOM   645  S  SG  . CYS B 1 39  ? -1.810  14.345  -15.698 1.00 16.40 ?  18  CYS C SG  1 
ATOM   646  N  N   . HIS B 1 40  ? -3.467  9.849   -16.304 1.00 13.66 ?  19  HIS C N   1 
ATOM   647  C  CA  . HIS B 1 40  ? -3.215  8.421   -16.390 1.00 15.53 ?  19  HIS C CA  1 
ATOM   648  C  C   . HIS B 1 40  ? -4.297  7.705   -17.198 1.00 17.17 ?  19  HIS C C   1 
ATOM   649  O  O   . HIS B 1 40  ? -5.328  8.280   -17.569 1.00 14.56 ?  19  HIS C O   1 
ATOM   650  C  CB  . HIS B 1 40  ? -3.123  7.830   -14.992 1.00 12.70 ?  19  HIS C CB  1 
ATOM   651  C  CG  . HIS B 1 40  ? -1.810  8.080   -14.328 1.00 13.41 ?  19  HIS C CG  1 
ATOM   652  N  ND1 . HIS B 1 40  ? -0.684  7.348   -14.626 1.00 16.30 ?  19  HIS C ND1 1 
ATOM   653  C  CD2 . HIS B 1 40  ? -1.436  8.979   -13.387 1.00 15.23 ?  19  HIS C CD2 1 
ATOM   654  C  CE1 . HIS B 1 40  ? 0.327   7.786   -13.898 1.00 15.04 ?  19  HIS C CE1 1 
ATOM   655  N  NE2 . HIS B 1 40  ? -0.108  8.766   -13.130 1.00 15.56 ?  19  HIS C NE2 1 
ATOM   656  N  N   . ARG B 1 41  ? -4.020  6.434   -17.486 1.00 12.57 ?  20  ARG C N   1 
ATOM   657  C  CA  . ARG B 1 41  ? -4.973  5.481   -18.029 1.00 17.38 ?  20  ARG C CA  1 
ATOM   658  C  C   . ARG B 1 41  ? -5.206  4.419   -16.969 1.00 14.00 ?  20  ARG C C   1 
ATOM   659  O  O   . ARG B 1 41  ? -4.389  4.231   -16.064 1.00 14.68 ?  20  ARG C O   1 
ATOM   660  C  CB  . ARG B 1 41  ? -4.458  4.818   -19.320 1.00 17.64 ?  20  ARG C CB  1 
ATOM   661  C  CG  . ARG B 1 41  ? -4.066  5.774   -20.446 1.00 22.88 ?  20  ARG C CG  1 
ATOM   662  C  CD  . ARG B 1 41  ? -3.667  5.002   -21.712 1.00 22.53 ?  20  ARG C CD  1 
ATOM   663  N  NE  . ARG B 1 41  ? -2.301  4.482   -21.666 1.00 26.69 ?  20  ARG C NE  1 
ATOM   664  C  CZ  . ARG B 1 41  ? -1.979  3.195   -21.756 1.00 26.54 ?  20  ARG C CZ  1 
ATOM   665  N  NH1 . ARG B 1 41  ? -2.906  2.253   -21.864 1.00 30.64 ?  20  ARG C NH1 1 
ATOM   666  N  NH2 . ARG B 1 41  ? -0.694  2.841   -21.734 1.00 29.09 ?  20  ARG C NH2 1 
ATOM   667  N  N   . LEU B 1 42  ? -6.325  3.713   -17.090 1.00 15.92 ?  21  LEU C N   1 
ATOM   668  C  CA  . LEU B 1 42  ? -6.641  2.672   -16.115 1.00 15.63 ?  21  LEU C CA  1 
ATOM   669  C  C   . LEU B 1 42  ? -7.421  1.589   -16.861 1.00 20.68 ?  21  LEU C C   1 
ATOM   670  O  O   . LEU B 1 42  ? -8.643  1.682   -17.007 1.00 20.32 ?  21  LEU C O   1 
ATOM   671  C  CB  . LEU B 1 42  ? -7.433  3.223   -14.937 1.00 13.74 ?  21  LEU C CB  1 
ATOM   672  C  CG  . LEU B 1 42  ? -7.873  2.173   -13.905 1.00 17.31 ?  21  LEU C CG  1 
ATOM   673  C  CD1 . LEU B 1 42  ? -6.677  1.367   -13.416 1.00 18.62 ?  21  LEU C CD1 1 
ATOM   674  C  CD2 . LEU B 1 42  ? -8.611  2.814   -12.737 1.00 18.29 ?  21  LEU C CD2 1 
ATOM   675  N  N   . GLY B 1 43  ? -6.691  0.581   -17.334 1.00 21.92 ?  22  GLY C N   1 
ATOM   676  C  CA  . GLY B 1 43  ? -7.260  -0.538  -18.053 1.00 22.85 ?  22  GLY C CA  1 
ATOM   677  C  C   . GLY B 1 43  ? -8.335  -0.117  -19.022 1.00 23.39 ?  22  GLY C C   1 
ATOM   678  O  O   . GLY B 1 43  ? -8.187  0.878   -19.738 1.00 21.53 ?  22  GLY C O   1 
ATOM   679  N  N   . THR B 1 44  ? -9.444  -0.844  -19.014 1.00 24.25 ?  23  THR C N   1 
ATOM   680  C  CA  . THR B 1 44  ? -10.550 -0.507  -19.891 1.00 22.90 ?  23  THR C CA  1 
ATOM   681  C  C   . THR B 1 44  ? -11.410 0.626   -19.346 1.00 20.00 ?  23  THR C C   1 
ATOM   682  O  O   . THR B 1 44  ? -12.183 1.218   -20.108 1.00 27.06 ?  23  THR C O   1 
ATOM   683  C  CB  . THR B 1 44  ? -11.391 -1.761  -20.138 1.00 29.04 ?  23  THR C CB  1 
ATOM   684  O  OG1 . THR B 1 44  ? -11.783 -2.331  -18.883 1.00 24.55 ?  23  THR C OG1 1 
ATOM   685  C  CG2 . THR B 1 44  ? -10.579 -2.785  -20.905 1.00 28.40 ?  23  THR C CG2 1 
ATOM   686  N  N   . TYR B 1 45  ? -11.270 0.967   -18.062 1.00 20.88 ?  24  TYR C N   1 
ATOM   687  C  CA  . TYR B 1 45  ? -12.118 2.003   -17.483 1.00 18.91 ?  24  TYR C CA  1 
ATOM   688  C  C   . TYR B 1 45  ? -11.791 3.371   -18.076 1.00 22.08 ?  24  TYR C C   1 
ATOM   689  O  O   . TYR B 1 45  ? -12.691 4.130   -18.454 1.00 16.60 ?  24  TYR C O   1 
ATOM   690  C  CB  . TYR B 1 45  ? -11.976 2.023   -15.954 1.00 18.22 ?  24  TYR C CB  1 
ATOM   691  C  CG  . TYR B 1 45  ? -12.639 3.240   -15.317 1.00 20.31 ?  24  TYR C CG  1 
ATOM   692  C  CD1 . TYR B 1 45  ? -14.024 3.303   -15.165 1.00 16.07 ?  24  TYR C CD1 1 
ATOM   693  C  CD2 . TYR B 1 45  ? -11.878 4.340   -14.896 1.00 19.72 ?  24  TYR C CD2 1 
ATOM   694  C  CE1 . TYR B 1 45  ? -14.644 4.417   -14.592 1.00 18.50 ?  24  TYR C CE1 1 
ATOM   695  C  CE2 . TYR B 1 45  ? -12.492 5.468   -14.326 1.00 15.94 ?  24  TYR C CE2 1 
ATOM   696  C  CZ  . TYR B 1 45  ? -13.862 5.503   -14.186 1.00 17.86 ?  24  TYR C CZ  1 
ATOM   697  O  OH  . TYR B 1 45  ? -14.460 6.606   -13.619 1.00 22.00 ?  24  TYR C OH  1 
ATOM   698  N  N   . ASP B 1 46  ? -10.500 3.693   -18.183 1.00 20.52 ?  25  ASP C N   1 
ATOM   699  C  CA  . ASP B 1 46  ? -10.035 4.994   -18.671 1.00 17.67 ?  25  ASP C CA  1 
ATOM   700  C  C   . ASP B 1 46  ? -8.930  4.696   -19.678 1.00 16.82 ?  25  ASP C C   1 
ATOM   701  O  O   . ASP B 1 46  ? -7.811  4.353   -19.286 1.00 15.75 ?  25  ASP C O   1 
ATOM   702  C  CB  . ASP B 1 46  ? -9.529  5.844   -17.510 1.00 18.65 ?  25  ASP C CB  1 
ATOM   703  C  CG  . ASP B 1 46  ? -9.028  7.221   -17.937 1.00 20.32 ?  25  ASP C CG  1 
ATOM   704  O  OD1 . ASP B 1 46  ? -9.077  7.587   -19.136 1.00 19.18 ?  25  ASP C OD1 1 
ATOM   705  O  OD2 . ASP B 1 46  ? -8.552  7.928   -17.040 1.00 17.54 -1 25  ASP C OD2 1 
ATOM   706  N  N   . ALA B 1 47  ? -9.241  4.787   -20.971 1.00 14.94 ?  26  ALA C N   1 
ATOM   707  C  CA  . ALA B 1 47  ? -8.272  4.469   -22.012 1.00 18.79 ?  26  ALA C CA  1 
ATOM   708  C  C   . ALA B 1 47  ? -7.592  5.702   -22.597 1.00 23.10 ?  26  ALA C C   1 
ATOM   709  O  O   . ALA B 1 47  ? -6.933  5.600   -23.636 1.00 27.19 ?  26  ALA C O   1 
ATOM   710  C  CB  . ALA B 1 47  ? -8.942  3.669   -23.130 1.00 24.11 ?  26  ALA C CB  1 
ATOM   711  N  N   . SER B 1 48  ? -7.727  6.855   -21.957 1.00 17.86 ?  27  SER C N   1 
ATOM   712  C  CA  . SER B 1 48  ? -7.206  8.120   -22.469 1.00 24.11 ?  27  SER C CA  1 
ATOM   713  C  C   . SER B 1 48  ? -6.270  8.744   -21.448 1.00 21.43 ?  27  SER C C   1 
ATOM   714  O  O   . SER B 1 48  ? -6.657  8.925   -20.289 1.00 18.99 ?  27  SER C O   1 
ATOM   715  C  CB  . SER B 1 48  ? -8.348  9.093   -22.771 1.00 16.43 ?  27  SER C CB  1 
ATOM   716  O  OG  . SER B 1 48  ? -7.905  10.163  -23.584 1.00 34.19 ?  27  SER C OG  1 
ATOM   717  N  N   . GLY B 1 49  ? -5.073  9.097   -21.882 1.00 20.26 ?  28  GLY C N   1 
ATOM   718  C  CA  . GLY B 1 49  ? -4.093  9.774   -21.051 1.00 22.01 ?  28  GLY C CA  1 
ATOM   719  C  C   . GLY B 1 49  ? -2.682  9.418   -21.491 1.00 23.71 ?  28  GLY C C   1 
ATOM   720  O  O   . GLY B 1 49  ? -2.412  8.341   -22.013 1.00 24.12 ?  28  GLY C O   1 
ATOM   721  N  N   . SER B 1 50  ? -1.756  10.353  -21.258 1.00 19.96 ?  29  SER C N   1 
ATOM   722  C  CA  . SER B 1 50  ? -0.357  10.170  -21.631 1.00 20.94 ?  29  SER C CA  1 
ATOM   723  C  C   . SER B 1 50  ? 0.466   9.459   -20.565 1.00 22.65 ?  29  SER C C   1 
ATOM   724  O  O   . SER B 1 50  ? 1.504   8.873   -20.889 1.00 19.34 ?  29  SER C O   1 
ATOM   725  C  CB  . SER B 1 50  ? 0.293   11.526  -21.917 1.00 20.32 ?  29  SER C CB  1 
ATOM   726  O  OG  . SER B 1 50  ? -0.245  12.093  -23.090 1.00 32.53 ?  29  SER C OG  1 
ATOM   727  N  N   . ALA B 1 51  ? 0.054   9.538   -19.300 1.00 19.20 ?  30  ALA C N   1 
ATOM   728  C  CA  . ALA B 1 51  ? 0.794   8.919   -18.215 1.00 15.34 ?  30  ALA C CA  1 
ATOM   729  C  C   . ALA B 1 51  ? 0.545   7.408   -18.199 1.00 17.04 ?  30  ALA C C   1 
ATOM   730  O  O   . ALA B 1 51  ? -0.417  6.925   -18.796 1.00 17.56 ?  30  ALA C O   1 
ATOM   731  C  CB  . ALA B 1 51  ? 0.386   9.549   -16.882 1.00 15.17 ?  30  ALA C CB  1 
ATOM   732  N  N   . PRO B 1 52  ? 1.411   6.639   -17.537 1.00 15.73 ?  31  PRO C N   1 
ATOM   733  C  CA  . PRO B 1 52  ? 1.299   5.173   -17.620 1.00 15.29 ?  31  PRO C CA  1 
ATOM   734  C  C   . PRO B 1 52  ? -0.053  4.637   -17.178 1.00 16.44 ?  31  PRO C C   1 
ATOM   735  O  O   . PRO B 1 52  ? -0.757  5.229   -16.360 1.00 17.34 ?  31  PRO C O   1 
ATOM   736  C  CB  . PRO B 1 52  ? 2.414   4.680   -16.695 1.00 17.40 ?  31  PRO C CB  1 
ATOM   737  C  CG  . PRO B 1 52  ? 3.443   5.772   -16.751 1.00 17.90 ?  31  PRO C CG  1 
ATOM   738  C  CD  . PRO B 1 52  ? 2.658   7.055   -16.869 1.00 19.41 ?  31  PRO C CD  1 
ATOM   739  N  N   . ASN B 1 53  ? -0.403  3.495   -17.760 1.00 17.98 ?  32  ASN C N   1 
ATOM   740  C  CA  . ASN B 1 53  ? -1.554  2.710   -17.334 1.00 19.91 ?  32  ASN C CA  1 
ATOM   741  C  C   . ASN B 1 53  ? -1.374  2.239   -15.894 1.00 16.10 ?  32  ASN C C   1 
ATOM   742  O  O   . ASN B 1 53  ? -0.325  1.694   -15.536 1.00 18.35 ?  32  ASN C O   1 
ATOM   743  C  CB  . ASN B 1 53  ? -1.704  1.510   -18.269 1.00 18.43 ?  32  ASN C CB  1 
ATOM   744  C  CG  . ASN B 1 53  ? -2.961  0.738   -18.023 1.00 22.83 ?  32  ASN C CG  1 
ATOM   745  O  OD1 . ASN B 1 53  ? -3.942  1.276   -17.518 1.00 20.60 ?  32  ASN C OD1 1 
ATOM   746  N  ND2 . ASN B 1 53  ? -2.939  -0.548  -18.360 1.00 28.67 ?  32  ASN C ND2 1 
ATOM   747  N  N   . LEU B 1 54  ? -2.386  2.457   -15.059 1.00 15.71 ?  33  LEU C N   1 
ATOM   748  C  CA  . LEU B 1 54  ? -2.306  2.055   -13.661 1.00 14.33 ?  33  LEU C CA  1 
ATOM   749  C  C   . LEU B 1 54  ? -2.949  0.693   -13.385 1.00 16.31 ?  33  LEU C C   1 
ATOM   750  O  O   . LEU B 1 54  ? -3.195  0.364   -12.220 1.00 15.00 ?  33  LEU C O   1 
ATOM   751  C  CB  . LEU B 1 54  ? -2.918  3.123   -12.758 1.00 12.89 ?  33  LEU C CB  1 
ATOM   752  C  CG  . LEU B 1 54  ? -2.126  4.441   -12.825 1.00 17.10 ?  33  LEU C CG  1 
ATOM   753  C  CD1 . LEU B 1 54  ? -2.776  5.559   -12.023 1.00 14.75 ?  33  LEU C CD1 1 
ATOM   754  C  CD2 . LEU B 1 54  ? -0.692  4.211   -12.359 1.00 16.73 ?  33  LEU C CD2 1 
ATOM   755  N  N   . SER B 1 55  ? -3.239  -0.095  -14.418 1.00 15.85 ?  34  SER C N   1 
ATOM   756  C  CA  . SER B 1 55  ? -3.659  -1.480  -14.188 1.00 18.23 ?  34  SER C CA  1 
ATOM   757  C  C   . SER B 1 55  ? -2.516  -2.217  -13.503 1.00 15.96 ?  34  SER C C   1 
ATOM   758  O  O   . SER B 1 55  ? -1.372  -2.109  -13.942 1.00 19.69 ?  34  SER C O   1 
ATOM   759  C  CB  . SER B 1 55  ? -3.975  -2.187  -15.506 1.00 17.05 ?  34  SER C CB  1 
ATOM   760  O  OG  . SER B 1 55  ? -4.959  -1.501  -16.249 1.00 26.75 ?  34  SER C OG  1 
ATOM   761  N  N   . ARG B 1 56  ? -2.813  -2.932  -12.415 1.00 16.62 ?  35  ARG C N   1 
ATOM   762  C  CA  . ARG B 1 56  ? -1.830  -3.792  -11.763 1.00 19.65 ?  35  ARG C CA  1 
ATOM   763  C  C   . ARG B 1 56  ? -0.829  -2.947  -10.964 1.00 20.89 ?  35  ARG C C   1 
ATOM   764  O  O   . ARG B 1 56  ? 0.183   -3.461  -10.490 1.00 19.16 ?  35  ARG C O   1 
ATOM   765  C  CB  . ARG B 1 56  ? -1.132  -4.606  -12.859 1.00 16.51 ?  35  ARG C CB  1 
ATOM   766  C  CG  . ARG B 1 56  ? -1.851  -5.841  -13.377 1.00 19.90 ?  35  ARG C CG  1 
ATOM   767  C  CD  . ARG B 1 56  ? -1.105  -7.145  -13.434 1.00 26.81 ?  35  ARG C CD  1 
ATOM   768  N  NE  . ARG B 1 56  ? -0.812  -7.915  -12.244 1.00 25.65 ?  35  ARG C NE  1 
ATOM   769  C  CZ  . ARG B 1 56  ? -1.526  -8.968  -11.890 1.00 28.84 ?  35  ARG C CZ  1 
ATOM   770  N  NH1 . ARG B 1 56  ? -2.766  -9.124  -12.308 1.00 26.50 ?  35  ARG C NH1 1 
ATOM   771  N  NH2 . ARG B 1 56  ? -0.977  -9.898  -11.124 1.00 29.43 ?  35  ARG C NH2 1 
ATOM   772  N  N   . ALA B 1 57  ? -1.083  -1.642  -10.808 1.00 18.01 ?  36  ALA C N   1 
ATOM   773  C  CA  . ALA B 1 57  ? -0.103  -0.709  -10.257 1.00 19.72 ?  36  ALA C CA  1 
ATOM   774  C  C   . ALA B 1 57  ? -0.257  -0.473  -8.746  1.00 17.79 ?  36  ALA C C   1 
ATOM   775  O  O   . ALA B 1 57  ? 0.264   0.517   -8.220  1.00 15.81 ?  36  ALA C O   1 
ATOM   776  C  CB  . ALA B 1 57  ? -0.177  0.623   -11.015 1.00 18.96 ?  36  ALA C CB  1 
ATOM   777  N  N   . GLY B 1 58  ? -0.938  -1.366  -8.029  1.00 17.52 ?  37  GLY C N   1 
ATOM   778  C  CA  . GLY B 1 58  ? -1.126  -1.157  -6.597  1.00 14.98 ?  37  GLY C CA  1 
ATOM   779  C  C   . GLY B 1 58  ? 0.177   -1.055  -5.811  1.00 17.24 ?  37  GLY C C   1 
ATOM   780  O  O   . GLY B 1 58  ? 0.301   -0.234  -4.903  1.00 17.06 ?  37  GLY C O   1 
ATOM   781  N  N   . THR B 1 59  ? 1.157   -1.892  -6.126  1.00 18.65 ?  38  THR C N   1 
ATOM   782  C  CA  . THR B 1 59  ? 2.413   -1.787  -5.390  1.00 14.91 ?  38  THR C CA  1 
ATOM   783  C  C   . THR B 1 59  ? 3.146   -0.513  -5.768  1.00 20.71 ?  38  THR C C   1 
ATOM   784  O  O   . THR B 1 59  ? 3.750   0.142   -4.907  1.00 13.38 ?  38  THR C O   1 
ATOM   785  C  CB  . THR B 1 59  ? 3.302   -2.986  -5.659  1.00 20.84 ?  38  THR C CB  1 
ATOM   786  O  OG1 . THR B 1 59  ? 3.964   -2.782  -6.913  1.00 32.64 ?  38  THR C OG1 1 
ATOM   787  C  CG2 . THR B 1 59  ? 2.479   -4.239  -5.709  1.00 15.11 ?  38  THR C CG2 1 
ATOM   788  N  N   . LYS B 1 60  ? 3.114   -0.164  -7.059  1.00 21.33 ?  39  LYS C N   1 
ATOM   789  C  CA  . LYS B 1 60  ? 3.691   1.092   -7.530  1.00 18.84 ?  39  LYS C CA  1 
ATOM   790  C  C   . LYS B 1 60  ? 3.049   2.302   -6.857  1.00 18.65 ?  39  LYS C C   1 
ATOM   791  O  O   . LYS B 1 60  ? 3.739   3.272   -6.515  1.00 14.94 ?  39  LYS C O   1 
ATOM   792  C  CB  . LYS B 1 60  ? 3.525   1.208   -9.044  1.00 19.09 ?  39  LYS C CB  1 
ATOM   793  C  CG  . LYS B 1 60  ? 4.263   0.198   -9.887  1.00 19.89 ?  39  LYS C CG  1 
ATOM   794  C  CD  . LYS B 1 60  ? 5.722   0.490   -9.919  1.00 28.85 ?  39  LYS C CD  1 
ATOM   795  C  CE  . LYS B 1 60  ? 6.361   -0.205  -11.113 1.00 37.28 ?  39  LYS C CE  1 
ATOM   796  N  NZ  . LYS B 1 60  ? 5.310   -0.699  -12.058 1.00 29.73 ?  39  LYS C NZ  1 
ATOM   797  N  N   . ILE B 1 61  ? 1.721   2.292   -6.730  1.00 14.97 ?  40  ILE C N   1 
ATOM   798  C  CA  . ILE B 1 61  ? 1.020   3.422   -6.119  1.00 13.99 ?  40  ILE C CA  1 
ATOM   799  C  C   . ILE B 1 61  ? 1.463   3.601   -4.672  1.00 15.41 ?  40  ILE C C   1 
ATOM   800  O  O   . ILE B 1 61  ? 1.781   4.713   -4.241  1.00 13.51 ?  40  ILE C O   1 
ATOM   801  C  CB  . ILE B 1 61  ? -0.500  3.219   -6.217  1.00 14.49 ?  40  ILE C CB  1 
ATOM   802  C  CG1 . ILE B 1 61  ? -0.960  3.408   -7.657  1.00 13.93 ?  40  ILE C CG1 1 
ATOM   803  C  CG2 . ILE B 1 61  ? -1.243  4.208   -5.279  1.00 10.57 ?  40  ILE C CG2 1 
ATOM   804  C  CD1 . ILE B 1 61  ? -2.378  2.877   -7.898  1.00 17.42 ?  40  ILE C CD1 1 
ATOM   805  N  N   . ASP B 1 62  ? 1.503   2.504   -3.897  1.00 14.25 ?  41  ASP C N   1 
ATOM   806  C  CA  . ASP B 1 62  ? 1.955   2.624   -2.511  1.00 15.80 ?  41  ASP C CA  1 
ATOM   807  C  C   . ASP B 1 62  ? 3.427   3.032   -2.407  1.00 12.26 ?  41  ASP C C   1 
ATOM   808  O  O   . ASP B 1 62  ? 3.820   3.654   -1.418  1.00 11.56 ?  41  ASP C O   1 
ATOM   809  C  CB  . ASP B 1 62  ? 1.724   1.314   -1.756  1.00 15.76 ?  41  ASP C CB  1 
ATOM   810  C  CG  . ASP B 1 62  ? 0.262   1.106   -1.396  1.00 17.13 ?  41  ASP C CG  1 
ATOM   811  O  OD1 . ASP B 1 62  ? -0.503  2.076   -1.484  1.00 15.84 ?  41  ASP C OD1 1 
ATOM   812  O  OD2 . ASP B 1 62  ? -0.118  -0.013  -1.008  1.00 14.27 -1 41  ASP C OD2 1 
ATOM   813  N  N   . GLY B 1 63  ? 4.254   2.653   -3.377  1.00 14.69 ?  42  GLY C N   1 
ATOM   814  C  CA  . GLY B 1 63  ? 5.635   3.110   -3.393  1.00 15.16 ?  42  GLY C CA  1 
ATOM   815  C  C   . GLY B 1 63  ? 5.790   4.548   -3.817  1.00 17.95 ?  42  GLY C C   1 
ATOM   816  O  O   . GLY B 1 63  ? 6.792   5.188   -3.471  1.00 21.03 ?  42  GLY C O   1 
ATOM   817  N  N   . LYS B 1 64  ? 4.802   5.075   -4.533  1.00 12.16 ?  43  LYS C N   1 
ATOM   818  C  CA  . LYS B 1 64  ? 4.849   6.433   -5.063  1.00 18.99 ?  43  LYS C CA  1 
ATOM   819  C  C   . LYS B 1 64  ? 4.345   7.464   -4.064  1.00 21.31 ?  43  LYS C C   1 
ATOM   820  O  O   . LYS B 1 64  ? 4.825   8.604   -4.054  1.00 24.25 ?  43  LYS C O   1 
ATOM   821  C  CB  . LYS B 1 64  ? 4.028   6.491   -6.352  1.00 15.30 ?  43  LYS C CB  1 
ATOM   822  C  CG  . LYS B 1 64  ? 3.814   7.890   -6.946  1.00 18.51 ?  43  LYS C CG  1 
ATOM   823  C  CD  . LYS B 1 64  ? 5.093   8.375   -7.607  1.00 23.29 ?  43  LYS C CD  1 
ATOM   824  C  CE  . LYS B 1 64  ? 5.362   7.710   -8.938  1.00 23.47 ?  43  LYS C CE  1 
ATOM   825  N  NZ  . LYS B 1 64  ? 6.649   8.237   -9.495  1.00 31.13 ?  43  LYS C NZ  1 
ATOM   826  N  N   . PHE B 1 65  ? 3.410   7.072   -3.209  1.00 19.58 ?  44  PHE C N   1 
ATOM   827  C  CA  . PHE B 1 65  ? 2.727   7.973   -2.297  1.00 15.78 ?  44  PHE C CA  1 
ATOM   828  C  C   . PHE B 1 65  ? 2.937   7.538   -0.860  1.00 17.51 ?  44  PHE C C   1 
ATOM   829  O  O   . PHE B 1 65  ? 2.859   6.340   -0.543  1.00 15.13 ?  44  PHE C O   1 
ATOM   830  C  CB  . PHE B 1 65  ? 1.221   8.003   -2.589  1.00 17.23 ?  44  PHE C CB  1 
ATOM   831  C  CG  . PHE B 1 65  ? 0.867   8.787   -3.813  1.00 12.78 ?  44  PHE C CG  1 
ATOM   832  C  CD1 . PHE B 1 65  ? 0.728   10.158  -3.749  1.00 17.44 ?  44  PHE C CD1 1 
ATOM   833  C  CD2 . PHE B 1 65  ? 0.710   8.155   -5.034  1.00 15.41 ?  44  PHE C CD2 1 
ATOM   834  C  CE1 . PHE B 1 65  ? 0.419   10.871  -4.853  1.00 13.35 ?  44  PHE C CE1 1 
ATOM   835  C  CE2 . PHE B 1 65  ? 0.402   8.878   -6.159  1.00 17.28 ?  44  PHE C CE2 1 
ATOM   836  C  CZ  . PHE B 1 65  ? 0.258   10.232  -6.071  1.00 15.02 ?  44  PHE C CZ  1 
ATOM   837  N  N   . THR B 1 66  ? 3.146   8.516   0.009   1.00 15.40 ?  45  THR C N   1 
ATOM   838  C  CA  . THR B 1 66  ? 3.106   8.304   1.445   1.00 19.35 ?  45  THR C CA  1 
ATOM   839  C  C   . THR B 1 66  ? 1.914   9.050   2.016   1.00 20.13 ?  45  THR C C   1 
ATOM   840  O  O   . THR B 1 66  ? 1.730   10.240  1.732   1.00 14.94 ?  45  THR C O   1 
ATOM   841  C  CB  . THR B 1 66  ? 4.396   8.766   2.100   1.00 19.01 ?  45  THR C CB  1 
ATOM   842  O  OG1 . THR B 1 66  ? 5.460   7.933   1.627   1.00 23.57 ?  45  THR C OG1 1 
ATOM   843  C  CG2 . THR B 1 66  ? 4.287   8.668   3.612   1.00 19.64 ?  45  THR C CG2 1 
ATOM   844  N  N   . ALA B 1 67  ? 1.091   8.335   2.785   1.00 19.24 ?  46  ALA C N   1 
ATOM   845  C  CA  . ALA B 1 67  ? -0.128  8.914   3.340   1.00 19.38 ?  46  ALA C CA  1 
ATOM   846  C  C   . ALA B 1 67  ? 0.181   10.214  4.069   1.00 18.23 ?  46  ALA C C   1 
ATOM   847  O  O   . ALA B 1 67  ? 1.015   10.247  4.986   1.00 13.40 ?  46  ALA C O   1 
ATOM   848  C  CB  . ALA B 1 67  ? -0.803  7.923   4.293   1.00 18.38 ?  46  ALA C CB  1 
ATOM   849  N  N   . GLY B 1 68  ? -0.482  11.289  3.637   1.00 15.65 ?  47  GLY C N   1 
ATOM   850  C  CA  . GLY B 1 68  ? -0.340  12.566  4.293   1.00 19.22 ?  47  GLY C CA  1 
ATOM   851  C  C   . GLY B 1 68  ? 0.878   13.366  3.903   1.00 15.93 ?  47  GLY C C   1 
ATOM   852  O  O   . GLY B 1 68  ? 1.121   14.417  4.507   1.00 19.60 ?  47  GLY C O   1 
ATOM   853  N  N   . VAL B 1 69  ? 1.632   12.936  2.896   1.00 13.82 ?  48  VAL C N   1 
ATOM   854  C  CA  . VAL B 1 69  ? 2.888   13.586  2.532   1.00 18.39 ?  48  VAL C CA  1 
ATOM   855  C  C   . VAL B 1 69  ? 2.745   14.089  1.109   1.00 16.76 ?  48  VAL C C   1 
ATOM   856  O  O   . VAL B 1 69  ? 2.456   13.305  0.195   1.00 12.04 ?  48  VAL C O   1 
ATOM   857  C  CB  . VAL B 1 69  ? 4.087   12.628  2.664   1.00 15.41 ?  48  VAL C CB  1 
ATOM   858  C  CG1 . VAL B 1 69  ? 5.364   13.225  2.065   1.00 18.61 ?  48  VAL C CG1 1 
ATOM   859  C  CG2 . VAL B 1 69  ? 4.290   12.223  4.112   1.00 22.68 ?  48  VAL C CG2 1 
ATOM   860  N  N   . SER B 1 70  ? 2.923   15.398  0.925   1.00 16.33 ?  49  SER C N   1 
ATOM   861  C  CA  . SER B 1 70  ? 2.790   15.983  -0.400  1.00 16.12 ?  49  SER C CA  1 
ATOM   862  C  C   . SER B 1 70  ? 3.849   15.398  -1.321  1.00 18.17 ?  49  SER C C   1 
ATOM   863  O  O   . SER B 1 70  ? 5.014   15.265  -0.943  1.00 15.34 ?  49  SER C O   1 
ATOM   864  C  CB  . SER B 1 70  ? 2.957   17.514  -0.339  1.00 20.83 ?  49  SER C CB  1 
ATOM   865  O  OG  . SER B 1 70  ? 1.779   18.157  0.110   1.00 24.78 ?  49  SER C OG  1 
ATOM   866  N  N   . GLY B 1 71  ? 3.450   15.069  -2.542  1.00 16.29 ?  50  GLY C N   1 
ATOM   867  C  CA  . GLY B 1 71  ? 4.419   14.501  -3.456  1.00 21.62 ?  50  GLY C CA  1 
ATOM   868  C  C   . GLY B 1 71  ? 4.043   14.578  -4.916  1.00 21.06 ?  50  GLY C C   1 
ATOM   869  O  O   . GLY B 1 71  ? 3.926   15.670  -5.490  1.00 17.60 ?  50  GLY C O   1 
ATOM   870  N  N   . HIS B 1 72  ? 3.819   13.406  -5.503  1.00 18.62 ?  51  HIS C N   1 
ATOM   871  C  CA  . HIS B 1 72  ? 3.631   13.248  -6.939  1.00 18.27 ?  51  HIS C CA  1 
ATOM   872  C  C   . HIS B 1 72  ? 2.621   14.247  -7.509  1.00 14.52 ?  51  HIS C C   1 
ATOM   873  O  O   . HIS B 1 72  ? 1.453   14.263  -7.112  1.00 14.04 ?  51  HIS C O   1 
ATOM   874  C  CB  . HIS B 1 72  ? 3.180   11.819  -7.217  1.00 15.12 ?  51  HIS C CB  1 
ATOM   875  C  CG  . HIS B 1 72  ? 3.141   11.474  -8.670  1.00 13.53 ?  51  HIS C CG  1 
ATOM   876  N  ND1 . HIS B 1 72  ? 4.251   11.561  -9.479  1.00 17.84 ?  51  HIS C ND1 1 
ATOM   877  C  CD2 . HIS B 1 72  ? 2.134   11.037  -9.458  1.00 13.89 ?  51  HIS C CD2 1 
ATOM   878  C  CE1 . HIS B 1 72  ? 3.933   11.190  -10.703 1.00 16.10 ?  51  HIS C CE1 1 
ATOM   879  N  NE2 . HIS B 1 72  ? 2.655   10.872  -10.717 1.00 17.19 ?  51  HIS C NE2 1 
ATOM   880  N  N   . LYS B 1 73  ? 3.091   15.097  -8.420  1.00 16.15 ?  52  LYS C N   1 
ATOM   881  C  CA  . LYS B 1 73  ? 2.241   16.064  -9.125  1.00 13.82 ?  52  LYS C CA  1 
ATOM   882  C  C   . LYS B 1 73  ? 1.470   16.963  -8.156  1.00 14.62 ?  52  LYS C C   1 
ATOM   883  O  O   . LYS B 1 73  ? 0.371   17.427  -8.457  1.00 16.82 ?  52  LYS C O   1 
ATOM   884  C  CB  . LYS B 1 73  ? 1.276   15.337  -10.079 1.00 14.12 ?  52  LYS C CB  1 
ATOM   885  C  CG  . LYS B 1 73  ? 1.955   14.448  -11.125 1.00 15.49 ?  52  LYS C CG  1 
ATOM   886  C  CD  . LYS B 1 73  ? 3.123   15.177  -11.808 1.00 16.92 ?  52  LYS C CD  1 
ATOM   887  C  CE  . LYS B 1 73  ? 3.534   14.482  -13.094 1.00 20.19 ?  52  LYS C CE  1 
ATOM   888  N  NZ  . LYS B 1 73  ? 4.825   14.970  -13.632 1.00 22.45 ?  52  LYS C NZ  1 
ATOM   889  N  N   . GLY B 1 74  ? 2.038   17.226  -6.979  1.00 12.05 ?  53  GLY C N   1 
ATOM   890  C  CA  . GLY B 1 74  ? 1.389   18.075  -5.999  1.00 14.72 ?  53  GLY C CA  1 
ATOM   891  C  C   . GLY B 1 74  ? 0.314   17.404  -5.177  1.00 16.12 ?  53  GLY C C   1 
ATOM   892  O  O   . GLY B 1 74  ? -0.317  18.066  -4.346  1.00 14.62 ?  53  GLY C O   1 
ATOM   893  N  N   . ILE B 1 75  ? 0.131   16.107  -5.332  1.00 19.19 ?  54  ILE C N   1 
ATOM   894  C  CA  . ILE B 1 75  ? -0.986  15.387  -4.739  1.00 14.69 ?  54  ILE C CA  1 
ATOM   895  C  C   . ILE B 1 75  ? -0.603  14.945  -3.338  1.00 17.86 ?  54  ILE C C   1 
ATOM   896  O  O   . ILE B 1 75  ? 0.505   14.444  -3.110  1.00 17.16 ?  54  ILE C O   1 
ATOM   897  C  CB  . ILE B 1 75  ? -1.359  14.188  -5.626  1.00 14.97 ?  54  ILE C CB  1 
ATOM   898  C  CG1 . ILE B 1 75  ? -1.760  14.652  -7.023  1.00 16.66 ?  54  ILE C CG1 1 
ATOM   899  C  CG2 . ILE B 1 75  ? -2.492  13.354  -4.984  1.00 15.86 ?  54  ILE C CG2 1 
ATOM   900  C  CD1 . ILE B 1 75  ? -1.676  13.562  -8.080  1.00 13.15 ?  54  ILE C CD1 1 
ATOM   901  N  N   . THR B 1 76  ? -1.518  15.142  -2.392  1.00 16.81 ?  55  THR C N   1 
ATOM   902  C  CA  . THR B 1 76  ? -1.435  14.562  -1.059  1.00 15.64 ?  55  THR C CA  1 
ATOM   903  C  C   . THR B 1 76  ? -2.627  13.628  -0.887  1.00 19.60 ?  55  THR C C   1 
ATOM   904  O  O   . THR B 1 76  ? -3.763  14.039  -1.144  1.00 14.60 ?  55  THR C O   1 
ATOM   905  C  CB  . THR B 1 76  ? -1.468  15.640  0.017   1.00 20.33 ?  55  THR C CB  1 
ATOM   906  O  OG1 . THR B 1 76  ? -0.364  16.540  -0.173  1.00 22.41 ?  55  THR C OG1 1 
ATOM   907  C  CG2 . THR B 1 76  ? -1.379  14.997  1.404   1.00 19.38 ?  55  THR C CG2 1 
ATOM   908  N  N   . LEU B 1 77  ? -2.367  12.380  -0.470  1.00 14.49 ?  56  LEU C N   1 
ATOM   909  C  CA  . LEU B 1 77  ? -3.394  11.353  -0.305  1.00 18.20 ?  56  LEU C CA  1 
ATOM   910  C  C   . LEU B 1 77  ? -3.430  10.863  1.141   1.00 20.36 ?  56  LEU C C   1 
ATOM   911  O  O   . LEU B 1 77  ? -2.376  10.613  1.753   1.00 16.11 ?  56  LEU C O   1 
ATOM   912  C  CB  . LEU B 1 77  ? -3.128  10.146  -1.224  1.00 14.59 ?  56  LEU C CB  1 
ATOM   913  C  CG  . LEU B 1 77  ? -3.128  10.405  -2.730  1.00 14.25 ?  56  LEU C CG  1 
ATOM   914  C  CD1 . LEU B 1 77  ? -2.912  9.119   -3.515  1.00 13.07 ?  56  LEU C CD1 1 
ATOM   915  C  CD2 . LEU B 1 77  ? -4.413  11.095  -3.154  1.00 10.05 ?  56  LEU C CD2 1 
ATOM   916  N  N   . THR B 1 78  ? -4.637  10.707  1.683   1.00 16.53 ?  57  THR C N   1 
ATOM   917  C  CA  . THR B 1 78  ? -4.746  10.105  3.000   1.00 17.03 ?  57  THR C CA  1 
ATOM   918  C  C   . THR B 1 78  ? -4.574  8.590   2.898   1.00 16.23 ?  57  THR C C   1 
ATOM   919  O  O   . THR B 1 78  ? -4.615  7.996   1.812   1.00 13.64 ?  57  THR C O   1 
ATOM   920  C  CB  . THR B 1 78  ? -6.099  10.402  3.645   1.00 20.55 ?  57  THR C CB  1 
ATOM   921  O  OG1 . THR B 1 78  ? -7.144  9.814   2.859   1.00 14.32 ?  57  THR C OG1 1 
ATOM   922  C  CG2 . THR B 1 78  ? -6.321  11.914  3.739   1.00 21.27 ?  57  THR C CG2 1 
ATOM   923  N  N   . ALA B 1 79  ? -4.384  7.963   4.058   1.00 12.87 ?  58  ALA C N   1 
ATOM   924  C  CA  . ALA B 1 79  ? -4.358  6.507   4.093   1.00 16.08 ?  58  ALA C CA  1 
ATOM   925  C  C   . ALA B 1 79  ? -5.654  5.930   3.535   1.00 15.90 ?  58  ALA C C   1 
ATOM   926  O  O   . ALA B 1 79  ? -5.632  4.955   2.776   1.00 13.91 ?  58  ALA C O   1 
ATOM   927  C  CB  . ALA B 1 79  ? -4.124  6.024   5.518   1.00 15.17 ?  58  ALA C CB  1 
ATOM   928  N  N   . ALA B 1 80  ? -6.800  6.529   3.879   1.00 12.33 ?  59  ALA C N   1 
ATOM   929  C  CA  . ALA B 1 80  ? -8.054  5.970   3.360   1.00 15.78 ?  59  ALA C CA  1 
ATOM   930  C  C   . ALA B 1 80  ? -8.109  6.117   1.850   1.00 11.80 ?  59  ALA C C   1 
ATOM   931  O  O   . ALA B 1 80  ? -8.609  5.229   1.143   1.00 12.20 ?  59  ALA C O   1 
ATOM   932  C  CB  . ALA B 1 80  ? -9.264  6.639   4.016   1.00 17.25 ?  59  ALA C CB  1 
ATOM   933  N  N   . ASP B 1 81  ? -7.586  7.241   1.350   1.00 12.97 ?  60  ASP C N   1 
ATOM   934  C  CA  . ASP B 1 81  ? -7.528  7.508   -0.084  1.00 15.43 ?  60  ASP C CA  1 
ATOM   935  C  C   . ASP B 1 81  ? -6.767  6.410   -0.820  1.00 13.44 ?  60  ASP C C   1 
ATOM   936  O  O   . ASP B 1 81  ? -7.208  5.916   -1.866  1.00 12.57 ?  60  ASP C O   1 
ATOM   937  C  CB  . ASP B 1 81  ? -6.823  8.844   -0.333  1.00 15.36 ?  60  ASP C CB  1 
ATOM   938  C  CG  . ASP B 1 81  ? -7.713  10.044  -0.096  1.00 18.37 ?  60  ASP C CG  1 
ATOM   939  O  OD1 . ASP B 1 81  ? -8.944  9.888   -0.021  1.00 19.43 ?  60  ASP C OD1 1 
ATOM   940  O  OD2 . ASP B 1 81  ? -7.143  11.154  0.014   1.00 21.08 -1 60  ASP C OD2 1 
ATOM   941  N  N   . LEU B 1 82  ? -5.572  6.076   -0.323  1.00 11.66 ?  61  LEU C N   1 
ATOM   942  C  CA  . LEU B 1 82  ? -4.741  5.074   -0.989  1.00 15.16 ?  61  LEU C CA  1 
ATOM   943  C  C   . LEU B 1 82  ? -5.391  3.704   -0.959  1.00 10.79 ?  61  LEU C C   1 
ATOM   944  O  O   . LEU B 1 82  ? -5.326  2.959   -1.942  1.00 12.02 ?  61  LEU C O   1 
ATOM   945  C  CB  . LEU B 1 82  ? -3.356  4.992   -0.356  1.00 15.08 ?  61  LEU C CB  1 
ATOM   946  C  CG  . LEU B 1 82  ? -2.489  6.214   -0.624  1.00 13.37 ?  61  LEU C CG  1 
ATOM   947  C  CD1 . LEU B 1 82  ? -1.476  6.421   0.503   1.00 17.81 ?  61  LEU C CD1 1 
ATOM   948  C  CD2 . LEU B 1 82  ? -1.842  5.996   -1.982  1.00 11.13 ?  61  LEU C CD2 1 
ATOM   949  N  N   . ALA B 1 83  ? -6.044  3.371   0.146   1.00 12.24 ?  62  ALA C N   1 
ATOM   950  C  CA  . ALA B 1 83  ? -6.720  2.073   0.235   1.00 11.79 ?  62  ALA C CA  1 
ATOM   951  C  C   . ALA B 1 83  ? -7.933  2.015   -0.693  1.00 14.90 ?  62  ALA C C   1 
ATOM   952  O  O   . ALA B 1 83  ? -8.076  1.071   -1.483  1.00 16.22 ?  62  ALA C O   1 
ATOM   953  C  CB  . ALA B 1 83  ? -7.123  1.798   1.679   1.00 10.94 ?  62  ALA C CB  1 
ATOM   954  N  N   . ASN B 1 84  ? -8.807  3.026   -0.625  1.00 13.04 ?  63  ASN C N   1 
ATOM   955  C  CA  . ASN B 1 84  ? -9.956  3.085   -1.526  1.00 12.80 ?  63  ASN C CA  1 
ATOM   956  C  C   . ASN B 1 84  ? -9.511  3.066   -2.985  1.00 14.31 ?  63  ASN C C   1 
ATOM   957  O  O   . ASN B 1 84  ? -10.058 2.322   -3.803  1.00 12.58 ?  63  ASN C O   1 
ATOM   958  C  CB  . ASN B 1 84  ? -10.787 4.336   -1.234  1.00 15.59 ?  63  ASN C CB  1 
ATOM   959  C  CG  . ASN B 1 84  ? -11.520 4.251   0.077   1.00 15.72 ?  63  ASN C CG  1 
ATOM   960  O  OD1 . ASN B 1 84  ? -11.885 3.167   0.523   1.00 16.08 ?  63  ASN C OD1 1 
ATOM   961  N  ND2 . ASN B 1 84  ? -11.730 5.385   0.709   1.00 13.65 ?  63  ASN C ND2 1 
ATOM   962  N  N   . LEU B 1 85  ? -8.506  3.877   -3.328  1.00 12.91 ?  64  LEU C N   1 
ATOM   963  C  CA  . LEU B 1 85  ? -8.061  3.957   -4.717  1.00 13.99 ?  64  LEU C CA  1 
ATOM   964  C  C   . LEU B 1 85  ? -7.614  2.589   -5.217  1.00 11.87 ?  64  LEU C C   1 
ATOM   965  O  O   . LEU B 1 85  ? -8.003  2.151   -6.303  1.00 15.59 ?  64  LEU C O   1 
ATOM   966  C  CB  . LEU B 1 85  ? -6.927  4.980   -4.849  1.00 12.79 ?  64  LEU C CB  1 
ATOM   967  C  CG  . LEU B 1 85  ? -6.153  4.975   -6.168  1.00 12.36 ?  64  LEU C CG  1 
ATOM   968  C  CD1 . LEU B 1 85  ? -7.093  5.293   -7.303  1.00 13.06 ?  64  LEU C CD1 1 
ATOM   969  C  CD2 . LEU B 1 85  ? -4.982  5.991   -6.134  1.00 15.20 ?  64  LEU C CD2 1 
ATOM   970  N  N   . LYS B 1 86  ? -6.812  1.880   -4.419  1.00 10.35 ?  65  LYS C N   1 
ATOM   971  C  CA  . LYS B 1 86  ? -6.386  0.549   -4.835  1.00 13.36 ?  65  LYS C CA  1 
ATOM   972  C  C   . LYS B 1 86  ? -7.568  -0.406  -5.007  1.00 11.59 ?  65  LYS C C   1 
ATOM   973  O  O   . LYS B 1 86  ? -7.582  -1.216  -5.943  1.00 11.59 ?  65  LYS C O   1 
ATOM   974  C  CB  . LYS B 1 86  ? -5.370  -0.008  -3.832  1.00 11.05 ?  65  LYS C CB  1 
ATOM   975  C  CG  . LYS B 1 86  ? -3.997  0.693   -3.953  1.00 11.30 ?  65  LYS C CG  1 
ATOM   976  C  CD  . LYS B 1 86  ? -2.913  -0.061  -3.179  1.00 10.70 ?  65  LYS C CD  1 
ATOM   977  C  CE  . LYS B 1 86  ? -3.208  -0.110  -1.690  1.00 14.25 ?  65  LYS C CE  1 
ATOM   978  N  NZ  . LYS B 1 86  ? -3.091  1.226   -1.030  1.00 13.03 ?  65  LYS C NZ  1 
ATOM   979  N  N   . THR B 1 87  ? -8.545  -0.368  -4.099  1.00 11.21 ?  66  THR C N   1 
ATOM   980  C  CA  . THR B 1 87  ? -9.714  -1.238  -4.289  1.00 12.00 ?  66  THR C CA  1 
ATOM   981  C  C   . THR B 1 87  ? -10.378 -0.962  -5.629  1.00 15.57 ?  66  THR C C   1 
ATOM   982  O  O   . THR B 1 87  ? -10.829 -1.889  -6.319  1.00 16.81 ?  66  THR C O   1 
ATOM   983  C  CB  . THR B 1 87  ? -10.748 -1.050  -3.174  1.00 15.18 ?  66  THR C CB  1 
ATOM   984  O  OG1 . THR B 1 87  ? -11.262 0.294   -3.196  1.00 19.84 ?  66  THR C OG1 1 
ATOM   985  C  CG2 . THR B 1 87  ? -10.142 -1.362  -1.826  1.00 14.74 ?  66  THR C CG2 1 
ATOM   986  N  N   . PHE B 1 88  ? -10.459 0.316   -6.009  1.00 13.22 ?  67  PHE C N   1 
ATOM   987  C  CA  . PHE B 1 88  ? -11.039 0.673   -7.301  1.00 13.24 ?  67  PHE C CA  1 
ATOM   988  C  C   . PHE B 1 88  ? -10.179 0.177   -8.455  1.00 13.71 ?  67  PHE C C   1 
ATOM   989  O  O   . PHE B 1 88  ? -10.703 -0.304  -9.464  1.00 11.98 ?  67  PHE C O   1 
ATOM   990  C  CB  . PHE B 1 88  ? -11.229 2.188   -7.398  1.00 13.74 ?  67  PHE C CB  1 
ATOM   991  C  CG  . PHE B 1 88  ? -11.757 2.636   -8.727  1.00 13.91 ?  67  PHE C CG  1 
ATOM   992  C  CD1 . PHE B 1 88  ? -13.058 2.345   -9.102  1.00 14.96 ?  67  PHE C CD1 1 
ATOM   993  C  CD2 . PHE B 1 88  ? -10.936 3.304   -9.624  1.00 16.77 ?  67  PHE C CD2 1 
ATOM   994  C  CE1 . PHE B 1 88  ? -13.549 2.736   -10.341 1.00 14.62 ?  67  PHE C CE1 1 
ATOM   995  C  CE2 . PHE B 1 88  ? -11.413 3.699   -10.869 1.00 16.44 ?  67  PHE C CE2 1 
ATOM   996  C  CZ  . PHE B 1 88  ? -12.723 3.400   -11.229 1.00 17.86 ?  67  PHE C CZ  1 
ATOM   997  N  N   . VAL B 1 89  ? -8.853  0.304   -8.341  1.00 13.90 ?  68  VAL C N   1 
ATOM   998  C  CA  . VAL B 1 89  ? -7.991  -0.199  -9.405  1.00 12.33 ?  68  VAL C CA  1 
ATOM   999  C  C   . VAL B 1 89  ? -8.142  -1.714  -9.537  1.00 14.22 ?  68  VAL C C   1 
ATOM   1000 O  O   . VAL B 1 89  ? -8.109  -2.263  -10.646 1.00 14.57 ?  68  VAL C O   1 
ATOM   1001 C  CB  . VAL B 1 89  ? -6.531  0.220   -9.147  1.00 13.29 ?  68  VAL C CB  1 
ATOM   1002 C  CG1 . VAL B 1 89  ? -5.568  -0.619  -9.989  1.00 16.20 ?  68  VAL C CG1 1 
ATOM   1003 C  CG2 . VAL B 1 89  ? -6.364  1.750   -9.414  1.00 14.48 ?  68  VAL C CG2 1 
ATOM   1004 N  N   . ASN B 1 90  ? -8.337  -2.411  -8.416  1.00 15.19 ?  69  ASN C N   1 
ATOM   1005 C  CA  . ASN B 1 90  ? -8.457  -3.870  -8.481  1.00 15.03 ?  69  ASN C CA  1 
ATOM   1006 C  C   . ASN B 1 90  ? -9.769  -4.282  -9.152  1.00 16.84 ?  69  ASN C C   1 
ATOM   1007 O  O   . ASN B 1 90  ? -9.810  -5.249  -9.926  1.00 18.94 ?  69  ASN C O   1 
ATOM   1008 C  CB  . ASN B 1 90  ? -8.384  -4.494  -7.081  1.00 16.46 ?  69  ASN C CB  1 
ATOM   1009 C  CG  . ASN B 1 90  ? -7.050  -4.237  -6.355  1.00 19.61 ?  69  ASN C CG  1 
ATOM   1010 O  OD1 . ASN B 1 90  ? -5.999  -4.090  -6.972  1.00 15.30 ?  69  ASN C OD1 1 
ATOM   1011 N  ND2 . ASN B 1 90  ? -7.099  -4.255  -5.035  1.00 14.94 ?  69  ASN C ND2 1 
ATOM   1012 N  N   . ALA B 1 91  ? -10.854 -3.565  -8.863  1.00 18.53 ?  70  ALA C N   1 
ATOM   1013 C  CA  . ALA B 1 91  ? -12.172 -3.980  -9.342  1.00 17.88 ?  70  ALA C CA  1 
ATOM   1014 C  C   . ALA B 1 91  ? -12.465 -3.488  -10.752 1.00 21.23 ?  70  ALA C C   1 
ATOM   1015 O  O   . ALA B 1 91  ? -13.262 -4.109  -11.466 1.00 22.07 ?  70  ALA C O   1 
ATOM   1016 C  CB  . ALA B 1 91  ? -13.258 -3.479  -8.390  1.00 19.02 ?  70  ALA C CB  1 
ATOM   1017 N  N   . ASN B 1 92  ? -11.866 -2.369  -11.167 1.00 20.08 ?  71  ASN C N   1 
ATOM   1018 C  CA  . ASN B 1 92  ? -12.223 -1.733  -12.432 1.00 21.29 ?  71  ASN C CA  1 
ATOM   1019 C  C   . ASN B 1 92  ? -11.021 -1.399  -13.305 1.00 23.38 ?  71  ASN C C   1 
ATOM   1020 O  O   . ASN B 1 92  ? -11.215 -1.097  -14.484 1.00 24.16 -1 71  ASN C O   1 
ATOM   1021 C  CB  . ASN B 1 92  ? -13.056 -0.475  -12.176 1.00 15.97 ?  71  ASN C CB  1 
ATOM   1022 C  CG  . ASN B 1 92  ? -14.427 -0.803  -11.597 1.00 23.39 ?  71  ASN C CG  1 
ATOM   1023 O  OD1 . ASN B 1 92  ? -15.255 -1.429  -12.262 1.00 22.90 ?  71  ASN C OD1 1 
ATOM   1024 N  ND2 . ASN B 1 92  ? -14.662 -0.405  -10.351 1.00 17.15 ?  71  ASN C ND2 1 
ATOM   1025 N  N   . GLY B 1 93  ? -9.841  -1.911  -12.967 1.00 17.38 ?  72  GLY C N   1 
ATOM   1026 C  CA  . GLY B 1 93  ? -8.640  -1.636  -13.727 1.00 20.87 ?  72  GLY C CA  1 
ATOM   1027 C  C   . GLY B 1 93  ? -8.116  -2.831  -14.502 1.00 28.08 ?  72  GLY C C   1 
ATOM   1028 O  O   . GLY B 1 93  ? -7.219  -2.683  -15.333 1.00 29.66 ?  72  GLY C O   1 
HETATM 1029 FE FE  . HEC C 2 .   ? -3.910  -3.971  8.343   1.00 13.94 ?  101 HEC A FE  1 
HETATM 1030 C  CHA . HEC C 2 .   ? -5.839  -5.463  10.814  1.00 18.64 ?  101 HEC A CHA 1 
HETATM 1031 C  CHB . HEC C 2 .   ? -1.998  -6.784  8.199   1.00 19.01 ?  101 HEC A CHB 1 
HETATM 1032 C  CHC . HEC C 2 .   ? -1.884  -2.485  5.928   1.00 13.90 ?  101 HEC A CHC 1 
HETATM 1033 C  CHD . HEC C 2 .   ? -5.676  -1.044  8.615   1.00 14.46 ?  101 HEC A CHD 1 
HETATM 1034 N  NA  . HEC C 2 .   ? -3.933  -5.806  9.319   1.00 15.08 ?  101 HEC A NA  1 
HETATM 1035 C  C1A . HEC C 2 .   ? -4.783  -6.204  10.333  1.00 19.63 ?  101 HEC A C1A 1 
HETATM 1036 C  C2A . HEC C 2 .   ? -4.371  -7.537  10.766  1.00 21.25 ?  101 HEC A C2A 1 
HETATM 1037 C  C3A . HEC C 2 .   ? -3.311  -7.899  10.045  1.00 18.37 ?  101 HEC A C3A 1 
HETATM 1038 C  C4A . HEC C 2 .   ? -3.014  -6.817  9.122   1.00 20.24 ?  101 HEC A C4A 1 
HETATM 1039 C  CMA . HEC C 2 .   ? -2.545  -9.239  10.192  1.00 15.81 ?  101 HEC A CMA 1 
HETATM 1040 C  CAA . HEC C 2 .   ? -5.014  -8.388  11.880  1.00 22.02 ?  101 HEC A CAA 1 
HETATM 1041 C  CBA . HEC C 2 .   ? -4.773  -7.651  13.193  1.00 27.15 ?  101 HEC A CBA 1 
HETATM 1042 C  CGA . HEC C 2 .   ? -4.929  -8.583  14.368  1.00 37.00 ?  101 HEC A CGA 1 
HETATM 1043 O  O1A . HEC C 2 .   ? -5.559  -9.661  14.187  1.00 36.52 ?  101 HEC A O1A 1 
HETATM 1044 O  O2A . HEC C 2 .   ? -4.415  -8.245  15.473  1.00 37.71 ?  101 HEC A O2A 1 
HETATM 1045 N  NB  . HEC C 2 .   ? -2.281  -4.508  7.232   1.00 16.34 ?  101 HEC A NB  1 
HETATM 1046 C  C1B . HEC C 2 .   ? -1.636  -5.726  7.404   1.00 15.58 ?  101 HEC A C1B 1 
HETATM 1047 C  C2B . HEC C 2 .   ? -0.474  -5.743  6.555   1.00 15.32 ?  101 HEC A C2B 1 
HETATM 1048 C  C3B . HEC C 2 .   ? -0.391  -4.568  5.920   1.00 13.72 ?  101 HEC A C3B 1 
HETATM 1049 C  C4B . HEC C 2 .   ? -1.543  -3.761  6.335   1.00 14.63 ?  101 HEC A C4B 1 
HETATM 1050 C  CMB . HEC C 2 .   ? 0.520   -6.938  6.487   1.00 19.61 ?  101 HEC A CMB 1 
HETATM 1051 C  CAB . HEC C 2 .   ? 0.729   -4.186  4.921   1.00 13.54 ?  101 HEC A CAB 1 
HETATM 1052 C  CBB . HEC C 2 .   ? 0.780   -5.091  3.667   1.00 10.32 ?  101 HEC A CBB 1 
HETATM 1053 N  NC  . HEC C 2 .   ? -3.793  -2.061  7.451   1.00 11.78 ?  101 HEC A NC  1 
HETATM 1054 C  C1C . HEC C 2 .   ? -2.921  -1.708  6.437   1.00 17.24 ?  101 HEC A C1C 1 
HETATM 1055 C  C2C . HEC C 2 .   ? -3.369  -0.417  5.925   1.00 13.55 ?  101 HEC A C2C 1 
HETATM 1056 C  C3C . HEC C 2 .   ? -4.342  0.033   6.753   1.00 14.19 ?  101 HEC A C3C 1 
HETATM 1057 C  C4C . HEC C 2 .   ? -4.669  -1.037  7.674   1.00 15.29 ?  101 HEC A C4C 1 
HETATM 1058 C  CMC . HEC C 2 .   ? -2.567  0.411   4.893   1.00 16.89 ?  101 HEC A CMC 1 
HETATM 1059 C  CAC . HEC C 2 .   ? -5.075  1.417   6.695   1.00 16.41 ?  101 HEC A CAC 1 
HETATM 1060 C  CBC . HEC C 2 .   ? -5.647  1.789   5.318   1.00 16.63 ?  101 HEC A CBC 1 
HETATM 1061 N  ND  . HEC C 2 .   ? -5.475  -3.368  9.535   1.00 16.60 ?  101 HEC A ND  1 
HETATM 1062 C  C1D . HEC C 2 .   ? -6.070  -2.095  9.414   1.00 16.52 ?  101 HEC A C1D 1 
HETATM 1063 C  C2D . HEC C 2 .   ? -7.187  -2.025  10.321  1.00 20.59 ?  101 HEC A C2D 1 
HETATM 1064 C  C3D . HEC C 2 .   ? -7.249  -3.396  11.009  1.00 19.52 ?  101 HEC A C3D 1 
HETATM 1065 C  C4D . HEC C 2 .   ? -6.156  -4.163  10.455  1.00 18.77 ?  101 HEC A C4D 1 
HETATM 1066 C  CMD . HEC C 2 .   ? -8.141  -0.830  10.537  1.00 21.81 ?  101 HEC A CMD 1 
HETATM 1067 C  CAD . HEC C 2 .   ? -8.280  -3.844  12.062  1.00 18.97 ?  101 HEC A CAD 1 
HETATM 1068 C  CBD . HEC C 2 .   ? -9.536  -4.264  11.304  1.00 27.88 ?  101 HEC A CBD 1 
HETATM 1069 C  CGD . HEC C 2 .   ? -9.228  -5.500  10.503  1.00 29.12 ?  101 HEC A CGD 1 
HETATM 1070 O  O1D . HEC C 2 .   ? -9.515  -5.520  9.275   1.00 33.47 ?  101 HEC A O1D 1 
HETATM 1071 O  O2D . HEC C 2 .   ? -8.677  -6.464  11.103  1.00 36.74 ?  101 HEC A O2D 1 
HETATM 1072 NA NA  . NA  D 3 .   ? 2.612   3.597   11.261  1.00 14.96 ?  102 NA  A NA  1 
HETATM 1073 NA NA  . NA  E 3 .   ? -1.151  -16.712 3.340   1.00 17.58 ?  103 NA  A NA  1 
HETATM 1074 FE FE  . HEC F 2 .   ? 1.133   9.665   -11.994 1.00 13.04 ?  101 HEC C FE  1 
HETATM 1075 C  CHA . HEC F 2 .   ? 3.933   8.001   -13.030 1.00 15.47 ?  101 HEC C CHA 1 
HETATM 1076 C  CHB . HEC F 2 .   ? 0.559   7.295   -9.645  1.00 14.18 ?  101 HEC C CHB 1 
HETATM 1077 C  CHC . HEC F 2 .   ? -1.701  11.372  -10.939 1.00 12.12 ?  101 HEC C CHC 1 
HETATM 1078 C  CHD . HEC F 2 .   ? 1.624   12.134  -14.354 1.00 12.47 ?  101 HEC C CHD 1 
HETATM 1079 N  NA  . HEC F 2 .   ? 2.086   7.996   -11.411 1.00 13.52 ?  101 HEC C NA  1 
HETATM 1080 C  C1A . HEC F 2 .   ? 3.180   7.432   -12.035 1.00 18.67 ?  101 HEC C C1A 1 
HETATM 1081 C  C2A . HEC F 2 .   ? 3.409   6.128   -11.444 1.00 17.41 ?  101 HEC C C2A 1 
HETATM 1082 C  C3A . HEC F 2 .   ? 2.472   5.932   -10.514 1.00 14.99 ?  101 HEC C C3A 1 
HETATM 1083 C  C4A . HEC F 2 .   ? 1.630   7.106   -10.471 1.00 17.78 ?  101 HEC C C4A 1 
HETATM 1084 C  CMA . HEC F 2 .   ? 2.297   4.685   -9.622  1.00 14.22 ?  101 HEC C CMA 1 
HETATM 1085 C  CAA . HEC F 2 .   ? 4.528   5.143   -11.850 1.00 24.96 ?  101 HEC C CAA 1 
HETATM 1086 C  CBA . HEC F 2 .   ? 4.021   4.362   -13.056 1.00 26.74 ?  101 HEC C CBA 1 
HETATM 1087 C  CGA . HEC F 2 .   ? 5.050   3.378   -13.556 1.00 30.31 ?  101 HEC C CGA 1 
HETATM 1088 O  O1A . HEC F 2 .   ? 6.200   3.383   -13.048 1.00 35.19 ?  101 HEC C O1A 1 
HETATM 1089 O  O2A . HEC F 2 .   ? 4.709   2.592   -14.476 1.00 35.93 ?  101 HEC C O2A 1 
HETATM 1090 N  NB  . HEC F 2 .   ? -0.270  9.437   -10.550 1.00 12.50 ?  101 HEC C NB  1 
HETATM 1091 C  C1B . HEC F 2 .   ? -0.353  8.313   -9.742  1.00 15.64 ?  101 HEC C C1B 1 
HETATM 1092 C  C2B . HEC F 2 .   ? -1.544  8.405   -8.940  1.00 14.60 ?  101 HEC C C2B 1 
HETATM 1093 C  C3B . HEC F 2 .   ? -2.209  9.511   -9.309  1.00 12.75 ?  101 HEC C C3B 1 
HETATM 1094 C  C4B . HEC F 2 .   ? -1.407  10.185  -10.321 1.00 13.83 ?  101 HEC C C4B 1 
HETATM 1095 C  CMB . HEC F 2 .   ? -1.993  7.317   -7.934  1.00 17.67 ?  101 HEC C CMB 1 
HETATM 1096 C  CAB . HEC F 2 .   ? -3.546  9.991   -8.726  1.00 12.32 ?  101 HEC C CAB 1 
HETATM 1097 C  CBB . HEC F 2 .   ? -3.508  10.324  -7.211  1.00 10.93 ?  101 HEC C CBB 1 
HETATM 1098 N  NC  . HEC F 2 .   ? 0.140   11.463  -12.564 1.00 9.15  ?  101 HEC C NC  1 
HETATM 1099 C  C1C . HEC F 2 .   ? -0.997  11.961  -11.966 1.00 14.53 ?  101 HEC C C1C 1 
HETATM 1100 C  C2C . HEC F 2 .   ? -1.221  13.305  -12.483 1.00 12.54 ?  101 HEC C C2C 1 
HETATM 1101 C  C3C . HEC F 2 .   ? -0.438  13.445  -13.569 1.00 12.80 ?  101 HEC C C3C 1 
HETATM 1102 C  C4C . HEC F 2 .   ? 0.519   12.328  -13.553 1.00 12.30 ?  101 HEC C C4C 1 
HETATM 1103 C  CMC . HEC F 2 .   ? -2.545  14.062  -12.243 1.00 18.81 ?  101 HEC C CMC 1 
HETATM 1104 C  CAC . HEC F 2 .   ? -0.495  14.672  -14.546 1.00 14.25 ?  101 HEC C CAC 1 
HETATM 1105 C  CBC . HEC F 2 .   ? -0.193  16.035  -13.881 1.00 15.51 ?  101 HEC C CBC 1 
HETATM 1106 N  ND  . HEC F 2 .   ? 2.557   10.000  -13.474 1.00 15.72 ?  101 HEC C ND  1 
HETATM 1107 C  C1D . HEC F 2 .   ? 2.573   11.126  -14.310 1.00 14.09 ?  101 HEC C C1D 1 
HETATM 1108 C  C2D . HEC F 2 .   ? 3.749   11.043  -15.155 1.00 15.06 ?  101 HEC C C2D 1 
HETATM 1109 C  C3D . HEC F 2 .   ? 4.469   9.754   -14.736 1.00 16.39 ?  101 HEC C C3D 1 
HETATM 1110 C  C4D . HEC F 2 .   ? 3.659   9.181   -13.689 1.00 16.50 ?  101 HEC C C4D 1 
HETATM 1111 C  CMD . HEC F 2 .   ? 4.227   12.031  -16.238 1.00 22.02 ?  101 HEC C CMD 1 
HETATM 1112 C  CAD . HEC F 2 .   ? 5.782   9.207   -15.319 1.00 16.73 ?  101 HEC C CAD 1 
HETATM 1113 C  CBD . HEC F 2 .   ? 6.945   9.832   -14.548 1.00 21.99 ?  101 HEC C CBD 1 
HETATM 1114 C  CGD . HEC F 2 .   ? 6.946   9.406   -13.101 1.00 26.59 ?  101 HEC C CGD 1 
HETATM 1115 O  O1D . HEC F 2 .   ? 6.897   10.304  -12.215 1.00 29.93 ?  101 HEC C O1D 1 
HETATM 1116 O  O2D . HEC F 2 .   ? 6.997   8.170   -12.822 1.00 34.07 ?  101 HEC C O2D 1 
HETATM 1117 NA NA  . NA  G 3 .   ? -7.186  9.389   -18.263 1.00 18.19 ?  102 NA  C NA  1 
HETATM 1118 NA NA  . NA  H 3 .   ? 2.864   4.147   0.571   1.00 14.27 ?  103 NA  C NA  1 
HETATM 1119 C  C1  . GOL I 4 .   ? -0.347  11.330  8.933   1.00 31.19 ?  104 GOL C C1  1 
HETATM 1120 O  O1  . GOL I 4 .   ? -0.237  9.976   9.182   1.00 35.57 ?  104 GOL C O1  1 
HETATM 1121 C  C2  . GOL I 4 .   ? -1.615  11.568  8.077   1.00 30.24 ?  104 GOL C C2  1 
HETATM 1122 O  O2  . GOL I 4 .   ? -1.450  12.677  7.253   1.00 29.10 ?  104 GOL C O2  1 
HETATM 1123 C  C3  . GOL I 4 .   ? -1.842  10.258  7.278   1.00 31.19 ?  104 GOL C C3  1 
HETATM 1124 O  O3  . GOL I 4 .   ? -3.139  10.311  6.731   1.00 28.18 ?  104 GOL C O3  1 
HETATM 1125 O  O   . HOH J 5 .   ? 16.825  -10.597 1.239   1.00 40.07 ?  201 HOH A O   1 
HETATM 1126 O  O   . HOH J 5 .   ? -9.343  -8.493  -4.022  1.00 25.08 ?  202 HOH A O   1 
HETATM 1127 O  O   . HOH J 5 .   ? 15.362  -2.315  19.194  1.00 27.93 ?  203 HOH A O   1 
HETATM 1128 O  O   . HOH J 5 .   ? -3.906  -0.952  18.805  1.00 35.06 ?  204 HOH A O   1 
HETATM 1129 O  O   . HOH J 5 .   ? -0.865  -10.372 17.944  1.00 34.57 ?  205 HOH A O   1 
HETATM 1130 O  O   . HOH J 5 .   ? 7.609   -11.905 14.890  1.00 25.46 ?  206 HOH A O   1 
HETATM 1131 O  O   . HOH J 5 .   ? 21.588  -1.905  20.697  1.00 25.74 ?  207 HOH A O   1 
HETATM 1132 O  O   . HOH J 5 .   ? 20.955  -5.779  2.192   1.00 30.30 ?  208 HOH A O   1 
HETATM 1133 O  O   . HOH J 5 .   ? -7.988  1.996   12.842  1.00 35.07 ?  209 HOH A O   1 
HETATM 1134 O  O   . HOH J 5 .   ? -6.135  -10.093 2.134   1.00 22.81 ?  210 HOH A O   1 
HETATM 1135 O  O   . HOH J 5 .   ? 7.659   -9.708  -5.457  1.00 20.03 ?  211 HOH A O   1 
HETATM 1136 O  O   . HOH J 5 .   ? -0.805  2.976   2.864   1.00 23.36 ?  212 HOH A O   1 
HETATM 1137 O  O   . HOH J 5 .   ? 7.334   -12.330 10.763  1.00 27.13 ?  213 HOH A O   1 
HETATM 1138 O  O   . HOH J 5 .   ? 15.261  1.747   15.657  1.00 27.55 ?  214 HOH A O   1 
HETATM 1139 O  O   . HOH J 5 .   ? 0.885   -14.220 14.274  1.00 24.42 ?  215 HOH A O   1 
HETATM 1140 O  O   . HOH J 5 .   ? -3.187  -16.827 11.448  1.00 30.53 ?  216 HOH A O   1 
HETATM 1141 O  O   . HOH J 5 .   ? 4.511   -6.583  -5.190  1.00 29.69 ?  217 HOH A O   1 
HETATM 1142 O  O   . HOH J 5 .   ? -3.637  -17.128 2.790   1.00 25.60 ?  218 HOH A O   1 
HETATM 1143 O  O   . HOH J 5 .   ? -3.887  -4.284  -5.195  1.00 15.11 ?  219 HOH A O   1 
HETATM 1144 O  O   . HOH J 5 .   ? 1.333   -7.295  18.280  1.00 31.17 ?  220 HOH A O   1 
HETATM 1145 O  O   . HOH J 5 .   ? -1.880  -10.448 -1.464  1.00 15.05 ?  221 HOH A O   1 
HETATM 1146 O  O   . HOH J 5 .   ? 15.158  -1.984  14.821  1.00 22.49 ?  222 HOH A O   1 
HETATM 1147 O  O   . HOH J 5 .   ? -5.240  -13.168 9.825   1.00 25.11 ?  223 HOH A O   1 
HETATM 1148 O  O   . HOH J 5 .   ? -4.326  4.545   11.498  1.00 35.17 ?  224 HOH A O   1 
HETATM 1149 O  O   . HOH J 5 .   ? 1.604   -7.324  -5.468  1.00 21.02 ?  225 HOH A O   1 
HETATM 1150 O  O   . HOH J 5 .   ? -1.306  -13.990 18.334  1.00 41.04 ?  226 HOH A O   1 
HETATM 1151 O  O   . HOH J 5 .   ? 14.256  -11.782 10.550  1.00 18.08 ?  227 HOH A O   1 
HETATM 1152 O  O   . HOH J 5 .   ? -4.064  0.329   1.542   1.00 16.11 ?  228 HOH A O   1 
HETATM 1153 O  O   . HOH J 5 .   ? 7.037   -13.937 -5.186  1.00 17.70 ?  229 HOH A O   1 
HETATM 1154 O  O   . HOH J 5 .   ? -1.222  -4.138  -4.615  1.00 17.68 ?  230 HOH A O   1 
HETATM 1155 O  O   . HOH J 5 .   ? 12.336  1.411   0.492   1.00 24.08 ?  231 HOH A O   1 
HETATM 1156 O  O   . HOH J 5 .   ? 0.891   -15.863 3.295   1.00 22.95 ?  232 HOH A O   1 
HETATM 1157 O  O   . HOH J 5 .   ? -1.261  0.208   1.510   1.00 10.57 ?  233 HOH A O   1 
HETATM 1158 O  O   . HOH J 5 .   ? 15.152  2.118   4.541   1.00 27.22 ?  234 HOH A O   1 
HETATM 1159 O  O   . HOH J 5 .   ? 10.786  -2.502  17.494  1.00 20.45 ?  235 HOH A O   1 
HETATM 1160 O  O   . HOH J 5 .   ? 10.564  -5.289  -1.339  1.00 24.58 ?  236 HOH A O   1 
HETATM 1161 O  O   . HOH J 5 .   ? 16.079  -3.488  7.202   1.00 24.22 ?  237 HOH A O   1 
HETATM 1162 O  O   . HOH J 5 .   ? -1.619  -11.938 -8.918  1.00 23.07 ?  238 HOH A O   1 
HETATM 1163 O  O   . HOH J 5 .   ? 9.589   -7.963  -1.607  1.00 20.15 ?  239 HOH A O   1 
HETATM 1164 O  O   . HOH J 5 .   ? -5.005  -11.476 0.065   1.00 12.79 ?  240 HOH A O   1 
HETATM 1165 O  O   . HOH J 5 .   ? -6.101  -8.340  -8.607  1.00 22.56 ?  241 HOH A O   1 
HETATM 1166 O  O   . HOH J 5 .   ? 12.867  -10.996 -2.559  1.00 32.09 ?  242 HOH A O   1 
HETATM 1167 O  O   . HOH J 5 .   ? 1.641   0.063   20.171  1.00 30.73 ?  243 HOH A O   1 
HETATM 1168 O  O   . HOH J 5 .   ? -10.005 -4.460  3.536   1.00 24.54 ?  244 HOH A O   1 
HETATM 1169 O  O   . HOH J 5 .   ? 0.445   -9.443  16.694  1.00 32.24 ?  245 HOH A O   1 
HETATM 1170 O  O   . HOH J 5 .   ? 0.954   3.814   0.411   1.00 16.77 ?  246 HOH A O   1 
HETATM 1171 O  O   . HOH J 5 .   ? 7.833   -5.864  -4.292  1.00 32.05 ?  247 HOH A O   1 
HETATM 1172 O  O   . HOH J 5 .   ? 7.779   -9.097  15.721  1.00 24.93 ?  248 HOH A O   1 
HETATM 1173 O  O   . HOH J 5 .   ? 5.240   -16.055 1.198   1.00 15.12 ?  249 HOH A O   1 
HETATM 1174 O  O   . HOH J 5 .   ? 5.939   -12.848 13.500  1.00 32.16 ?  250 HOH A O   1 
HETATM 1175 O  O   . HOH J 5 .   ? 12.527  4.813   17.367  1.00 27.72 ?  251 HOH A O   1 
HETATM 1176 O  O   . HOH J 5 .   ? 2.674   7.635   19.155  1.00 40.21 ?  252 HOH A O   1 
HETATM 1177 O  O   . HOH J 5 .   ? 4.530   -6.736  -0.150  1.00 29.22 ?  253 HOH A O   1 
HETATM 1178 O  O   . HOH J 5 .   ? 1.852   2.949   4.141   1.00 23.18 ?  254 HOH A O   1 
HETATM 1179 O  O   . HOH J 5 .   ? 11.580  2.363   2.729   1.00 27.92 ?  255 HOH A O   1 
HETATM 1180 O  O   . HOH J 5 .   ? -2.067  -3.737  18.821  1.00 28.53 ?  256 HOH A O   1 
HETATM 1181 O  O   . HOH J 5 .   ? 4.242   -5.100  -1.704  1.00 18.29 ?  257 HOH A O   1 
HETATM 1182 O  O   . HOH J 5 .   ? -5.031  -17.198 4.519   1.00 25.99 ?  258 HOH A O   1 
HETATM 1183 O  O   . HOH J 5 .   ? 2.952   -13.821 23.410  1.00 35.30 ?  259 HOH A O   1 
HETATM 1184 O  O   . HOH J 5 .   ? 12.766  -14.320 10.617  1.00 19.59 ?  260 HOH A O   1 
HETATM 1185 O  O   . HOH J 5 .   ? 0.284   -12.166 18.612  1.00 37.42 ?  261 HOH A O   1 
HETATM 1186 O  O   . HOH J 5 .   ? 0.048   -17.029 0.768   1.00 23.29 ?  262 HOH A O   1 
HETATM 1187 O  O   . HOH J 5 .   ? 13.388  -6.181  16.804  1.00 26.34 ?  263 HOH A O   1 
HETATM 1188 O  O   . HOH J 5 .   ? -4.597  -9.770  -8.204  1.00 32.04 ?  264 HOH A O   1 
HETATM 1189 O  O   . HOH J 5 .   ? 24.652  6.033   19.801  1.00 29.16 ?  265 HOH A O   1 
HETATM 1190 O  O   . HOH J 5 .   ? 17.062  -1.288  7.027   1.00 26.02 ?  266 HOH A O   1 
HETATM 1191 O  O   . HOH J 5 .   ? 4.187   -15.232 14.203  1.00 34.25 ?  267 HOH A O   1 
HETATM 1192 O  O   . HOH J 5 .   ? 23.974  10.152  17.679  1.00 32.28 ?  268 HOH A O   1 
HETATM 1193 O  O   . HOH J 5 .   ? -7.080  -14.322 2.273   1.00 30.12 ?  269 HOH A O   1 
HETATM 1194 O  O   . HOH J 5 .   ? 10.194  5.344   11.593  1.00 34.29 ?  270 HOH A O   1 
HETATM 1195 O  O   . HOH J 5 .   ? 0.970   -10.054 -6.060  1.00 24.45 ?  271 HOH A O   1 
HETATM 1196 O  O   . HOH J 5 .   ? -8.270  2.213   8.277   1.00 29.09 ?  272 HOH A O   1 
HETATM 1197 O  O   . HOH J 5 .   ? 7.914   4.546   3.165   1.00 29.93 ?  273 HOH A O   1 
HETATM 1198 O  O   . HOH J 5 .   ? 12.450  -3.909  19.527  1.00 28.57 ?  274 HOH A O   1 
HETATM 1199 O  O   . HOH J 5 .   ? 13.043  4.056   15.140  1.00 28.73 ?  275 HOH A O   1 
HETATM 1200 O  O   . HOH J 5 .   ? -2.856  -9.660  19.862  1.00 32.36 ?  276 HOH A O   1 
HETATM 1201 O  O   . HOH J 5 .   ? 10.270  -8.403  -4.201  1.00 32.29 ?  277 HOH A O   1 
HETATM 1202 O  O   . HOH J 5 .   ? 6.110   -3.004  -1.933  1.00 16.82 ?  278 HOH A O   1 
HETATM 1203 O  O   . HOH J 5 .   ? -6.567  2.645   10.546  1.00 23.51 ?  279 HOH A O   1 
HETATM 1204 O  O   . HOH J 5 .   ? 11.986  -6.403  19.603  1.00 25.02 ?  280 HOH A O   1 
HETATM 1205 O  O   . HOH J 5 .   ? 4.643   -14.805 22.366  1.00 36.47 ?  281 HOH A O   1 
HETATM 1206 O  O   . HOH J 5 .   ? 7.921   4.988   10.030  1.00 26.05 ?  282 HOH A O   1 
HETATM 1207 O  O   . HOH J 5 .   ? 8.388   -4.010  -3.316  1.00 33.71 ?  283 HOH A O   1 
HETATM 1208 O  O   . HOH J 5 .   ? 9.792   -3.775  21.173  1.00 31.66 ?  284 HOH A O   1 
HETATM 1209 O  O   . HOH J 5 .   ? 11.117  -7.969  20.502  1.00 30.28 ?  285 HOH A O   1 
HETATM 1210 O  O   . HOH J 5 .   ? -2.708  -15.628 19.263  1.00 43.50 ?  286 HOH A O   1 
HETATM 1211 O  O   . HOH J 5 .   ? 8.599   0.385   -3.446  1.00 28.87 ?  287 HOH A O   1 
HETATM 1212 O  O   . HOH J 5 .   ? 3.817   -15.745 19.575  1.00 29.17 ?  288 HOH A O   1 
HETATM 1213 O  O   . HOH J 5 .   ? 4.275   -16.827 16.871  1.00 30.79 ?  289 HOH A O   1 
HETATM 1214 O  O   . HOH K 5 .   ? -4.175  8.564   6.507   1.00 31.18 ?  201 HOH C O   1 
HETATM 1215 O  O   . HOH K 5 .   ? -16.342 1.425   -0.178  1.00 31.62 ?  202 HOH C O   1 
HETATM 1216 O  O   . HOH K 5 .   ? 6.081   -0.289  -4.845  1.00 29.23 ?  203 HOH C O   1 
HETATM 1217 O  O   . HOH K 5 .   ? -9.286  10.226  3.791   1.00 23.61 ?  204 HOH C O   1 
HETATM 1218 O  O   . HOH K 5 .   ? 6.533   11.663  -8.644  1.00 25.58 ?  205 HOH C O   1 
HETATM 1219 O  O   . HOH K 5 .   ? 9.029   4.972   -2.408  1.00 30.27 ?  206 HOH C O   1 
HETATM 1220 O  O   . HOH K 5 .   ? 4.906   18.028  -5.152  1.00 22.11 ?  207 HOH C O   1 
HETATM 1221 O  O   . HOH K 5 .   ? -8.464  -3.753  -17.322 1.00 26.34 ?  208 HOH C O   1 
HETATM 1222 O  O   . HOH K 5 .   ? -1.239  18.508  -1.975  1.00 21.86 ?  209 HOH C O   1 
HETATM 1223 O  O   . HOH K 5 .   ? -9.366  -4.867  -3.904  1.00 22.83 ?  210 HOH C O   1 
HETATM 1224 O  O   . HOH K 5 .   ? 4.330   11.356  -3.974  1.00 23.22 ?  211 HOH C O   1 
HETATM 1225 O  O   . HOH K 5 .   ? -4.698  -1.835  -6.600  1.00 19.58 ?  212 HOH C O   1 
HETATM 1226 O  O   . HOH K 5 .   ? -0.646  15.095  6.584   1.00 23.50 ?  213 HOH C O   1 
HETATM 1227 O  O   . HOH K 5 .   ? -14.179 0.845   -21.793 1.00 30.66 ?  214 HOH C O   1 
HETATM 1228 O  O   . HOH K 5 .   ? 2.306   -2.397  -8.929  1.00 18.09 ?  215 HOH C O   1 
HETATM 1229 O  O   . HOH K 5 .   ? -8.912  10.188  -19.566 1.00 23.57 ?  216 HOH C O   1 
HETATM 1230 O  O   . HOH K 5 .   ? 3.497   11.203  -1.022  1.00 19.59 ?  217 HOH C O   1 
HETATM 1231 O  O   . HOH K 5 .   ? -16.830 7.659   -14.514 1.00 32.43 ?  218 HOH C O   1 
HETATM 1232 O  O   . HOH K 5 .   ? -8.221  13.450  0.808   1.00 28.10 ?  219 HOH C O   1 
HETATM 1233 O  O   . HOH K 5 .   ? -4.204  15.635  -9.546  1.00 10.99 ?  220 HOH C O   1 
HETATM 1234 O  O   . HOH K 5 .   ? -11.121 8.346   0.053   1.00 20.45 ?  221 HOH C O   1 
HETATM 1235 O  O   . HOH K 5 .   ? -16.200 10.560  -9.909  1.00 27.48 ?  222 HOH C O   1 
HETATM 1236 O  O   . HOH K 5 .   ? 2.200   19.102  2.571   1.00 27.24 ?  223 HOH C O   1 
HETATM 1237 O  O   . HOH K 5 .   ? -17.039 9.717   -3.354  1.00 35.94 ?  224 HOH C O   1 
HETATM 1238 O  O   . HOH K 5 .   ? 0.149   11.426  -0.230  1.00 19.40 ?  225 HOH C O   1 
HETATM 1239 O  O   . HOH K 5 .   ? -5.386  16.434  -12.198 1.00 20.32 ?  226 HOH C O   1 
HETATM 1240 O  O   . HOH K 5 .   ? -7.894  -7.051  -10.713 1.00 25.66 ?  227 HOH C O   1 
HETATM 1241 O  O   . HOH K 5 .   ? -11.728 -4.234  -5.180  1.00 14.86 ?  228 HOH C O   1 
HETATM 1242 O  O   . HOH K 5 .   ? -7.604  14.199  -13.023 1.00 26.94 ?  229 HOH C O   1 
HETATM 1243 O  O   . HOH K 5 .   ? -3.662  2.999   2.778   1.00 17.06 ?  230 HOH C O   1 
HETATM 1244 O  O   . HOH K 5 .   ? -3.641  17.433  -2.065  1.00 23.12 ?  231 HOH C O   1 
HETATM 1245 O  O   . HOH K 5 .   ? 2.043   7.960   -23.486 1.00 24.67 ?  232 HOH C O   1 
HETATM 1246 O  O   . HOH K 5 .   ? -1.892  17.003  -10.085 1.00 19.33 ?  233 HOH C O   1 
HETATM 1247 O  O   . HOH K 5 .   ? -18.814 8.500   -13.521 1.00 30.18 ?  234 HOH C O   1 
HETATM 1248 O  O   . HOH K 5 .   ? -7.460  12.311  -2.561  1.00 20.63 ?  235 HOH C O   1 
HETATM 1249 O  O   . HOH K 5 .   ? 5.102   -0.744  -2.554  1.00 18.21 ?  236 HOH C O   1 
HETATM 1250 O  O   . HOH K 5 .   ? -6.984  7.856   6.401   1.00 19.89 ?  237 HOH C O   1 
HETATM 1251 O  O   . HOH K 5 .   ? -17.848 1.030   -2.785  1.00 28.52 ?  238 HOH C O   1 
HETATM 1252 O  O   . HOH K 5 .   ? -17.687 7.103   -7.163  1.00 28.07 ?  239 HOH C O   1 
HETATM 1253 O  O   . HOH K 5 .   ? -19.461 5.419   -7.409  1.00 31.09 ?  240 HOH C O   1 
HETATM 1254 O  O   . HOH K 5 .   ? 1.511   2.357   -19.606 1.00 21.23 ?  241 HOH C O   1 
HETATM 1255 O  O   . HOH K 5 .   ? -12.986 5.907   3.263   1.00 30.51 ?  242 HOH C O   1 
HETATM 1256 O  O   . HOH K 5 .   ? -16.959 11.309  -7.667  1.00 29.89 ?  243 HOH C O   1 
HETATM 1257 O  O   . HOH K 5 .   ? -5.841  -3.581  -12.057 1.00 20.93 ?  244 HOH C O   1 
HETATM 1258 O  O   . HOH K 5 .   ? 6.788   8.771   -0.909  1.00 25.50 ?  245 HOH C O   1 
HETATM 1259 O  O   . HOH K 5 .   ? 6.777   14.787  -15.894 1.00 37.39 ?  246 HOH C O   1 
HETATM 1260 O  O   . HOH K 5 .   ? 2.544   8.142   6.467   1.00 29.10 ?  247 HOH C O   1 
HETATM 1261 O  O   . HOH K 5 .   ? 6.289   16.862  -6.907  1.00 30.71 ?  248 HOH C O   1 
HETATM 1262 O  O   . HOH K 5 .   ? 6.462   3.535   -7.779  1.00 27.11 ?  249 HOH C O   1 
HETATM 1263 O  O   . HOH K 5 .   ? -4.220  8.581   -24.752 1.00 27.69 ?  250 HOH C O   1 
HETATM 1264 O  O   . HOH K 5 .   ? -0.099  -4.508  -7.165  1.00 25.39 ?  251 HOH C O   1 
HETATM 1265 O  O   . HOH K 5 .   ? 6.032   15.414  -9.300  1.00 29.11 ?  252 HOH C O   1 
HETATM 1266 O  O   . HOH K 5 .   ? -11.565 -4.807  -13.956 1.00 29.74 ?  253 HOH C O   1 
HETATM 1267 O  O   . HOH K 5 .   ? -13.018 9.475   -1.805  1.00 25.84 ?  254 HOH C O   1 
HETATM 1268 O  O   . HOH K 5 .   ? -17.332 8.990   -9.315  1.00 33.06 ?  255 HOH C O   1 
HETATM 1269 O  O   . HOH K 5 .   ? -18.672 3.181   -9.371  1.00 29.48 ?  256 HOH C O   1 
HETATM 1270 O  O   . HOH K 5 .   ? -19.090 7.989   -9.847  1.00 29.09 ?  257 HOH C O   1 
HETATM 1271 O  O   . HOH K 5 .   ? 2.005   5.355   3.156   1.00 24.81 ?  258 HOH C O   1 
HETATM 1272 O  O   . HOH K 5 .   ? -14.806 -1.604  -18.388 1.00 33.40 ?  259 HOH C O   1 
HETATM 1273 O  O   . HOH K 5 .   ? -15.834 -1.971  -2.136  1.00 27.40 ?  260 HOH C O   1 
HETATM 1274 O  O   . HOH K 5 .   ? 0.577   17.456  3.726   1.00 32.29 ?  261 HOH C O   1 
HETATM 1275 O  O   . HOH K 5 .   ? 6.835   -2.175  -8.155  1.00 29.20 ?  262 HOH C O   1 
HETATM 1276 O  O   . HOH K 5 .   ? 5.497   17.240  -8.999  1.00 32.05 ?  263 HOH C O   1 
HETATM 1277 O  O   . HOH K 5 .   ? 2.744   -1.917  -13.727 1.00 37.63 ?  264 HOH C O   1 
HETATM 1278 O  O   . HOH K 5 .   ? -4.643  -7.572  -14.712 1.00 20.43 ?  265 HOH C O   1 
HETATM 1279 O  O   . HOH K 5 .   ? 7.489   3.518   -9.773  1.00 29.87 ?  266 HOH C O   1 
HETATM 1280 O  O   . HOH K 5 .   ? 5.943   -4.917  -8.963  1.00 30.42 ?  267 HOH C O   1 
HETATM 1281 O  O   . HOH K 5 .   ? -14.878 7.029   -18.194 1.00 31.31 ?  268 HOH C O   1 
HETATM 1282 O  O   . HOH K 5 .   ? -10.578 -5.153  -16.585 1.00 31.91 ?  269 HOH C O   1 
HETATM 1283 O  O   . HOH K 5 .   ? -11.760 8.932   2.449   1.00 31.70 ?  270 HOH C O   1 
HETATM 1284 O  O   . HOH K 5 .   ? -1.029  16.205  8.788   1.00 32.96 ?  271 HOH C O   1 
HETATM 1285 O  O   . HOH K 5 .   ? -15.202 -1.079  -21.112 1.00 34.65 ?  272 HOH C O   1 
HETATM 1286 O  O   . HOH K 5 .   ? -11.596 -6.362  -18.615 1.00 35.44 ?  273 HOH C O   1 
HETATM 1287 O  O   . HOH K 5 .   ? -10.179 12.773  -3.393  1.00 24.11 ?  274 HOH C O   1 
HETATM 1288 O  O   . HOH K 5 .   ? -4.725  -5.470  -17.133 1.00 39.88 ?  275 HOH C O   1 
HETATM 1289 O  O   . HOH K 5 .   ? -12.618 9.004   -17.592 1.00 34.80 ?  276 HOH C O   1 
HETATM 1290 O  O   . HOH K 5 .   ? -6.950  -4.516  -19.007 1.00 29.68 ?  277 HOH C O   1 
HETATM 1291 O  O   . HOH K 5 .   ? -8.936  10.307  6.604   1.00 32.27 ?  278 HOH C O   1 
HETATM 1292 O  O   . HOH K 5 .   ? -6.062  10.344  9.746   1.00 33.39 ?  279 HOH C O   1 
HETATM 1293 O  O   . HOH K 5 .   ? -6.000  -6.455  -12.597 1.00 28.47 ?  280 HOH C O   1 
HETATM 1294 O  O   . HOH K 5 .   ? -4.268  15.796  7.924   1.00 39.88 ?  281 HOH C O   1 
HETATM 1295 O  O   . HOH K 5 .   ? -18.504 11.183  -10.617 1.00 36.64 ?  282 HOH C O   1 
HETATM 1296 O  O   . HOH K 5 .   ? -16.016 10.839  -15.524 1.00 35.79 ?  283 HOH C O   1 
HETATM 1297 O  O   . HOH K 5 .   ? -14.302 -1.620  -23.026 1.00 37.26 ?  284 HOH C O   1 
HETATM 1298 O  O   . HOH K 5 .   ? 2.907   -1.695  -16.160 1.00 40.02 ?  285 HOH C O   1 
HETATM 1299 O  O   . HOH K 5 .   ? -8.363  -5.618  -20.163 1.00 30.99 ?  286 HOH C O   1 
HETATM 1300 O  O   . HOH K 5 .   ? -4.473  15.263  10.305  1.00 35.70 ?  287 HOH C O   1 
HETATM 1301 O  O   . HOH K 5 .   ? -12.459 5.288   5.677   1.00 37.33 ?  288 HOH C O   1 
HETATM 1302 O  O   . HOH K 5 .   ? -5.578  8.420   10.947  1.00 33.69 ?  289 HOH C O   1 
HETATM 1303 O  O   . HOH K 5 .   ? -15.326 10.164  -17.396 1.00 29.17 ?  290 HOH C O   1 
# 
